data_5E9T
#
_entry.id   5E9T
#
_cell.length_a   155.930
_cell.length_b   196.410
_cell.length_c   220.860
_cell.angle_alpha   90.000
_cell.angle_beta   90.000
_cell.angle_gamma   90.000
#
_symmetry.space_group_name_H-M   'I 2 2 2'
#
loop_
_entity.id
_entity.type
_entity.pdbx_description
1 polymer 'Glycosyltransferase Gtf1'
2 polymer 'Glycosyltransferase-stabilizing protein Gtf2'
3 non-polymer 'MAGNESIUM ION'
4 water water
#
loop_
_entity_poly.entity_id
_entity_poly.type
_entity_poly.pdbx_seq_one_letter_code
_entity_poly.pdbx_strand_id
1 'polypeptide(L)'
;STVYNINLGIGWASSGVEYAQAYRAQILRRIQQPAKFIF(MSE)D(MSE)ILADNIQHLTENIGFLDEEIIWLYNYFTDI
KIAPTTVTLDQVLAQVAGQPERSEKEGKIVRYFYPQDDQFITCYLRQEDQDFVEHVEYVSRGRLIRKDYFSYVRYASEYF
APHNDAATLYQRRFYHEDGSVAYD(MSE)LIEDGQEKLYRFPDRIFYSKAELVRYFLQCLQLQADDVVILDRETGIGQVV
FEESQKAKLGVVVHAEHFSENASSDDYILWNNFYDYQFTNADKVDFFIVATEAQKRILEQQFQHYSDKQPQIATIPVGSL
DQLTYPKEPRKPYS(MSE)ITASRLATEKHIDWLVAATVQAHAQLPELTLDIYGKGSEEDKLRRRIEEAGAQDYIRLKGH
ADLSQIYAGYELYLTASTSEGFGLTL(MSE)EAVGSGLPLIGFDVRYGNQTFIDDGKNGYLLPVSSNHVEDQIIAAFVEK
IIALFSQGRQQE(MSE)SQHSYQVAENYLTSRVEAAWTQLLKEVRDD
;
A,C
2 'polypeptide(L)'
;(MSE)IQLFDYYNQETQDLHDSLLAAGYACPTIVIEANGFLPDD(MSE)ISPYTYFLGDEEGVDHPLFFNQVPVPPFWEI
TGDHQVARVSD(MSE)GEERARIHYASQARGRLVKQVDWLDKKGQLRLSERYNKQGRCFAKTAYKSGQEAFNTTYYSTDG
QERIVENHVTGDIILTLDQEPLRIFKSRVDFIRFFLERLDLDLDHILFNSLAYSFLVSHSLTGRAGQDILFWQEPLYDEL
PGN(MSE)QLILDNSQLRTQTIVIPDLATYEKA(MSE)SLAAADQQQKFLHLGYHYDFKRDNYLRKDALILTHSDQIEGL
DTLVQSLPQLVFRIAALTE(MSE)SPKLLS(MSE)LSYKNVVLYQNASLKQIEQLYLESDIYLDINHGGQVLQAVRKAFE
NNLLILGFEQTLHDRHYIAQQHIFDSSQPAQLASILEEALCGVEQ(MSE)RSALQAQGRHANDVPVSLYQETLQSLLGG
;
B,D
#
loop_
_chem_comp.id
_chem_comp.type
_chem_comp.name
_chem_comp.formula
MG non-polymer 'MAGNESIUM ION' 'Mg 2'
#
# COMPACT_ATOMS: atom_id res chain seq x y z
N SER A 1 -2.63 -17.00 32.04
CA SER A 1 -2.86 -15.61 31.69
C SER A 1 -1.67 -14.75 32.11
N THR A 2 -1.27 -13.82 31.25
CA THR A 2 -0.09 -13.00 31.48
C THR A 2 -0.39 -11.54 31.22
N VAL A 3 0.44 -10.67 31.80
CA VAL A 3 0.40 -9.23 31.57
C VAL A 3 1.56 -8.88 30.65
N TYR A 4 1.26 -8.24 29.52
CA TYR A 4 2.26 -7.80 28.57
C TYR A 4 2.44 -6.29 28.69
N ASN A 5 3.63 -5.86 29.07
CA ASN A 5 3.97 -4.44 29.13
C ASN A 5 4.79 -4.09 27.90
N ILE A 6 4.37 -3.04 27.20
CA ILE A 6 4.95 -2.68 25.91
C ILE A 6 5.66 -1.34 26.05
N ASN A 7 6.94 -1.34 25.71
CA ASN A 7 7.77 -0.14 25.72
C ASN A 7 8.55 -0.07 24.41
N LEU A 8 9.19 1.07 24.16
CA LEU A 8 9.99 1.20 22.95
C LEU A 8 11.46 0.89 23.23
N GLY A 9 12.17 1.81 23.88
CA GLY A 9 13.59 1.68 24.11
C GLY A 9 13.97 1.40 25.56
N ILE A 10 15.29 1.22 25.74
CA ILE A 10 15.90 1.18 27.06
C ILE A 10 17.38 1.47 26.88
N GLY A 11 18.04 1.92 27.94
CA GLY A 11 19.44 2.28 27.86
C GLY A 11 20.15 2.22 29.20
N TRP A 12 21.40 2.67 29.24
CA TRP A 12 22.12 2.74 30.51
C TRP A 12 21.61 3.90 31.35
N ALA A 13 21.47 5.07 30.74
CA ALA A 13 20.93 6.27 31.37
C ALA A 13 19.42 6.27 31.33
N SER A 14 18.81 5.17 30.87
CA SER A 14 17.37 5.04 30.81
C SER A 14 16.72 5.44 32.13
N SER A 15 15.62 6.17 32.06
CA SER A 15 14.91 6.60 33.25
C SER A 15 13.49 7.00 32.88
N GLY A 16 12.72 7.40 33.89
CA GLY A 16 11.31 7.64 33.73
C GLY A 16 10.51 6.37 33.53
N VAL A 17 9.89 6.28 32.35
CA VAL A 17 9.05 5.14 31.99
C VAL A 17 9.70 3.81 32.33
N GLU A 18 11.03 3.70 32.13
CA GLU A 18 11.67 2.40 32.29
C GLU A 18 11.81 2.00 33.75
N TYR A 19 12.23 2.93 34.61
CA TYR A 19 12.30 2.62 36.04
C TYR A 19 10.92 2.32 36.61
N ALA A 20 9.88 2.98 36.09
CA ALA A 20 8.52 2.63 36.46
C ALA A 20 8.21 1.19 36.08
N GLN A 21 8.57 0.80 34.85
CA GLN A 21 8.31 -0.57 34.41
C GLN A 21 9.08 -1.59 35.27
N ALA A 22 10.30 -1.23 35.66
CA ALA A 22 11.13 -2.19 36.40
C ALA A 22 10.47 -2.57 37.72
N TYR A 23 9.89 -1.59 38.41
CA TYR A 23 9.31 -1.87 39.72
C TYR A 23 7.93 -2.52 39.59
N ARG A 24 7.19 -2.17 38.53
CA ARG A 24 5.99 -2.93 38.19
C ARG A 24 6.33 -4.41 38.00
N ALA A 25 7.52 -4.71 37.49
CA ALA A 25 7.97 -6.09 37.42
C ALA A 25 8.18 -6.66 38.81
N GLN A 26 8.88 -5.93 39.68
CA GLN A 26 9.11 -6.40 41.04
C GLN A 26 7.79 -6.63 41.78
N ILE A 27 6.83 -5.73 41.62
CA ILE A 27 5.52 -5.90 42.23
C ILE A 27 4.83 -7.14 41.68
N LEU A 28 4.74 -7.23 40.35
CA LEU A 28 4.02 -8.32 39.73
C LEU A 28 4.61 -9.68 40.07
N ARG A 29 5.89 -9.73 40.48
CA ARG A 29 6.48 -11.00 40.87
C ARG A 29 5.85 -11.53 42.16
N ARG A 30 5.85 -10.71 43.21
CA ARG A 30 5.32 -11.16 44.50
C ARG A 30 3.85 -11.54 44.38
N ILE A 31 3.09 -10.79 43.60
CA ILE A 31 1.70 -11.12 43.34
C ILE A 31 1.55 -12.42 42.57
N GLN A 32 2.64 -12.92 42.00
CA GLN A 32 2.64 -14.14 41.18
C GLN A 32 1.75 -13.98 39.95
N GLN A 33 1.62 -12.75 39.46
CA GLN A 33 0.96 -12.50 38.19
C GLN A 33 2.03 -12.48 37.11
N PRO A 34 2.14 -13.52 36.27
CA PRO A 34 3.28 -13.60 35.35
C PRO A 34 3.21 -12.52 34.28
N ALA A 35 4.35 -11.89 34.04
CA ALA A 35 4.43 -10.75 33.14
C ALA A 35 5.60 -10.88 32.19
N LYS A 36 5.43 -10.30 31.01
CA LYS A 36 6.50 -10.14 30.04
C LYS A 36 6.62 -8.65 29.71
N PHE A 37 7.84 -8.18 29.54
CA PHE A 37 8.11 -6.77 29.25
C PHE A 37 8.70 -6.67 27.85
N ILE A 38 7.96 -6.02 26.96
CA ILE A 38 8.24 -6.01 25.52
C ILE A 38 8.92 -4.71 25.15
N PHE A 39 9.96 -4.80 24.32
CA PHE A 39 10.68 -3.64 23.79
C PHE A 39 10.69 -3.70 22.28
N MSE A 40 10.16 -2.66 21.64
CA MSE A 40 10.04 -2.65 20.18
C MSE A 40 11.24 -2.08 19.43
O MSE A 40 11.37 -2.29 18.23
CB MSE A 40 8.80 -1.85 19.77
CG MSE A 40 7.52 -2.32 20.42
SE MSE A 40 6.96 -4.05 19.77
CE MSE A 40 5.15 -4.02 20.47
N ASP A 41 12.12 -1.37 20.12
CA ASP A 41 13.20 -0.68 19.44
C ASP A 41 14.27 -1.68 19.00
N MSE A 42 15.04 -1.28 17.99
CA MSE A 42 16.15 -2.08 17.52
C MSE A 42 17.37 -1.65 18.30
O MSE A 42 17.90 -0.57 18.06
CB MSE A 42 16.33 -1.90 16.02
CG MSE A 42 17.63 -2.37 15.40
SE MSE A 42 18.04 -4.19 15.82
CE MSE A 42 17.05 -5.09 14.44
N ILE A 43 17.81 -2.50 19.22
CA ILE A 43 18.90 -2.16 20.14
C ILE A 43 20.05 -3.12 19.87
N LEU A 44 21.05 -2.67 19.10
CA LEU A 44 22.28 -3.44 18.95
C LEU A 44 23.51 -2.89 19.66
N ALA A 45 23.49 -1.62 20.08
CA ALA A 45 24.74 -1.01 20.56
C ALA A 45 25.14 -1.59 21.91
N ASP A 46 24.17 -2.05 22.68
CA ASP A 46 24.41 -2.86 23.85
C ASP A 46 23.52 -4.10 23.76
N ASN A 47 23.98 -5.19 24.31
CA ASN A 47 23.12 -6.36 24.47
C ASN A 47 21.92 -5.96 25.31
N ILE A 48 20.71 -6.17 24.77
CA ILE A 48 19.52 -5.71 25.48
C ILE A 48 19.42 -6.34 26.84
N GLN A 49 20.00 -7.53 27.02
CA GLN A 49 20.02 -8.17 28.33
C GLN A 49 20.79 -7.34 29.32
N HIS A 50 21.95 -6.80 28.92
CA HIS A 50 22.74 -5.97 29.82
C HIS A 50 21.95 -4.77 30.31
N LEU A 51 21.11 -4.20 29.45
CA LEU A 51 20.32 -3.04 29.83
C LEU A 51 19.18 -3.42 30.76
N THR A 52 18.48 -4.50 30.46
CA THR A 52 17.34 -4.91 31.28
C THR A 52 17.79 -5.38 32.66
N GLU A 53 18.89 -6.14 32.72
CA GLU A 53 19.42 -6.56 34.01
C GLU A 53 19.92 -5.38 34.82
N ASN A 54 20.45 -4.35 34.15
CA ASN A 54 20.92 -3.17 34.87
C ASN A 54 19.80 -2.49 35.63
N ILE A 55 18.57 -2.57 35.13
CA ILE A 55 17.43 -1.92 35.77
C ILE A 55 16.62 -2.87 36.64
N GLY A 56 16.96 -4.16 36.68
CA GLY A 56 16.34 -5.09 37.59
C GLY A 56 15.44 -6.17 36.99
N PHE A 57 15.17 -6.16 35.69
CA PHE A 57 14.38 -7.25 35.12
C PHE A 57 15.13 -8.58 35.19
N LEU A 58 14.37 -9.66 35.14
CA LEU A 58 14.92 -10.99 34.92
C LEU A 58 14.86 -11.32 33.44
N ASP A 59 15.88 -12.03 32.95
CA ASP A 59 15.92 -12.37 31.53
C ASP A 59 14.69 -13.15 31.10
N GLU A 60 14.12 -13.95 32.01
CA GLU A 60 12.88 -14.65 31.72
C GLU A 60 11.68 -13.73 31.55
N GLU A 61 11.81 -12.45 31.92
CA GLU A 61 10.74 -11.48 31.77
C GLU A 61 10.80 -10.66 30.48
N ILE A 62 11.89 -10.74 29.73
CA ILE A 62 12.15 -9.81 28.63
C ILE A 62 11.69 -10.43 27.32
N ILE A 63 10.93 -9.65 26.54
CA ILE A 63 10.62 -9.99 25.16
C ILE A 63 11.13 -8.85 24.30
N TRP A 64 12.16 -9.12 23.50
CA TRP A 64 12.65 -8.17 22.52
C TRP A 64 12.05 -8.50 21.17
N LEU A 65 11.47 -7.50 20.50
CA LEU A 65 10.74 -7.71 19.26
C LEU A 65 11.56 -8.52 18.25
N TYR A 66 12.78 -8.08 17.99
CA TYR A 66 13.55 -8.70 16.91
C TYR A 66 14.12 -10.04 17.29
N ASN A 67 14.37 -10.27 18.59
CA ASN A 67 14.82 -11.58 19.04
C ASN A 67 13.66 -12.57 19.14
N TYR A 68 12.44 -12.07 19.34
CA TYR A 68 11.29 -12.94 19.57
C TYR A 68 11.14 -13.98 18.46
N PHE A 69 11.37 -13.58 17.21
CA PHE A 69 11.17 -14.48 16.08
C PHE A 69 12.23 -15.57 16.01
N THR A 70 13.26 -15.52 16.84
CA THR A 70 14.30 -16.54 16.85
C THR A 70 14.12 -17.47 18.04
N ASP A 71 14.96 -18.51 18.09
CA ASP A 71 14.99 -19.45 19.21
C ASP A 71 16.08 -19.12 20.22
N ILE A 72 16.78 -18.01 20.04
CA ILE A 72 17.87 -17.63 20.94
C ILE A 72 17.31 -16.97 22.19
N LYS A 73 17.88 -17.31 23.35
CA LYS A 73 17.44 -16.74 24.62
C LYS A 73 17.99 -15.34 24.81
N ILE A 74 17.28 -14.55 25.62
CA ILE A 74 17.86 -13.32 26.13
C ILE A 74 18.93 -13.71 27.14
N ALA A 75 20.18 -13.34 26.86
CA ALA A 75 21.30 -13.78 27.68
C ALA A 75 22.39 -12.73 27.63
N PRO A 76 23.21 -12.63 28.67
CA PRO A 76 24.36 -11.72 28.61
C PRO A 76 25.40 -12.21 27.63
N THR A 77 26.27 -11.28 27.21
CA THR A 77 27.25 -11.60 26.17
C THR A 77 28.41 -12.36 26.82
N THR A 78 28.52 -13.65 26.48
CA THR A 78 29.63 -14.47 26.95
C THR A 78 30.66 -14.83 25.88
N VAL A 79 30.44 -14.50 24.61
CA VAL A 79 31.40 -14.86 23.58
C VAL A 79 32.70 -14.11 23.83
N THR A 80 33.83 -14.81 23.68
CA THR A 80 35.12 -14.27 24.10
C THR A 80 36.03 -14.04 22.91
N LEU A 81 37.02 -13.18 23.14
CA LEU A 81 38.03 -12.88 22.13
C LEU A 81 38.62 -14.15 21.54
N ASP A 82 38.92 -15.14 22.39
CA ASP A 82 39.47 -16.40 21.92
C ASP A 82 38.52 -17.08 20.95
N GLN A 83 37.25 -17.20 21.33
CA GLN A 83 36.28 -17.88 20.47
C GLN A 83 36.08 -17.14 19.15
N VAL A 84 36.09 -15.80 19.20
CA VAL A 84 35.97 -15.02 17.97
C VAL A 84 37.16 -15.31 17.05
N LEU A 85 38.37 -15.26 17.62
CA LEU A 85 39.56 -15.54 16.82
C LEU A 85 39.59 -16.99 16.32
N ALA A 86 39.05 -17.92 17.10
CA ALA A 86 39.05 -19.32 16.71
C ALA A 86 38.28 -19.54 15.41
N GLN A 87 37.24 -18.75 15.17
CA GLN A 87 36.38 -18.92 14.01
C GLN A 87 36.71 -17.98 12.84
N VAL A 88 37.79 -17.19 12.95
CA VAL A 88 38.34 -16.46 11.82
C VAL A 88 39.57 -17.21 11.32
N ALA A 89 39.62 -17.49 10.02
CA ALA A 89 40.71 -18.27 9.47
C ALA A 89 41.99 -17.44 9.40
N GLY A 90 43.12 -18.11 9.63
CA GLY A 90 44.42 -17.45 9.70
C GLY A 90 44.81 -17.17 11.13
N GLN A 91 46.01 -16.62 11.28
CA GLN A 91 46.43 -16.09 12.56
C GLN A 91 46.85 -14.63 12.40
N PRO A 92 46.44 -13.76 13.33
CA PRO A 92 46.78 -12.34 13.18
C PRO A 92 48.22 -12.05 13.55
N GLU A 93 48.84 -11.16 12.77
CA GLU A 93 50.22 -10.76 13.05
C GLU A 93 50.29 -9.93 14.32
N ARG A 94 49.40 -8.95 14.43
CA ARG A 94 49.49 -7.91 15.45
C ARG A 94 48.12 -7.73 16.08
N SER A 95 48.12 -7.12 17.27
CA SER A 95 46.89 -6.74 17.93
C SER A 95 46.94 -5.25 18.27
N GLU A 96 45.75 -4.69 18.46
CA GLU A 96 45.59 -3.29 18.85
C GLU A 96 44.52 -3.24 19.92
N LYS A 97 44.69 -2.37 20.91
CA LYS A 97 43.67 -2.20 21.93
C LYS A 97 43.51 -0.73 22.28
N GLU A 98 42.29 -0.23 22.13
CA GLU A 98 41.96 1.15 22.47
C GLU A 98 40.64 1.14 23.23
N GLY A 99 40.68 1.48 24.51
CA GLY A 99 39.48 1.34 25.32
C GLY A 99 38.89 -0.04 25.18
N LYS A 100 37.60 -0.10 24.84
CA LYS A 100 36.91 -1.36 24.64
C LYS A 100 37.04 -1.91 23.22
N ILE A 101 37.67 -1.17 22.31
CA ILE A 101 37.90 -1.65 20.95
C ILE A 101 39.24 -2.37 20.90
N VAL A 102 39.24 -3.61 20.38
CA VAL A 102 40.47 -4.36 20.21
C VAL A 102 40.50 -4.91 18.80
N ARG A 103 41.50 -4.51 18.02
CA ARG A 103 41.59 -4.88 16.62
C ARG A 103 42.65 -5.96 16.43
N TYR A 104 42.38 -6.88 15.51
CA TYR A 104 43.32 -7.92 15.12
C TYR A 104 43.60 -7.78 13.63
N PHE A 105 44.87 -7.80 13.26
CA PHE A 105 45.28 -7.49 11.90
C PHE A 105 45.78 -8.75 11.19
N TYR A 106 45.40 -8.87 9.92
CA TYR A 106 45.80 -10.00 9.07
C TYR A 106 46.41 -9.43 7.79
N PRO A 107 47.63 -8.90 7.86
CA PRO A 107 48.20 -8.22 6.69
C PRO A 107 48.40 -9.11 5.50
N GLN A 108 48.58 -10.42 5.72
CA GLN A 108 48.78 -11.35 4.61
C GLN A 108 47.66 -11.24 3.59
N ASP A 109 46.43 -11.10 4.05
CA ASP A 109 45.27 -10.95 3.17
C ASP A 109 44.78 -9.50 3.03
N ASP A 110 45.35 -8.54 3.77
CA ASP A 110 44.82 -7.17 3.83
C ASP A 110 43.39 -7.14 4.38
N GLN A 111 43.21 -7.76 5.55
CA GLN A 111 41.93 -7.74 6.25
C GLN A 111 42.20 -7.64 7.75
N PHE A 112 41.30 -6.99 8.47
CA PHE A 112 41.38 -6.99 9.92
C PHE A 112 39.98 -7.08 10.52
N ILE A 113 39.92 -7.45 11.80
CA ILE A 113 38.66 -7.57 12.52
C ILE A 113 38.73 -6.67 13.76
N THR A 114 37.64 -5.96 14.03
CA THR A 114 37.57 -5.00 15.11
C THR A 114 36.57 -5.52 16.14
N CYS A 115 37.07 -5.94 17.29
CA CYS A 115 36.22 -6.48 18.35
C CYS A 115 35.90 -5.37 19.34
N TYR A 116 34.63 -5.27 19.71
CA TYR A 116 34.17 -4.31 20.72
C TYR A 116 33.76 -5.08 21.96
N LEU A 117 34.45 -4.81 23.07
CA LEU A 117 34.21 -5.62 24.26
C LEU A 117 33.01 -5.09 25.05
N ARG A 118 32.66 -5.83 26.10
CA ARG A 118 31.64 -5.40 27.04
C ARG A 118 32.28 -4.52 28.10
N GLN A 119 33.14 -5.10 28.93
CA GLN A 119 34.03 -4.38 29.82
C GLN A 119 35.46 -4.48 29.28
N GLU A 120 36.23 -3.41 29.47
CA GLU A 120 37.60 -3.40 28.98
C GLU A 120 38.47 -4.40 29.74
N ASP A 121 38.16 -4.66 31.00
CA ASP A 121 38.96 -5.55 31.84
C ASP A 121 38.53 -7.02 31.73
N GLN A 122 37.63 -7.34 30.80
CA GLN A 122 37.29 -8.72 30.50
C GLN A 122 37.53 -9.01 29.03
N ASP A 123 37.38 -10.28 28.64
CA ASP A 123 37.57 -10.73 27.27
C ASP A 123 36.27 -10.95 26.49
N PHE A 124 35.12 -10.60 27.05
CA PHE A 124 33.85 -10.80 26.35
C PHE A 124 33.67 -9.81 25.20
N VAL A 125 33.08 -10.28 24.10
CA VAL A 125 32.99 -9.52 22.85
C VAL A 125 31.53 -9.36 22.45
N GLU A 126 31.06 -8.10 22.40
CA GLU A 126 29.69 -7.85 21.93
C GLU A 126 29.59 -7.79 20.41
N HIS A 127 30.53 -7.15 19.72
CA HIS A 127 30.47 -7.00 18.27
C HIS A 127 31.83 -7.30 17.65
N VAL A 128 31.80 -7.73 16.39
CA VAL A 128 32.99 -7.86 15.57
C VAL A 128 32.70 -7.30 14.19
N GLU A 129 33.56 -6.39 13.73
CA GLU A 129 33.50 -5.87 12.38
C GLU A 129 34.57 -6.55 11.54
N TYR A 130 34.21 -6.98 10.34
CA TYR A 130 35.17 -7.55 9.39
C TYR A 130 35.46 -6.51 8.32
N VAL A 131 36.73 -6.10 8.24
CA VAL A 131 37.15 -5.07 7.29
C VAL A 131 38.04 -5.75 6.25
N SER A 132 37.69 -5.60 4.98
CA SER A 132 38.46 -6.15 3.87
C SER A 132 38.92 -5.00 2.99
N ARG A 133 40.24 -4.81 2.91
CA ARG A 133 40.83 -3.74 2.11
C ARG A 133 40.29 -2.37 2.53
N GLY A 134 40.21 -2.16 3.84
CA GLY A 134 39.73 -0.92 4.38
C GLY A 134 38.24 -0.69 4.24
N ARG A 135 37.47 -1.73 3.93
CA ARG A 135 36.04 -1.64 3.73
C ARG A 135 35.32 -2.52 4.73
N LEU A 136 34.31 -1.96 5.39
CA LEU A 136 33.51 -2.76 6.32
C LEU A 136 32.51 -3.58 5.49
N ILE A 137 32.68 -4.90 5.47
CA ILE A 137 31.79 -5.76 4.72
C ILE A 137 30.82 -6.56 5.59
N ARG A 138 31.09 -6.74 6.87
CA ARG A 138 30.21 -7.55 7.70
C ARG A 138 30.42 -7.20 9.17
N LYS A 139 29.37 -7.37 9.98
CA LYS A 139 29.47 -7.15 11.41
C LYS A 139 28.55 -8.13 12.13
N ASP A 140 29.05 -8.72 13.23
CA ASP A 140 28.30 -9.71 13.98
C ASP A 140 27.97 -9.19 15.38
N TYR A 141 26.87 -9.70 15.94
CA TYR A 141 26.43 -9.33 17.28
C TYR A 141 26.29 -10.60 18.12
N PHE A 142 26.92 -10.60 19.29
CA PHE A 142 27.07 -11.81 20.10
C PHE A 142 26.34 -11.67 21.43
N SER A 143 25.59 -12.72 21.81
CA SER A 143 25.23 -12.91 23.21
C SER A 143 25.92 -14.15 23.70
N TYR A 144 25.32 -15.34 23.57
CA TYR A 144 26.07 -16.60 23.68
C TYR A 144 26.29 -17.28 22.33
N VAL A 145 25.70 -16.75 21.26
CA VAL A 145 25.95 -17.12 19.88
C VAL A 145 26.00 -15.82 19.09
N ARG A 146 26.22 -15.91 17.79
CA ARG A 146 25.89 -14.79 16.93
C ARG A 146 24.39 -14.78 16.73
N TYR A 147 23.71 -13.75 17.22
CA TYR A 147 22.28 -13.64 17.01
C TYR A 147 21.89 -12.68 15.89
N ALA A 148 22.83 -11.91 15.36
CA ALA A 148 22.51 -10.96 14.31
C ALA A 148 23.77 -10.61 13.54
N SER A 149 23.57 -10.20 12.29
CA SER A 149 24.66 -9.73 11.46
C SER A 149 24.16 -8.60 10.56
N GLU A 150 25.08 -7.69 10.26
CA GLU A 150 24.81 -6.57 9.36
C GLU A 150 25.80 -6.63 8.21
N TYR A 151 25.34 -6.30 7.01
CA TYR A 151 26.16 -6.31 5.81
C TYR A 151 26.20 -4.92 5.21
N PHE A 152 27.40 -4.46 4.89
CA PHE A 152 27.63 -3.09 4.47
C PHE A 152 28.21 -3.05 3.06
N ALA A 153 28.46 -1.83 2.58
CA ALA A 153 29.07 -1.53 1.29
C ALA A 153 29.27 -0.02 1.21
N PRO A 154 30.40 0.44 0.68
CA PRO A 154 30.69 1.88 0.72
C PRO A 154 29.84 2.66 -0.27
N HIS A 155 29.38 3.83 0.19
CA HIS A 155 28.66 4.79 -0.65
C HIS A 155 29.18 6.17 -0.30
N ASN A 156 29.76 6.86 -1.30
CA ASN A 156 30.49 8.10 -1.06
C ASN A 156 31.61 7.88 -0.03
N ASP A 157 32.28 6.73 -0.16
CA ASP A 157 33.30 6.23 0.77
C ASP A 157 32.81 6.26 2.22
N ALA A 158 31.52 6.04 2.46
CA ALA A 158 31.02 5.83 3.81
C ALA A 158 30.44 4.43 3.89
N ALA A 159 30.88 3.66 4.87
CA ALA A 159 30.27 2.36 5.11
C ALA A 159 28.78 2.57 5.38
N THR A 160 27.95 1.78 4.71
CA THR A 160 26.51 1.99 4.74
C THR A 160 25.82 0.67 5.01
N LEU A 161 24.90 0.68 5.98
CA LEU A 161 24.16 -0.53 6.30
C LEU A 161 23.09 -0.77 5.24
N TYR A 162 23.20 -1.87 4.49
CA TYR A 162 22.14 -2.23 3.57
C TYR A 162 21.24 -3.37 4.04
N GLN A 163 21.70 -4.21 4.97
CA GLN A 163 20.90 -5.38 5.31
C GLN A 163 21.28 -5.88 6.69
N ARG A 164 20.29 -6.37 7.43
CA ARG A 164 20.50 -6.93 8.76
C ARG A 164 19.77 -8.26 8.86
N ARG A 165 20.44 -9.25 9.45
CA ARG A 165 19.97 -10.63 9.45
C ARG A 165 20.02 -11.18 10.87
N PHE A 166 19.03 -12.02 11.21
CA PHE A 166 18.94 -12.62 12.52
C PHE A 166 18.95 -14.14 12.39
N TYR A 167 19.59 -14.80 13.35
CA TYR A 167 19.90 -16.22 13.25
C TYR A 167 19.31 -17.00 14.41
N HIS A 168 19.23 -18.32 14.23
CA HIS A 168 18.82 -19.22 15.29
C HIS A 168 20.04 -19.70 16.07
N GLU A 169 19.80 -20.50 17.11
CA GLU A 169 20.91 -21.06 17.88
C GLU A 169 21.83 -21.89 17.00
N ASP A 170 21.26 -22.61 16.04
CA ASP A 170 22.03 -23.50 15.17
C ASP A 170 22.68 -22.78 14.00
N GLY A 171 22.55 -21.45 13.93
CA GLY A 171 23.20 -20.67 12.89
C GLY A 171 22.37 -20.44 11.65
N SER A 172 21.19 -21.06 11.56
CA SER A 172 20.35 -20.89 10.39
C SER A 172 19.66 -19.53 10.40
N VAL A 173 19.33 -19.04 9.20
CA VAL A 173 18.72 -17.73 9.06
C VAL A 173 17.29 -17.77 9.59
N ALA A 174 16.97 -16.89 10.53
CA ALA A 174 15.59 -16.74 10.99
C ALA A 174 14.81 -15.82 10.07
N TYR A 175 15.39 -14.70 9.67
CA TYR A 175 14.79 -13.69 8.79
C TYR A 175 15.80 -12.57 8.62
N ASP A 176 15.63 -11.78 7.56
CA ASP A 176 16.49 -10.62 7.34
C ASP A 176 15.64 -9.44 6.90
N MSE A 177 16.26 -8.27 6.93
CA MSE A 177 15.56 -7.02 6.66
C MSE A 177 16.41 -6.09 5.81
O MSE A 177 17.64 -6.12 5.90
CB MSE A 177 15.18 -6.33 7.97
CG MSE A 177 16.34 -6.26 8.93
SE MSE A 177 16.04 -5.00 10.36
CE MSE A 177 15.31 -6.26 11.63
N LEU A 178 15.78 -5.25 5.01
CA LEU A 178 16.47 -4.34 4.10
C LEU A 178 16.47 -2.94 4.69
N ILE A 179 17.64 -2.31 4.73
CA ILE A 179 17.79 -0.97 5.28
C ILE A 179 17.94 0.03 4.14
N GLU A 180 17.10 1.06 4.16
CA GLU A 180 17.22 2.19 3.23
C GLU A 180 17.03 3.47 4.03
N ASP A 181 18.09 4.30 4.10
CA ASP A 181 18.05 5.58 4.81
C ASP A 181 17.66 5.40 6.28
N GLY A 182 18.37 4.52 6.96
CA GLY A 182 18.14 4.29 8.38
C GLY A 182 16.75 3.76 8.68
N GLN A 183 16.05 3.34 7.63
CA GLN A 183 14.72 2.76 7.74
C GLN A 183 14.77 1.30 7.30
N GLU A 184 14.05 0.45 8.03
CA GLU A 184 13.94 -0.95 7.64
C GLU A 184 12.71 -1.05 6.74
N LYS A 185 12.94 -1.21 5.43
CA LYS A 185 11.86 -1.11 4.45
C LYS A 185 11.30 -2.45 4.01
N LEU A 186 11.99 -3.56 4.26
CA LEU A 186 11.45 -4.86 3.89
C LEU A 186 11.89 -5.89 4.93
N TYR A 187 10.95 -6.68 5.42
CA TYR A 187 11.27 -7.84 6.25
C TYR A 187 10.97 -9.11 5.47
N ARG A 188 11.94 -10.02 5.41
CA ARG A 188 11.75 -11.27 4.69
C ARG A 188 11.82 -12.43 5.67
N PHE A 189 10.71 -13.12 5.85
CA PHE A 189 10.67 -14.40 6.53
C PHE A 189 10.61 -15.51 5.49
N PRO A 190 10.70 -16.77 5.92
CA PRO A 190 10.48 -17.85 4.93
C PRO A 190 9.06 -17.85 4.38
N ASP A 191 8.06 -17.77 5.26
CA ASP A 191 6.66 -17.77 4.88
C ASP A 191 6.01 -16.39 4.90
N ARG A 192 6.76 -15.32 5.18
CA ARG A 192 6.19 -13.98 5.25
C ARG A 192 7.05 -13.00 4.47
N ILE A 193 6.44 -11.88 4.11
CA ILE A 193 7.17 -10.68 3.69
C ILE A 193 6.40 -9.46 4.19
N PHE A 194 7.10 -8.53 4.83
CA PHE A 194 6.49 -7.38 5.49
C PHE A 194 7.19 -6.10 5.04
N TYR A 195 6.40 -5.09 4.68
CA TYR A 195 6.90 -3.86 4.10
C TYR A 195 6.97 -2.67 5.06
N SER A 196 6.65 -2.85 6.35
CA SER A 196 6.80 -1.76 7.31
C SER A 196 6.91 -2.33 8.72
N LYS A 197 7.55 -1.56 9.60
CA LYS A 197 7.69 -2.01 10.99
C LYS A 197 6.35 -2.09 11.69
N ALA A 198 5.40 -1.24 11.30
CA ALA A 198 4.05 -1.34 11.86
C ALA A 198 3.46 -2.72 11.61
N GLU A 199 3.49 -3.17 10.35
CA GLU A 199 2.95 -4.48 10.01
C GLU A 199 3.78 -5.62 10.57
N LEU A 200 5.08 -5.39 10.84
CA LEU A 200 5.88 -6.40 11.53
C LEU A 200 5.43 -6.54 12.98
N VAL A 201 5.20 -5.42 13.67
CA VAL A 201 4.73 -5.47 15.04
C VAL A 201 3.38 -6.16 15.11
N ARG A 202 2.53 -5.98 14.10
CA ARG A 202 1.27 -6.70 14.05
C ARG A 202 1.50 -8.21 14.08
N TYR A 203 2.31 -8.70 13.15
CA TYR A 203 2.63 -10.13 13.12
C TYR A 203 3.21 -10.59 14.46
N PHE A 204 4.02 -9.74 15.09
CA PHE A 204 4.52 -10.07 16.42
C PHE A 204 3.37 -10.25 17.42
N LEU A 205 2.51 -9.24 17.52
CA LEU A 205 1.39 -9.32 18.46
C LEU A 205 0.49 -10.50 18.14
N GLN A 206 0.33 -10.82 16.86
CA GLN A 206 -0.44 -11.99 16.48
C GLN A 206 0.24 -13.27 16.95
N CYS A 207 1.56 -13.38 16.74
CA CYS A 207 2.29 -14.56 17.18
C CYS A 207 2.24 -14.73 18.70
N LEU A 208 1.97 -13.64 19.44
CA LEU A 208 1.78 -13.77 20.88
C LEU A 208 0.51 -14.56 21.21
N GLN A 209 -0.47 -14.53 20.31
CA GLN A 209 -1.75 -15.22 20.47
C GLN A 209 -2.41 -14.87 21.80
N LEU A 210 -2.78 -13.60 21.90
CA LEU A 210 -3.36 -13.06 23.12
C LEU A 210 -4.70 -13.71 23.41
N GLN A 211 -4.88 -14.16 24.66
CA GLN A 211 -6.15 -14.72 25.07
C GLN A 211 -7.02 -13.63 25.70
N ALA A 212 -8.25 -14.00 26.08
CA ALA A 212 -9.24 -13.01 26.48
C ALA A 212 -8.86 -12.32 27.78
N ASP A 213 -8.27 -13.07 28.72
CA ASP A 213 -7.89 -12.52 30.01
C ASP A 213 -6.42 -12.10 30.09
N ASP A 214 -5.69 -12.14 28.98
CA ASP A 214 -4.39 -11.48 28.95
C ASP A 214 -4.59 -9.97 29.05
N VAL A 215 -3.61 -9.30 29.67
CA VAL A 215 -3.65 -7.86 29.86
C VAL A 215 -2.47 -7.22 29.14
N VAL A 216 -2.76 -6.39 28.15
CA VAL A 216 -1.75 -5.64 27.42
C VAL A 216 -1.70 -4.23 27.99
N ILE A 217 -0.55 -3.86 28.55
CA ILE A 217 -0.35 -2.56 29.19
C ILE A 217 0.59 -1.74 28.31
N LEU A 218 0.10 -0.59 27.84
CA LEU A 218 0.85 0.24 26.90
C LEU A 218 1.55 1.36 27.67
N ASP A 219 2.89 1.27 27.76
CA ASP A 219 3.70 2.29 28.42
C ASP A 219 4.08 3.45 27.49
N ARG A 220 4.40 3.18 26.23
CA ARG A 220 4.70 4.21 25.24
C ARG A 220 3.95 3.92 23.94
N GLU A 221 3.49 4.98 23.28
CA GLU A 221 2.66 4.81 22.10
C GLU A 221 3.35 5.02 20.73
N THR A 222 4.49 5.71 20.66
CA THR A 222 4.83 6.33 19.37
C THR A 222 5.24 5.27 18.36
N GLY A 223 4.50 5.24 17.24
CA GLY A 223 4.71 4.34 16.13
C GLY A 223 4.00 3.00 16.23
N ILE A 224 3.73 2.52 17.45
CA ILE A 224 3.00 1.28 17.65
C ILE A 224 1.57 1.47 18.14
N GLY A 225 1.13 2.72 18.34
CA GLY A 225 -0.14 2.94 19.03
C GLY A 225 -1.33 2.22 18.43
N GLN A 226 -1.58 2.44 17.14
CA GLN A 226 -2.74 1.86 16.48
C GLN A 226 -2.67 0.34 16.44
N VAL A 227 -1.50 -0.21 16.15
CA VAL A 227 -1.40 -1.66 15.98
C VAL A 227 -1.60 -2.37 17.31
N VAL A 228 -1.07 -1.81 18.40
CA VAL A 228 -1.33 -2.37 19.73
C VAL A 228 -2.83 -2.32 20.02
N PHE A 229 -3.51 -1.27 19.56
CA PHE A 229 -4.94 -1.15 19.82
C PHE A 229 -5.74 -2.16 19.01
N GLU A 230 -5.44 -2.28 17.72
CA GLU A 230 -6.18 -3.22 16.88
C GLU A 230 -6.04 -4.65 17.38
N GLU A 231 -4.84 -5.03 17.80
CA GLU A 231 -4.58 -6.42 18.16
C GLU A 231 -4.88 -6.74 19.62
N SER A 232 -5.06 -5.76 20.48
CA SER A 232 -5.34 -6.04 21.89
C SER A 232 -6.83 -6.13 22.20
N GLN A 233 -7.70 -5.92 21.21
CA GLN A 233 -9.13 -5.92 21.48
C GLN A 233 -9.62 -7.27 21.97
N LYS A 234 -9.06 -8.36 21.43
CA LYS A 234 -9.44 -9.70 21.89
C LYS A 234 -8.96 -9.98 23.31
N ALA A 235 -8.18 -9.09 23.88
CA ALA A 235 -7.69 -9.17 25.25
C ALA A 235 -8.08 -7.89 25.98
N LYS A 236 -7.58 -7.72 27.19
CA LYS A 236 -7.83 -6.53 27.99
C LYS A 236 -6.68 -5.55 27.79
N LEU A 237 -7.01 -4.36 27.27
CA LEU A 237 -6.02 -3.35 26.94
C LEU A 237 -5.98 -2.27 28.01
N GLY A 238 -4.79 -1.76 28.28
CA GLY A 238 -4.64 -0.67 29.23
C GLY A 238 -3.50 0.23 28.84
N VAL A 239 -3.58 1.47 29.29
CA VAL A 239 -2.70 2.55 28.84
C VAL A 239 -2.28 3.36 30.06
N VAL A 240 -0.97 3.47 30.27
CA VAL A 240 -0.42 4.14 31.44
C VAL A 240 -0.02 5.56 31.08
N VAL A 241 -0.36 6.51 31.96
CA VAL A 241 -0.06 7.92 31.78
C VAL A 241 1.11 8.27 32.68
N HIS A 242 2.27 8.57 32.10
CA HIS A 242 3.47 8.81 32.89
C HIS A 242 3.79 10.29 33.17
N ALA A 243 3.23 11.23 32.43
CA ALA A 243 3.59 12.63 32.62
C ALA A 243 2.31 13.44 32.68
N GLU A 244 2.38 14.77 32.75
CA GLU A 244 1.16 15.53 32.65
C GLU A 244 0.57 15.35 31.26
N HIS A 245 -0.72 15.02 31.23
CA HIS A 245 -1.39 14.50 30.05
C HIS A 245 -2.02 15.57 29.18
N PHE A 246 -1.88 16.86 29.52
CA PHE A 246 -2.50 17.88 28.70
C PHE A 246 -1.76 19.19 28.85
N SER A 247 -1.84 20.02 27.82
CA SER A 247 -1.29 21.38 27.84
C SER A 247 -2.39 22.33 28.28
N GLU A 248 -2.25 22.89 29.49
CA GLU A 248 -3.29 23.75 30.03
C GLU A 248 -3.26 25.14 29.42
N ASN A 249 -2.06 25.66 29.14
CA ASN A 249 -1.95 26.99 28.57
C ASN A 249 -2.59 27.08 27.19
N ALA A 250 -2.59 25.98 26.45
CA ALA A 250 -3.13 25.93 25.10
C ALA A 250 -4.58 25.44 25.07
N SER A 251 -5.23 25.32 26.21
CA SER A 251 -6.60 24.83 26.29
C SER A 251 -7.55 25.96 26.68
N SER A 252 -8.82 25.61 26.80
CA SER A 252 -9.89 26.53 27.20
C SER A 252 -11.02 25.69 27.77
N ASP A 253 -12.09 26.37 28.18
CA ASP A 253 -13.30 25.64 28.53
C ASP A 253 -13.91 24.97 27.31
N ASP A 254 -13.65 25.50 26.10
CA ASP A 254 -14.19 24.94 24.88
C ASP A 254 -13.36 23.76 24.37
N TYR A 255 -12.04 23.89 24.35
CA TYR A 255 -11.16 22.94 23.68
C TYR A 255 -9.99 22.57 24.59
N ILE A 256 -9.73 21.27 24.70
CA ILE A 256 -8.63 20.76 25.50
C ILE A 256 -7.54 20.26 24.57
N LEU A 257 -6.29 20.54 24.92
CA LEU A 257 -5.14 20.07 24.16
C LEU A 257 -4.46 18.97 24.96
N TRP A 258 -4.60 17.73 24.49
CA TRP A 258 -3.95 16.63 25.16
C TRP A 258 -2.43 16.71 24.93
N ASN A 259 -1.69 16.05 25.83
CA ASN A 259 -0.32 15.69 25.54
C ASN A 259 -0.31 14.79 24.31
N ASN A 260 0.55 15.11 23.33
CA ASN A 260 0.53 14.36 22.07
C ASN A 260 0.89 12.89 22.28
N PHE A 261 1.65 12.57 23.33
CA PHE A 261 1.98 11.17 23.57
C PHE A 261 0.81 10.37 24.10
N TYR A 262 -0.21 11.03 24.66
CA TYR A 262 -1.45 10.36 25.04
C TYR A 262 -2.65 10.68 24.15
N ASP A 263 -2.50 11.55 23.15
CA ASP A 263 -3.66 12.01 22.38
C ASP A 263 -4.38 10.84 21.70
N TYR A 264 -3.62 9.96 21.05
CA TYR A 264 -4.23 8.81 20.39
C TYR A 264 -4.99 7.94 21.38
N GLN A 265 -4.34 7.60 22.50
CA GLN A 265 -4.98 6.74 23.48
C GLN A 265 -6.25 7.39 24.04
N PHE A 266 -6.20 8.70 24.28
CA PHE A 266 -7.38 9.38 24.83
C PHE A 266 -8.50 9.45 23.80
N THR A 267 -8.19 9.87 22.56
CA THR A 267 -9.21 10.00 21.53
C THR A 267 -9.93 8.68 21.30
N ASN A 268 -9.18 7.58 21.33
CA ASN A 268 -9.69 6.23 21.11
C ASN A 268 -10.06 5.51 22.41
N ALA A 269 -10.14 6.24 23.53
CA ALA A 269 -10.37 5.63 24.83
C ALA A 269 -11.54 4.65 24.83
N ASP A 270 -12.51 4.83 23.92
CA ASP A 270 -13.58 3.85 23.79
C ASP A 270 -13.06 2.46 23.48
N LYS A 271 -11.83 2.34 22.97
CA LYS A 271 -11.18 1.07 22.73
C LYS A 271 -10.26 0.64 23.87
N VAL A 272 -10.11 1.46 24.90
CA VAL A 272 -9.23 1.18 26.02
C VAL A 272 -10.06 0.66 27.18
N ASP A 273 -9.60 -0.42 27.82
CA ASP A 273 -10.36 -0.97 28.93
C ASP A 273 -10.13 -0.18 30.22
N PHE A 274 -8.88 0.20 30.51
CA PHE A 274 -8.61 0.96 31.72
C PHE A 274 -7.34 1.79 31.51
N PHE A 275 -7.30 2.97 32.12
CA PHE A 275 -6.08 3.75 32.16
C PHE A 275 -5.43 3.61 33.54
N ILE A 276 -4.21 4.14 33.66
CA ILE A 276 -3.48 4.12 34.92
C ILE A 276 -2.72 5.44 35.04
N VAL A 277 -2.94 6.14 36.15
CA VAL A 277 -2.25 7.40 36.41
C VAL A 277 -1.46 7.26 37.71
N ALA A 278 -0.41 8.06 37.82
CA ALA A 278 0.50 7.92 38.96
C ALA A 278 -0.17 8.32 40.26
N THR A 279 -0.94 9.41 40.26
CA THR A 279 -1.50 9.98 41.47
C THR A 279 -3.01 10.12 41.37
N GLU A 280 -3.68 9.97 42.51
CA GLU A 280 -5.13 10.18 42.57
C GLU A 280 -5.48 11.61 42.25
N ALA A 281 -4.58 12.56 42.53
CA ALA A 281 -4.77 13.92 42.05
C ALA A 281 -5.00 13.94 40.55
N GLN A 282 -4.17 13.21 39.80
CA GLN A 282 -4.27 13.17 38.35
C GLN A 282 -5.45 12.36 37.88
N LYS A 283 -5.81 11.32 38.64
CA LYS A 283 -6.98 10.52 38.31
C LYS A 283 -8.23 11.39 38.26
N ARG A 284 -8.40 12.26 39.27
CA ARG A 284 -9.59 13.10 39.30
C ARG A 284 -9.55 14.16 38.21
N ILE A 285 -8.39 14.77 37.95
CA ILE A 285 -8.33 15.81 36.92
C ILE A 285 -8.71 15.23 35.56
N LEU A 286 -7.98 14.20 35.13
CA LEU A 286 -8.27 13.57 33.84
C LEU A 286 -9.68 12.99 33.80
N GLU A 287 -10.20 12.54 34.95
CA GLU A 287 -11.55 11.98 34.99
C GLU A 287 -12.59 12.99 34.54
N GLN A 288 -12.46 14.25 34.98
CA GLN A 288 -13.47 15.24 34.61
C GLN A 288 -13.22 15.84 33.23
N GLN A 289 -11.97 16.11 32.89
CA GLN A 289 -11.66 16.63 31.55
C GLN A 289 -12.24 15.72 30.49
N PHE A 290 -12.18 14.41 30.72
CA PHE A 290 -12.96 13.49 29.90
C PHE A 290 -14.43 13.89 29.90
N GLN A 291 -15.07 13.85 31.08
CA GLN A 291 -16.50 14.19 31.16
C GLN A 291 -16.82 15.51 30.47
N HIS A 292 -15.98 16.53 30.63
CA HIS A 292 -16.29 17.84 30.09
C HIS A 292 -16.11 17.89 28.57
N TYR A 293 -14.91 17.56 28.09
CA TYR A 293 -14.53 17.92 26.72
C TYR A 293 -15.07 16.93 25.69
N SER A 294 -15.00 15.64 25.99
CA SER A 294 -15.65 14.61 25.18
C SER A 294 -16.34 13.68 26.14
N ASP A 295 -17.67 13.62 26.15
CA ASP A 295 -18.27 12.85 27.23
C ASP A 295 -17.90 11.38 27.03
N LYS A 296 -17.10 10.88 27.97
CA LYS A 296 -16.71 9.50 28.11
C LYS A 296 -16.40 9.33 29.59
N GLN A 297 -16.43 8.09 30.06
CA GLN A 297 -16.03 7.76 31.42
C GLN A 297 -15.24 6.46 31.39
N PRO A 298 -14.01 6.50 30.87
CA PRO A 298 -13.18 5.30 30.91
C PRO A 298 -12.69 5.05 32.32
N GLN A 299 -12.53 3.77 32.66
CA GLN A 299 -11.99 3.47 33.98
C GLN A 299 -10.57 3.98 34.08
N ILE A 300 -10.32 4.77 35.13
CA ILE A 300 -8.99 5.26 35.44
C ILE A 300 -8.62 4.75 36.81
N ALA A 301 -7.46 4.11 36.91
CA ALA A 301 -6.99 3.50 38.15
C ALA A 301 -5.72 4.18 38.62
N THR A 302 -5.50 4.18 39.92
CA THR A 302 -4.34 4.86 40.51
C THR A 302 -3.39 3.80 41.05
N ILE A 303 -2.20 3.73 40.46
CA ILE A 303 -1.10 2.94 41.01
C ILE A 303 0.09 3.88 41.14
N PRO A 304 0.84 3.84 42.23
CA PRO A 304 2.05 4.64 42.33
C PRO A 304 3.17 4.01 41.52
N VAL A 305 4.09 4.85 41.01
CA VAL A 305 5.21 4.28 40.28
C VAL A 305 6.17 3.58 41.23
N GLY A 306 6.38 4.14 42.42
CA GLY A 306 7.24 3.56 43.43
C GLY A 306 6.48 2.99 44.62
N SER A 307 7.22 2.74 45.70
CA SER A 307 6.66 2.31 46.99
C SER A 307 7.80 2.22 47.99
N LEU A 308 7.44 2.02 49.25
CA LEU A 308 8.38 1.95 50.35
C LEU A 308 8.24 0.58 51.02
N ASP A 309 9.34 -0.19 51.02
CA ASP A 309 9.32 -1.51 51.63
C ASP A 309 8.92 -1.43 53.11
N GLN A 310 9.38 -0.39 53.79
CA GLN A 310 9.16 -0.18 55.21
C GLN A 310 9.37 1.30 55.48
N LEU A 311 8.99 1.75 56.66
CA LEU A 311 9.24 3.13 57.08
C LEU A 311 10.48 3.17 57.96
N THR A 312 11.51 3.90 57.51
CA THR A 312 12.77 4.00 58.24
C THR A 312 12.71 5.14 59.25
N TYR A 313 12.84 4.81 60.51
CA TYR A 313 12.99 5.79 61.57
C TYR A 313 14.47 6.05 61.84
N PRO A 314 14.83 7.25 62.30
CA PRO A 314 16.25 7.60 62.41
C PRO A 314 17.00 6.85 63.49
N LYS A 315 18.30 7.13 63.58
CA LYS A 315 19.25 6.51 64.51
C LYS A 315 19.36 7.28 65.82
N GLU A 316 18.40 8.18 66.08
CA GLU A 316 18.24 9.26 67.05
C GLU A 316 19.19 10.46 66.98
N PRO A 317 19.89 10.79 65.85
CA PRO A 317 20.33 12.17 65.64
C PRO A 317 19.44 12.92 64.66
N ARG A 318 19.21 14.21 64.90
CA ARG A 318 18.82 15.12 63.83
C ARG A 318 19.55 16.43 64.04
N LYS A 319 20.33 16.86 63.04
CA LYS A 319 21.03 18.14 63.12
C LYS A 319 19.98 19.20 63.26
N PRO A 320 20.08 20.02 64.29
CA PRO A 320 19.11 21.11 64.42
C PRO A 320 19.09 21.96 63.16
N TYR A 321 17.90 22.10 62.62
CA TYR A 321 17.57 22.99 61.47
C TYR A 321 18.46 22.64 60.28
N SER A 322 18.20 21.45 59.72
CA SER A 322 18.89 21.00 58.53
C SER A 322 17.88 20.54 57.48
N MSE A 323 18.14 20.90 56.22
CA MSE A 323 17.26 20.54 55.11
C MSE A 323 17.94 19.67 54.05
O MSE A 323 19.14 19.39 54.14
CB MSE A 323 16.72 21.79 54.43
CG MSE A 323 15.87 22.68 55.32
SE MSE A 323 15.45 24.32 54.38
CE MSE A 323 15.59 25.54 55.87
N ILE A 324 17.18 19.24 53.04
CA ILE A 324 17.68 18.33 52.02
C ILE A 324 16.95 18.58 50.71
N THR A 325 17.69 18.50 49.60
CA THR A 325 17.12 18.44 48.26
C THR A 325 17.94 17.47 47.42
N ALA A 326 17.26 16.55 46.75
CA ALA A 326 17.89 15.63 45.82
C ALA A 326 17.09 15.63 44.53
N SER A 327 17.72 16.11 43.46
CA SER A 327 17.07 16.23 42.16
C SER A 327 18.12 15.99 41.09
N ARG A 328 17.67 15.76 39.88
CA ARG A 328 18.59 15.75 38.75
C ARG A 328 18.61 17.19 38.29
N LEU A 329 19.68 17.90 38.63
CA LEU A 329 19.64 19.35 38.64
C LEU A 329 19.74 19.87 37.22
N ALA A 330 18.79 20.72 36.84
CA ALA A 330 18.71 21.18 35.46
C ALA A 330 18.03 22.54 35.45
N THR A 331 17.67 22.98 34.24
CA THR A 331 16.85 24.18 34.08
C THR A 331 15.56 24.07 34.89
N GLU A 332 14.84 22.96 34.75
CA GLU A 332 13.45 22.89 35.24
C GLU A 332 13.36 22.93 36.76
N LYS A 333 14.30 22.31 37.47
CA LYS A 333 14.13 22.07 38.90
C LYS A 333 14.58 23.25 39.76
N HIS A 334 15.24 24.23 39.15
CA HIS A 334 15.37 25.59 39.69
C HIS A 334 15.82 25.66 41.14
N ILE A 335 16.83 24.87 41.52
CA ILE A 335 17.42 24.98 42.85
C ILE A 335 18.10 26.34 43.08
N ASP A 336 18.17 27.18 42.05
CA ASP A 336 18.74 28.51 42.17
C ASP A 336 18.12 29.30 43.31
N TRP A 337 16.81 29.14 43.51
CA TRP A 337 16.09 30.01 44.42
C TRP A 337 16.34 29.67 45.87
N LEU A 338 16.41 28.38 46.16
CA LEU A 338 16.43 27.85 47.52
C LEU A 338 17.84 27.82 48.08
N VAL A 339 18.86 27.81 47.21
CA VAL A 339 20.18 28.20 47.67
C VAL A 339 20.16 29.68 48.03
N ALA A 340 19.35 30.47 47.31
CA ALA A 340 19.19 31.89 47.60
C ALA A 340 18.09 32.17 48.61
N ALA A 341 17.22 31.19 48.90
CA ALA A 341 16.13 31.43 49.84
C ALA A 341 16.59 31.28 51.28
N THR A 342 17.39 30.25 51.55
CA THR A 342 17.83 30.01 52.91
C THR A 342 18.99 30.89 53.33
N VAL A 343 19.69 31.49 52.37
CA VAL A 343 20.72 32.44 52.80
C VAL A 343 20.09 33.58 53.61
N GLN A 344 18.81 33.93 53.36
CA GLN A 344 18.15 34.91 54.22
C GLN A 344 17.55 34.27 55.46
N ALA A 345 17.30 32.97 55.47
CA ALA A 345 16.80 32.33 56.69
C ALA A 345 17.91 31.90 57.64
N HIS A 346 19.17 31.86 57.18
CA HIS A 346 20.29 31.77 58.11
C HIS A 346 20.49 33.08 58.84
N ALA A 347 19.99 34.19 58.30
CA ALA A 347 19.99 35.45 59.02
C ALA A 347 19.04 35.38 60.21
N GLN A 348 17.77 35.03 59.96
CA GLN A 348 16.79 35.02 61.05
C GLN A 348 17.00 33.85 62.01
N LEU A 349 17.72 32.81 61.61
CA LEU A 349 18.00 31.72 62.53
C LEU A 349 19.47 31.33 62.49
N PRO A 350 20.08 31.12 63.66
CA PRO A 350 21.54 30.87 63.70
C PRO A 350 22.02 29.57 63.07
N GLU A 351 21.42 28.42 63.41
CA GLU A 351 21.96 27.10 63.11
C GLU A 351 21.40 26.50 61.81
N LEU A 352 20.74 27.32 61.00
CA LEU A 352 20.13 26.83 59.76
C LEU A 352 21.18 26.38 58.74
N THR A 353 20.97 25.18 58.18
CA THR A 353 21.90 24.59 57.23
C THR A 353 21.13 23.71 56.26
N LEU A 354 21.51 23.76 54.98
CA LEU A 354 20.89 22.90 53.97
C LEU A 354 21.95 22.36 53.03
N ASP A 355 21.60 21.35 52.24
CA ASP A 355 22.54 20.87 51.24
C ASP A 355 21.87 20.15 50.07
N ILE A 356 22.53 20.23 48.91
CA ILE A 356 21.98 19.82 47.62
C ILE A 356 22.75 18.60 47.13
N TYR A 357 22.02 17.63 46.59
CA TYR A 357 22.56 16.44 45.95
C TYR A 357 22.12 16.45 44.50
N GLY A 358 22.35 15.32 43.85
CA GLY A 358 21.90 15.13 42.50
C GLY A 358 22.91 15.63 41.49
N LYS A 359 22.79 15.11 40.28
CA LYS A 359 23.84 15.27 39.31
C LYS A 359 23.24 15.32 37.92
N GLY A 360 23.80 16.20 37.08
CA GLY A 360 23.35 16.26 35.70
C GLY A 360 23.98 17.43 34.98
N SER A 361 23.39 17.75 33.82
CA SER A 361 23.78 18.91 33.04
C SER A 361 23.33 20.23 33.69
N GLU A 362 24.05 21.30 33.35
CA GLU A 362 23.73 22.73 33.47
C GLU A 362 24.19 23.46 34.71
N GLU A 363 24.56 22.77 35.81
CA GLU A 363 25.00 23.36 37.08
C GLU A 363 26.49 23.13 37.43
N ASP A 364 27.32 22.78 36.45
CA ASP A 364 28.67 23.33 36.50
C ASP A 364 28.49 24.78 36.92
N LYS A 365 27.50 25.43 36.32
CA LYS A 365 27.07 26.76 36.74
C LYS A 365 26.71 26.86 38.22
N LEU A 366 26.16 25.80 38.84
CA LEU A 366 25.80 25.88 40.25
C LEU A 366 27.04 26.10 41.11
N ARG A 367 28.01 25.20 41.01
CA ARG A 367 29.24 25.30 41.80
C ARG A 367 29.88 26.68 41.69
N ARG A 368 29.72 27.32 40.53
CA ARG A 368 30.09 28.73 40.42
C ARG A 368 29.18 29.58 41.27
N ARG A 369 27.86 29.51 41.02
CA ARG A 369 27.01 30.40 41.79
C ARG A 369 27.10 30.14 43.30
N ILE A 370 27.58 28.97 43.79
CA ILE A 370 27.43 28.67 45.22
C ILE A 370 27.67 29.88 46.13
N GLU A 371 28.92 30.32 46.27
CA GLU A 371 29.25 31.45 47.15
C GLU A 371 29.70 32.74 46.44
N GLU A 372 29.65 32.81 45.12
CA GLU A 372 29.99 34.06 44.43
C GLU A 372 28.98 35.21 44.66
N ALA A 373 27.83 35.04 45.31
CA ALA A 373 27.16 36.20 45.95
C ALA A 373 27.52 36.36 47.41
N GLY A 374 28.57 35.70 47.88
CA GLY A 374 28.91 35.91 49.26
C GLY A 374 28.19 35.02 50.24
N ALA A 375 27.37 34.08 49.78
CA ALA A 375 26.86 33.11 50.72
C ALA A 375 28.03 32.26 51.21
N GLN A 376 27.84 31.58 52.33
CA GLN A 376 28.93 30.84 52.95
C GLN A 376 28.56 29.37 53.06
N ASP A 377 29.56 28.53 53.24
CA ASP A 377 29.43 27.10 52.97
C ASP A 377 28.78 26.32 54.11
N TYR A 378 28.10 26.98 55.04
CA TYR A 378 27.03 26.27 55.73
C TYR A 378 25.90 25.85 54.79
N ILE A 379 25.90 26.30 53.53
CA ILE A 379 25.08 25.67 52.50
C ILE A 379 26.05 24.77 51.75
N ARG A 380 26.06 23.51 52.14
CA ARG A 380 26.96 22.54 51.54
C ARG A 380 26.31 21.97 50.29
N LEU A 381 27.14 21.54 49.35
CA LEU A 381 26.65 20.77 48.24
C LEU A 381 27.37 19.45 48.20
N LYS A 382 26.61 18.39 48.02
CA LYS A 382 27.15 17.06 47.84
C LYS A 382 26.72 16.57 46.45
N GLY A 383 27.49 15.65 45.88
CA GLY A 383 27.22 15.09 44.58
C GLY A 383 26.24 13.93 44.62
N HIS A 384 26.54 12.92 43.80
CA HIS A 384 25.74 11.69 43.69
C HIS A 384 25.84 10.82 44.94
N ALA A 385 24.69 10.41 45.46
CA ALA A 385 24.71 9.40 46.51
C ALA A 385 23.39 8.66 46.49
N ASP A 386 23.44 7.38 46.86
CA ASP A 386 22.23 6.63 47.14
C ASP A 386 21.74 6.99 48.54
N LEU A 387 20.53 7.55 48.62
CA LEU A 387 20.04 8.26 49.80
C LEU A 387 19.09 7.48 50.70
N SER A 388 18.82 6.20 50.42
CA SER A 388 17.82 5.49 51.22
C SER A 388 18.08 5.66 52.72
N GLN A 389 19.34 5.54 53.13
CA GLN A 389 19.74 5.62 54.53
C GLN A 389 19.85 7.05 55.05
N ILE A 390 19.89 8.03 54.15
CA ILE A 390 20.39 9.35 54.49
C ILE A 390 19.28 10.39 54.74
N TYR A 391 18.03 10.11 54.38
CA TYR A 391 17.01 11.14 54.50
C TYR A 391 16.67 11.44 55.95
N ALA A 392 16.54 10.39 56.78
CA ALA A 392 16.13 10.54 58.17
C ALA A 392 17.10 11.37 58.99
N GLY A 393 18.29 11.69 58.45
CA GLY A 393 19.24 12.51 59.17
C GLY A 393 18.87 13.97 59.28
N TYR A 394 17.88 14.44 58.53
CA TYR A 394 17.52 15.85 58.43
C TYR A 394 16.11 16.05 58.93
N GLU A 395 15.76 17.32 59.11
CA GLU A 395 14.40 17.62 59.52
C GLU A 395 13.45 18.02 58.38
N LEU A 396 13.93 18.47 57.22
CA LEU A 396 13.00 18.96 56.19
C LEU A 396 13.50 18.75 54.76
N TYR A 397 12.69 18.14 53.91
CA TYR A 397 12.94 18.12 52.46
C TYR A 397 12.33 19.35 51.76
N LEU A 398 12.87 19.66 50.59
CA LEU A 398 12.58 20.90 49.87
C LEU A 398 12.62 20.67 48.37
N THR A 399 11.65 21.24 47.62
CA THR A 399 11.59 21.07 46.17
C THR A 399 11.11 22.34 45.48
N ALA A 400 11.85 22.78 44.45
CA ALA A 400 11.46 23.90 43.60
C ALA A 400 10.94 23.56 42.21
N SER A 401 10.83 22.28 41.85
CA SER A 401 10.46 22.00 40.47
C SER A 401 9.01 22.37 40.22
N THR A 402 8.72 22.89 39.03
CA THR A 402 7.40 23.40 38.69
C THR A 402 6.40 22.32 38.30
N SER A 403 6.86 21.10 38.00
CA SER A 403 5.96 20.02 37.64
C SER A 403 6.54 18.69 38.07
N GLU A 404 5.68 17.81 38.57
CA GLU A 404 6.06 16.42 38.81
C GLU A 404 4.84 15.54 38.64
N GLY A 405 4.99 14.43 37.90
CA GLY A 405 3.84 13.56 37.67
C GLY A 405 3.58 12.62 38.83
N PHE A 406 4.64 12.26 39.55
CA PHE A 406 4.66 11.53 40.80
C PHE A 406 6.03 11.87 41.34
N GLY A 407 6.24 11.72 42.64
CA GLY A 407 7.66 11.82 42.81
C GLY A 407 8.30 10.84 43.75
N LEU A 408 9.42 10.35 43.26
CA LEU A 408 10.10 9.22 43.86
C LEU A 408 10.94 9.71 45.03
N THR A 409 11.56 10.87 44.84
CA THR A 409 12.29 11.52 45.92
C THR A 409 11.37 11.84 47.09
N LEU A 410 10.21 12.47 46.81
CA LEU A 410 9.32 12.90 47.89
C LEU A 410 8.82 11.69 48.69
N MSE A 411 8.54 10.59 48.01
CA MSE A 411 8.04 9.40 48.67
C MSE A 411 9.04 8.88 49.70
O MSE A 411 8.66 8.53 50.82
CB MSE A 411 7.75 8.31 47.65
CG MSE A 411 6.96 7.16 48.20
SE MSE A 411 6.94 5.69 46.94
CE MSE A 411 8.86 5.40 46.79
N GLU A 412 10.31 8.85 49.31
CA GLU A 412 11.34 8.40 50.23
C GLU A 412 11.67 9.47 51.28
N ALA A 413 11.64 10.74 50.87
CA ALA A 413 11.81 11.83 51.85
C ALA A 413 10.73 11.75 52.92
N VAL A 414 9.46 11.74 52.49
CA VAL A 414 8.35 11.52 53.40
C VAL A 414 8.50 10.21 54.15
N GLY A 415 9.02 9.18 53.49
CA GLY A 415 9.28 7.93 54.15
C GLY A 415 10.32 8.02 55.26
N SER A 416 11.11 9.09 55.26
CA SER A 416 12.02 9.32 56.38
C SER A 416 11.49 10.33 57.38
N GLY A 417 10.25 10.80 57.21
CA GLY A 417 9.67 11.72 58.16
C GLY A 417 10.22 13.12 58.01
N LEU A 418 10.28 13.59 56.77
CA LEU A 418 10.71 14.95 56.46
C LEU A 418 9.54 15.70 55.87
N PRO A 419 9.05 16.76 56.50
CA PRO A 419 8.09 17.64 55.82
C PRO A 419 8.69 18.22 54.55
N LEU A 420 7.81 18.68 53.67
CA LEU A 420 8.22 19.23 52.38
C LEU A 420 7.73 20.66 52.25
N ILE A 421 8.43 21.43 51.44
CA ILE A 421 7.97 22.73 50.98
C ILE A 421 8.21 22.81 49.47
N GLY A 422 7.12 22.91 48.71
CA GLY A 422 7.21 23.05 47.27
C GLY A 422 6.01 23.80 46.74
N PHE A 423 6.05 24.09 45.44
CA PHE A 423 4.97 24.83 44.81
C PHE A 423 3.68 24.02 44.83
N ASP A 424 2.56 24.70 44.63
CA ASP A 424 1.28 24.02 44.53
C ASP A 424 1.06 23.85 43.04
N VAL A 425 1.37 22.65 42.55
CA VAL A 425 1.38 22.33 41.13
C VAL A 425 1.19 20.82 41.01
N ARG A 426 0.63 20.39 39.89
CA ARG A 426 0.40 18.98 39.65
C ARG A 426 1.74 18.30 39.39
N TYR A 427 2.00 17.14 39.98
CA TYR A 427 1.07 16.37 40.81
C TYR A 427 1.68 16.03 42.14
N GLY A 428 2.86 15.41 42.08
CA GLY A 428 3.52 14.86 43.26
C GLY A 428 3.51 15.74 44.48
N ASN A 429 3.75 17.05 44.33
CA ASN A 429 3.66 17.94 45.48
C ASN A 429 2.26 17.93 46.08
N GLN A 430 1.23 18.13 45.24
CA GLN A 430 -0.14 18.06 45.71
C GLN A 430 -0.49 16.71 46.33
N THR A 431 0.24 15.66 45.94
CA THR A 431 0.01 14.33 46.48
C THR A 431 0.73 14.06 47.80
N PHE A 432 1.99 14.47 47.93
CA PHE A 432 2.78 14.16 49.12
C PHE A 432 2.78 15.26 50.17
N ILE A 433 2.33 16.46 49.86
CA ILE A 433 2.32 17.55 50.82
C ILE A 433 0.86 17.84 51.15
N ASP A 434 0.44 17.42 52.33
CA ASP A 434 -0.87 17.82 52.85
C ASP A 434 -0.64 19.15 53.54
N ASP A 435 -1.25 20.22 53.01
CA ASP A 435 -0.83 21.55 53.38
C ASP A 435 -1.12 21.83 54.85
N GLY A 436 -0.07 22.22 55.58
CA GLY A 436 -0.15 22.52 56.99
C GLY A 436 0.04 21.31 57.86
N LYS A 437 -0.23 20.11 57.33
CA LYS A 437 -0.08 18.90 58.12
C LYS A 437 1.37 18.44 58.16
N ASN A 438 1.93 18.03 57.01
CA ASN A 438 3.38 17.89 56.88
C ASN A 438 4.06 18.96 56.04
N GLY A 439 3.38 20.02 55.63
CA GLY A 439 4.14 21.00 54.90
C GLY A 439 3.29 22.07 54.26
N TYR A 440 3.94 22.89 53.44
CA TYR A 440 3.38 24.12 52.94
C TYR A 440 3.49 24.17 51.43
N LEU A 441 2.37 24.39 50.77
CA LEU A 441 2.31 24.47 49.31
C LEU A 441 2.28 25.94 48.90
N LEU A 442 3.27 26.35 48.11
CA LEU A 442 3.48 27.76 47.79
C LEU A 442 2.78 28.11 46.50
N PRO A 443 1.73 28.94 46.52
CA PRO A 443 1.13 29.39 45.25
C PRO A 443 2.15 30.07 44.36
N VAL A 444 2.04 29.82 43.06
CA VAL A 444 2.89 30.43 42.05
C VAL A 444 2.00 30.99 40.94
N SER A 445 2.38 32.15 40.42
CA SER A 445 1.61 32.80 39.37
C SER A 445 1.81 32.08 38.04
N SER A 446 0.90 32.35 37.10
CA SER A 446 0.98 31.77 35.76
C SER A 446 2.24 32.18 35.01
N ASN A 447 2.98 33.17 35.51
CA ASN A 447 4.27 33.54 34.99
C ASN A 447 5.28 33.53 36.12
N HIS A 448 6.54 33.25 35.79
CA HIS A 448 7.59 33.18 36.79
C HIS A 448 8.20 34.56 36.89
N VAL A 449 7.88 35.26 37.97
CA VAL A 449 8.61 36.43 38.40
C VAL A 449 9.32 35.96 39.68
N GLU A 450 10.50 36.51 39.96
CA GLU A 450 11.39 35.73 40.83
C GLU A 450 11.28 36.12 42.30
N ASP A 451 11.59 37.38 42.61
CA ASP A 451 11.81 37.79 44.00
C ASP A 451 10.69 37.42 44.96
N GLN A 452 9.45 37.27 44.49
CA GLN A 452 8.42 36.88 45.45
C GLN A 452 8.54 35.39 45.79
N ILE A 453 9.03 34.58 44.86
CA ILE A 453 9.18 33.14 45.16
C ILE A 453 10.11 32.93 46.34
N ILE A 454 11.31 33.51 46.28
CA ILE A 454 12.29 33.34 47.35
C ILE A 454 11.71 33.81 48.69
N ALA A 455 11.02 34.95 48.68
CA ALA A 455 10.46 35.49 49.91
C ALA A 455 9.36 34.58 50.45
N ALA A 456 8.50 34.07 49.58
CA ALA A 456 7.47 33.12 50.02
C ALA A 456 8.08 31.81 50.49
N PHE A 457 9.30 31.48 50.05
CA PHE A 457 9.98 30.30 50.54
C PHE A 457 10.54 30.51 51.94
N VAL A 458 11.28 31.61 52.14
CA VAL A 458 11.90 31.86 53.45
C VAL A 458 10.85 32.10 54.51
N GLU A 459 9.73 32.76 54.14
CA GLU A 459 8.70 33.09 55.11
C GLU A 459 8.11 31.84 55.72
N LYS A 460 8.00 30.79 54.93
CA LYS A 460 7.48 29.56 55.46
C LYS A 460 8.60 28.61 55.87
N ILE A 461 9.86 29.05 55.73
CA ILE A 461 10.99 28.34 56.32
C ILE A 461 11.14 28.66 57.79
N ILE A 462 10.85 29.89 58.22
CA ILE A 462 10.82 30.18 59.65
C ILE A 462 9.46 29.85 60.26
N ALA A 463 8.36 30.08 59.54
CA ALA A 463 7.13 29.45 59.99
C ALA A 463 7.30 27.92 59.99
N LEU A 464 8.19 27.39 59.16
CA LEU A 464 8.69 26.05 59.42
C LEU A 464 10.09 26.02 60.05
N PHE A 465 10.66 27.16 60.48
CA PHE A 465 11.65 27.09 61.55
C PHE A 465 11.42 27.94 62.82
N SER A 466 10.24 28.52 63.10
CA SER A 466 9.85 28.81 64.53
C SER A 466 8.39 28.54 65.10
N GLN A 467 8.10 27.68 66.11
CA GLN A 467 8.60 26.30 66.46
C GLN A 467 7.50 25.50 67.21
N GLY A 468 7.88 24.28 67.63
CA GLY A 468 6.96 23.31 68.19
C GLY A 468 6.23 22.49 67.15
N ARG A 469 6.26 22.90 65.88
CA ARG A 469 5.48 22.21 64.89
C ARG A 469 6.26 21.23 64.02
N GLN A 470 7.61 21.24 64.05
CA GLN A 470 8.33 20.54 62.98
C GLN A 470 8.30 19.05 63.19
N GLN A 471 8.77 18.58 64.35
CA GLN A 471 8.52 17.20 64.72
C GLN A 471 7.03 16.96 64.79
N GLU A 472 6.26 18.02 64.99
CA GLU A 472 4.81 18.03 64.89
C GLU A 472 4.32 18.28 63.45
N MSE A 473 5.23 18.17 62.47
CA MSE A 473 4.88 17.86 61.09
C MSE A 473 5.60 16.63 60.57
O MSE A 473 4.99 15.85 59.87
CB MSE A 473 5.09 18.98 60.08
CG MSE A 473 4.52 20.30 60.45
SE MSE A 473 4.33 21.26 58.78
CE MSE A 473 4.58 23.03 59.46
N SER A 474 6.92 16.54 60.81
CA SER A 474 7.66 15.30 60.56
C SER A 474 6.83 14.10 60.99
N GLN A 475 5.87 14.31 61.89
CA GLN A 475 4.77 13.36 62.02
C GLN A 475 4.10 13.04 60.71
N HIS A 476 3.68 14.08 59.99
CA HIS A 476 2.71 13.81 58.93
C HIS A 476 3.36 13.17 57.71
N SER A 477 4.66 13.33 57.50
CA SER A 477 5.33 12.51 56.51
C SER A 477 5.16 11.03 56.85
N TYR A 478 5.47 10.64 58.08
CA TYR A 478 5.16 9.28 58.51
C TYR A 478 3.66 8.99 58.42
N GLN A 479 2.82 10.03 58.53
CA GLN A 479 1.39 9.85 58.34
C GLN A 479 1.06 9.55 56.87
N VAL A 480 1.56 10.36 55.93
CA VAL A 480 1.25 10.12 54.52
C VAL A 480 1.98 8.90 53.96
N ALA A 481 3.13 8.54 54.54
CA ALA A 481 4.00 7.53 53.92
C ALA A 481 3.43 6.13 54.06
N GLU A 482 2.79 5.83 55.19
CA GLU A 482 2.19 4.51 55.37
C GLU A 482 1.13 4.17 54.33
N ASN A 483 0.45 5.16 53.73
CA ASN A 483 -0.23 4.85 52.50
C ASN A 483 0.75 4.40 51.42
N TYR A 484 2.02 4.68 51.52
CA TYR A 484 2.85 4.36 50.38
C TYR A 484 3.75 3.11 50.52
N LEU A 485 3.38 2.15 51.38
CA LEU A 485 4.18 0.98 51.66
C LEU A 485 4.06 -0.06 50.58
N THR A 486 5.05 -0.97 50.44
CA THR A 486 5.02 -1.94 49.32
C THR A 486 3.81 -2.87 49.44
N SER A 487 3.48 -3.31 50.67
CA SER A 487 2.37 -4.23 50.88
C SER A 487 1.05 -3.65 50.37
N ARG A 488 0.85 -2.35 50.45
CA ARG A 488 -0.42 -1.82 49.99
C ARG A 488 -0.46 -1.62 48.46
N VAL A 489 0.70 -1.44 47.80
CA VAL A 489 0.67 -1.34 46.33
C VAL A 489 0.47 -2.71 45.71
N GLU A 490 1.04 -3.76 46.30
CA GLU A 490 0.73 -5.12 45.87
C GLU A 490 -0.78 -5.37 45.92
N ALA A 491 -1.47 -4.76 46.88
CA ALA A 491 -2.91 -4.91 46.97
C ALA A 491 -3.61 -4.31 45.75
N ALA A 492 -3.27 -3.06 45.42
CA ALA A 492 -3.98 -2.36 44.34
C ALA A 492 -3.79 -3.06 43.00
N TRP A 493 -2.59 -3.60 42.75
CA TRP A 493 -2.36 -4.29 41.49
C TRP A 493 -3.20 -5.55 41.38
N THR A 494 -3.19 -6.38 42.44
CA THR A 494 -3.96 -7.62 42.41
C THR A 494 -5.44 -7.33 42.18
N GLN A 495 -5.93 -6.26 42.78
CA GLN A 495 -7.34 -5.91 42.65
C GLN A 495 -7.64 -5.35 41.27
N LEU A 496 -6.77 -4.48 40.76
CA LEU A 496 -6.97 -3.93 39.42
C LEU A 496 -7.06 -5.02 38.37
N LEU A 497 -6.15 -5.98 38.40
CA LEU A 497 -6.20 -7.05 37.41
C LEU A 497 -7.36 -7.99 37.64
N LYS A 498 -7.83 -8.10 38.88
CA LYS A 498 -9.02 -8.91 39.12
C LYS A 498 -10.28 -8.21 38.61
N GLU A 499 -10.37 -6.90 38.84
CA GLU A 499 -11.46 -6.12 38.25
C GLU A 499 -11.49 -6.23 36.73
N VAL A 500 -10.34 -5.97 36.10
CA VAL A 500 -10.28 -5.91 34.65
C VAL A 500 -10.76 -7.22 34.02
N ARG A 501 -10.53 -8.34 34.70
CA ARG A 501 -10.77 -9.66 34.13
C ARG A 501 -12.21 -10.13 34.32
N ASP A 502 -13.10 -9.27 34.83
CA ASP A 502 -14.52 -9.58 34.91
C ASP A 502 -15.36 -8.96 33.79
N ASP A 503 -14.77 -8.18 32.89
CA ASP A 503 -15.56 -7.50 31.86
C ASP A 503 -15.56 -8.25 30.53
N MSE B 1 43.23 -32.36 -15.79
CA MSE B 1 42.49 -31.61 -16.80
C MSE B 1 41.15 -31.11 -16.26
O MSE B 1 40.49 -31.83 -15.50
CB MSE B 1 42.29 -32.48 -18.01
CG MSE B 1 42.24 -31.73 -19.29
SE MSE B 1 41.39 -32.92 -20.55
CE MSE B 1 41.29 -31.82 -22.06
N ILE B 2 40.78 -29.89 -16.61
CA ILE B 2 39.48 -29.32 -16.22
C ILE B 2 38.95 -28.48 -17.38
N GLN B 3 37.62 -28.43 -17.48
CA GLN B 3 36.95 -27.42 -18.29
C GLN B 3 36.27 -26.44 -17.35
N LEU B 4 36.56 -25.17 -17.56
CA LEU B 4 36.06 -24.11 -16.69
C LEU B 4 35.25 -23.14 -17.54
N PHE B 5 33.94 -23.15 -17.36
CA PHE B 5 33.06 -22.33 -18.18
C PHE B 5 32.45 -21.22 -17.32
N ASP B 6 32.49 -20.00 -17.84
CA ASP B 6 31.84 -18.88 -17.15
C ASP B 6 30.37 -19.18 -16.91
N TYR B 7 29.62 -19.38 -17.98
CA TYR B 7 28.19 -19.62 -17.91
C TYR B 7 27.87 -21.01 -18.40
N TYR B 8 26.71 -21.51 -17.97
CA TYR B 8 26.11 -22.69 -18.57
C TYR B 8 25.04 -22.25 -19.56
N ASN B 9 25.14 -22.73 -20.78
CA ASN B 9 24.16 -22.50 -21.84
C ASN B 9 24.45 -23.54 -22.91
N GLN B 10 23.71 -23.48 -24.01
CA GLN B 10 23.87 -24.51 -25.04
C GLN B 10 25.26 -24.44 -25.69
N GLU B 11 25.77 -23.22 -25.94
CA GLU B 11 27.08 -23.10 -26.55
C GLU B 11 28.16 -23.78 -25.71
N THR B 12 28.09 -23.65 -24.39
CA THR B 12 29.05 -24.35 -23.56
C THR B 12 28.72 -25.83 -23.44
N GLN B 13 27.44 -26.20 -23.59
CA GLN B 13 27.09 -27.62 -23.60
C GLN B 13 27.63 -28.30 -24.85
N ASP B 14 27.41 -27.69 -26.02
CA ASP B 14 27.91 -28.25 -27.26
C ASP B 14 29.43 -28.42 -27.21
N LEU B 15 30.13 -27.37 -26.82
CA LEU B 15 31.57 -27.48 -26.60
C LEU B 15 31.88 -28.61 -25.64
N HIS B 16 31.16 -28.68 -24.53
CA HIS B 16 31.41 -29.72 -23.54
C HIS B 16 31.08 -31.10 -24.09
N ASP B 17 29.92 -31.23 -24.75
CA ASP B 17 29.51 -32.53 -25.26
C ASP B 17 30.45 -33.03 -26.34
N SER B 18 30.95 -32.13 -27.18
CA SER B 18 31.92 -32.51 -28.19
C SER B 18 33.17 -33.09 -27.56
N LEU B 19 33.82 -32.31 -26.69
CA LEU B 19 35.04 -32.76 -26.02
C LEU B 19 34.84 -34.12 -25.37
N LEU B 20 33.70 -34.32 -24.72
CA LEU B 20 33.42 -35.60 -24.07
C LEU B 20 33.38 -36.73 -25.09
N ALA B 21 32.83 -36.46 -26.28
CA ALA B 21 32.78 -37.48 -27.33
C ALA B 21 34.19 -37.88 -27.75
N ALA B 22 35.12 -36.93 -27.78
CA ALA B 22 36.48 -37.14 -28.25
C ALA B 22 37.40 -37.68 -27.15
N GLY B 23 36.84 -38.08 -26.01
CA GLY B 23 37.62 -38.75 -24.98
C GLY B 23 38.20 -37.84 -23.93
N TYR B 24 37.60 -36.67 -23.71
CA TYR B 24 38.11 -35.63 -22.85
C TYR B 24 37.46 -35.58 -21.48
N ALA B 25 36.81 -36.65 -21.03
CA ALA B 25 36.02 -36.50 -19.81
C ALA B 25 36.99 -36.21 -18.67
N CYS B 26 36.93 -34.95 -18.23
CA CYS B 26 37.63 -34.37 -17.10
C CYS B 26 36.52 -33.87 -16.18
N PRO B 27 36.83 -33.28 -15.02
CA PRO B 27 35.80 -32.54 -14.29
C PRO B 27 35.53 -31.20 -14.95
N THR B 28 34.28 -30.76 -14.84
CA THR B 28 33.81 -29.54 -15.47
C THR B 28 33.30 -28.58 -14.42
N ILE B 29 33.74 -27.33 -14.48
CA ILE B 29 33.39 -26.31 -13.51
C ILE B 29 32.69 -25.17 -14.24
N VAL B 30 31.48 -24.84 -13.81
CA VAL B 30 30.80 -23.63 -14.25
C VAL B 30 30.89 -22.61 -13.12
N ILE B 31 31.40 -21.43 -13.43
CA ILE B 31 31.55 -20.40 -12.40
C ILE B 31 30.19 -19.85 -12.00
N GLU B 32 29.31 -19.67 -12.97
CA GLU B 32 27.97 -19.14 -12.71
C GLU B 32 27.26 -19.98 -11.67
N ALA B 33 26.40 -19.31 -10.89
CA ALA B 33 25.70 -19.87 -9.75
C ALA B 33 24.49 -20.68 -10.16
N ASN B 34 24.45 -21.07 -11.44
CA ASN B 34 23.32 -21.76 -12.04
C ASN B 34 22.84 -22.92 -11.18
N GLY B 35 21.53 -22.95 -10.96
CA GLY B 35 20.90 -23.95 -10.11
C GLY B 35 20.49 -25.21 -10.86
N PHE B 36 20.36 -25.15 -12.18
CA PHE B 36 20.10 -26.35 -12.96
C PHE B 36 21.36 -26.63 -13.77
N LEU B 37 22.20 -27.41 -13.23
CA LEU B 37 23.40 -27.88 -13.91
C LEU B 37 23.26 -29.35 -14.24
N PRO B 38 23.63 -29.77 -15.45
CA PRO B 38 23.79 -31.22 -15.68
C PRO B 38 24.65 -31.86 -14.61
N ASP B 39 24.28 -33.07 -14.20
CA ASP B 39 25.05 -33.77 -13.18
C ASP B 39 26.51 -33.89 -13.57
N ASP B 40 26.79 -33.79 -14.87
CA ASP B 40 28.15 -33.70 -15.40
C ASP B 40 28.98 -32.67 -14.65
N MSE B 41 28.39 -31.53 -14.31
CA MSE B 41 29.16 -30.37 -13.88
C MSE B 41 28.94 -30.01 -12.41
O MSE B 41 28.12 -30.61 -11.73
CB MSE B 41 28.82 -29.18 -14.79
CG MSE B 41 28.52 -29.62 -16.22
SE MSE B 41 28.16 -28.20 -17.50
CE MSE B 41 27.46 -29.27 -18.97
N ILE B 42 29.70 -29.02 -11.94
CA ILE B 42 29.61 -28.50 -10.58
C ILE B 42 29.91 -27.01 -10.63
N SER B 43 29.58 -26.31 -9.54
CA SER B 43 29.90 -24.90 -9.41
C SER B 43 30.32 -24.63 -7.97
N PRO B 44 31.32 -23.76 -7.77
CA PRO B 44 31.76 -23.49 -6.39
C PRO B 44 30.68 -22.88 -5.52
N TYR B 45 29.71 -22.19 -6.12
CA TYR B 45 28.63 -21.60 -5.35
C TYR B 45 27.65 -22.66 -4.85
N THR B 46 27.31 -23.62 -5.70
CA THR B 46 26.33 -24.66 -5.38
C THR B 46 26.95 -25.89 -4.75
N TYR B 47 28.28 -26.00 -4.76
CA TYR B 47 28.94 -27.28 -4.45
C TYR B 47 28.84 -27.61 -2.97
N PHE B 48 28.94 -26.62 -2.09
CA PHE B 48 29.05 -26.84 -0.66
C PHE B 48 27.70 -26.79 0.07
N LEU B 49 26.60 -26.62 -0.65
CA LEU B 49 25.33 -26.31 -0.01
C LEU B 49 24.61 -27.54 0.55
N GLY B 50 25.01 -28.75 0.15
CA GLY B 50 24.43 -29.94 0.70
C GLY B 50 23.27 -30.54 -0.08
N ASP B 51 22.98 -30.01 -1.27
CA ASP B 51 21.92 -30.59 -2.10
C ASP B 51 22.30 -32.01 -2.52
N GLU B 52 21.27 -32.86 -2.62
CA GLU B 52 21.46 -34.24 -3.06
C GLU B 52 21.64 -34.28 -4.57
N GLU B 53 22.70 -34.95 -5.02
CA GLU B 53 23.04 -34.96 -6.43
C GLU B 53 22.11 -35.88 -7.21
N GLY B 54 21.89 -35.54 -8.48
CA GLY B 54 21.08 -36.36 -9.35
C GLY B 54 19.60 -36.34 -9.05
N VAL B 55 19.09 -35.25 -8.48
CA VAL B 55 17.67 -35.08 -8.22
C VAL B 55 17.15 -34.01 -9.18
N ASP B 56 16.16 -34.37 -9.98
CA ASP B 56 15.45 -33.37 -10.77
C ASP B 56 13.96 -33.47 -10.42
N HIS B 57 13.52 -32.59 -9.51
CA HIS B 57 12.09 -32.41 -9.23
C HIS B 57 11.88 -30.95 -8.83
N PRO B 58 11.98 -30.03 -9.79
CA PRO B 58 11.93 -28.61 -9.45
C PRO B 58 10.58 -28.16 -8.92
N LEU B 59 10.47 -26.89 -8.57
CA LEU B 59 9.21 -26.34 -8.11
C LEU B 59 8.33 -26.00 -9.31
N PHE B 60 7.03 -26.23 -9.14
CA PHE B 60 6.02 -25.83 -10.10
C PHE B 60 5.49 -24.46 -9.68
N PHE B 61 5.16 -23.63 -10.67
CA PHE B 61 4.96 -22.20 -10.45
C PHE B 61 4.07 -21.90 -9.24
N ASN B 62 3.09 -22.75 -8.97
CA ASN B 62 2.14 -22.53 -7.89
C ASN B 62 2.57 -23.21 -6.58
N GLN B 63 3.78 -23.76 -6.53
CA GLN B 63 4.34 -24.29 -5.29
C GLN B 63 5.30 -23.33 -4.60
N VAL B 64 5.53 -22.14 -5.16
CA VAL B 64 6.30 -21.09 -4.50
C VAL B 64 5.65 -20.81 -3.15
N PRO B 65 6.34 -20.97 -2.03
CA PRO B 65 5.73 -20.64 -0.74
C PRO B 65 5.47 -19.14 -0.63
N VAL B 66 4.23 -18.78 -0.29
CA VAL B 66 3.80 -17.39 -0.25
C VAL B 66 3.14 -17.14 1.09
N PRO B 67 2.95 -15.89 1.49
CA PRO B 67 2.17 -15.62 2.68
C PRO B 67 0.82 -16.24 2.58
N PRO B 68 0.18 -16.60 3.69
CA PRO B 68 -1.11 -17.28 3.64
C PRO B 68 -2.11 -16.48 2.80
N PHE B 69 -2.85 -17.23 1.97
CA PHE B 69 -3.96 -16.72 1.14
C PHE B 69 -3.49 -15.92 -0.07
N TRP B 70 -2.20 -15.60 -0.16
CA TRP B 70 -1.72 -14.86 -1.32
C TRP B 70 -1.90 -15.71 -2.58
N GLU B 71 -2.19 -15.03 -3.70
CA GLU B 71 -2.68 -15.66 -4.91
C GLU B 71 -1.56 -15.80 -5.94
N ILE B 72 -1.29 -17.04 -6.35
CA ILE B 72 -0.33 -17.33 -7.41
C ILE B 72 -1.10 -17.60 -8.70
N THR B 73 -0.72 -16.89 -9.77
CA THR B 73 -1.26 -17.12 -11.11
C THR B 73 -0.11 -17.14 -12.09
N GLY B 74 -0.38 -17.60 -13.31
CA GLY B 74 0.60 -17.46 -14.37
C GLY B 74 0.13 -18.07 -15.67
N ASP B 75 0.74 -17.59 -16.75
CA ASP B 75 0.60 -18.09 -18.11
C ASP B 75 1.81 -18.96 -18.48
N HIS B 76 1.98 -19.23 -19.77
CA HIS B 76 3.06 -20.08 -20.26
C HIS B 76 4.43 -19.39 -20.27
N GLN B 77 4.52 -18.05 -20.20
CA GLN B 77 5.83 -17.42 -20.14
C GLN B 77 6.25 -16.88 -18.77
N VAL B 78 5.37 -16.81 -17.78
CA VAL B 78 5.72 -16.19 -16.49
C VAL B 78 4.62 -16.45 -15.47
N ALA B 79 4.83 -16.00 -14.23
CA ALA B 79 3.86 -16.16 -13.17
C ALA B 79 3.93 -14.94 -12.23
N ARG B 80 3.06 -14.95 -11.22
CA ARG B 80 2.87 -13.77 -10.38
C ARG B 80 2.43 -14.21 -8.98
N VAL B 81 2.82 -13.42 -7.99
CA VAL B 81 2.27 -13.51 -6.64
C VAL B 81 1.55 -12.21 -6.34
N SER B 82 0.34 -12.31 -5.77
CA SER B 82 -0.48 -11.14 -5.49
C SER B 82 -1.02 -11.18 -4.07
N ASP B 83 -1.16 -9.99 -3.48
CA ASP B 83 -1.88 -9.78 -2.24
C ASP B 83 -3.03 -8.83 -2.58
N MSE B 84 -4.27 -9.34 -2.47
CA MSE B 84 -5.46 -8.57 -2.83
C MSE B 84 -5.34 -7.92 -4.19
O MSE B 84 -5.67 -6.76 -4.38
CB MSE B 84 -5.75 -7.51 -1.77
CG MSE B 84 -5.95 -8.09 -0.38
SE MSE B 84 -7.50 -9.27 -0.30
CE MSE B 84 -8.89 -7.92 -0.34
N GLY B 85 -4.85 -8.69 -5.17
CA GLY B 85 -4.70 -8.23 -6.52
C GLY B 85 -3.49 -7.36 -6.79
N GLU B 86 -2.77 -6.94 -5.76
CA GLU B 86 -1.61 -6.07 -5.94
C GLU B 86 -0.36 -6.91 -6.17
N GLU B 87 0.42 -6.55 -7.19
CA GLU B 87 1.57 -7.36 -7.58
C GLU B 87 2.62 -7.35 -6.49
N ARG B 88 3.13 -8.54 -6.17
CA ARG B 88 4.13 -8.71 -5.13
C ARG B 88 5.40 -9.35 -5.68
N ALA B 89 5.31 -10.52 -6.30
CA ALA B 89 6.48 -11.16 -6.87
C ALA B 89 6.26 -11.50 -8.34
N ARG B 90 7.37 -11.68 -9.05
CA ARG B 90 7.39 -12.31 -10.36
C ARG B 90 8.08 -13.66 -10.25
N ILE B 91 7.42 -14.71 -10.73
CA ILE B 91 8.00 -16.05 -10.76
C ILE B 91 8.53 -16.30 -12.16
N HIS B 92 9.83 -16.56 -12.28
CA HIS B 92 10.48 -16.74 -13.56
C HIS B 92 10.71 -18.22 -13.84
N TYR B 93 10.49 -18.61 -15.08
CA TYR B 93 10.46 -20.01 -15.46
C TYR B 93 11.84 -20.50 -15.87
N ALA B 94 12.31 -21.57 -15.24
CA ALA B 94 13.48 -22.27 -15.72
C ALA B 94 13.20 -22.80 -17.11
N SER B 95 14.11 -22.55 -18.05
CA SER B 95 13.81 -22.89 -19.43
C SER B 95 14.19 -24.35 -19.62
N GLN B 96 13.16 -25.19 -19.66
CA GLN B 96 13.28 -26.63 -19.74
C GLN B 96 12.21 -27.11 -20.70
N ALA B 97 12.35 -28.36 -21.16
CA ALA B 97 11.30 -28.96 -21.97
C ALA B 97 9.96 -28.88 -21.23
N ARG B 98 9.96 -29.27 -19.96
CA ARG B 98 8.77 -29.08 -19.13
C ARG B 98 8.60 -27.59 -18.82
N GLY B 99 7.35 -27.11 -18.91
CA GLY B 99 7.08 -25.72 -18.68
C GLY B 99 6.66 -25.42 -17.25
N ARG B 100 6.79 -24.14 -16.89
CA ARG B 100 6.34 -23.60 -15.61
C ARG B 100 7.13 -24.16 -14.42
N LEU B 101 8.42 -24.42 -14.62
CA LEU B 101 9.29 -24.83 -13.52
C LEU B 101 9.96 -23.60 -12.93
N VAL B 102 10.02 -23.55 -11.59
CA VAL B 102 10.45 -22.34 -10.90
C VAL B 102 11.97 -22.26 -10.93
N LYS B 103 12.48 -21.19 -11.53
CA LYS B 103 13.90 -20.84 -11.52
C LYS B 103 14.19 -19.79 -10.46
N GLN B 104 13.55 -18.62 -10.59
CA GLN B 104 13.84 -17.48 -9.74
C GLN B 104 12.53 -16.72 -9.49
N VAL B 105 12.27 -16.35 -8.24
CA VAL B 105 11.10 -15.56 -7.89
C VAL B 105 11.55 -14.19 -7.39
N ASP B 106 11.02 -13.13 -7.99
CA ASP B 106 11.49 -11.76 -7.78
C ASP B 106 10.46 -11.01 -6.93
N TRP B 107 10.80 -10.73 -5.67
CA TRP B 107 9.89 -10.04 -4.77
C TRP B 107 9.99 -8.53 -4.95
N LEU B 108 8.86 -7.86 -4.84
CA LEU B 108 8.77 -6.41 -5.05
C LEU B 108 8.27 -5.73 -3.79
N ASP B 109 8.51 -4.42 -3.70
CA ASP B 109 7.84 -3.61 -2.69
C ASP B 109 6.56 -3.03 -3.27
N LYS B 110 5.83 -2.26 -2.46
CA LYS B 110 4.51 -1.80 -2.85
C LYS B 110 4.56 -0.77 -3.96
N LYS B 111 5.72 -0.16 -4.22
CA LYS B 111 5.88 0.69 -5.39
C LYS B 111 6.36 -0.08 -6.60
N GLY B 112 6.54 -1.40 -6.48
CA GLY B 112 6.82 -2.24 -7.62
C GLY B 112 8.28 -2.44 -7.98
N GLN B 113 9.21 -1.87 -7.21
CA GLN B 113 10.63 -2.03 -7.51
C GLN B 113 11.12 -3.39 -7.03
N LEU B 114 12.17 -3.89 -7.68
CA LEU B 114 12.76 -5.16 -7.33
C LEU B 114 13.58 -5.03 -6.05
N ARG B 115 13.43 -6.02 -5.17
CA ARG B 115 14.10 -5.99 -3.87
C ARG B 115 14.87 -7.29 -3.61
N LEU B 116 14.18 -8.42 -3.65
CA LEU B 116 14.82 -9.73 -3.52
C LEU B 116 14.67 -10.54 -4.80
N SER B 117 15.72 -11.30 -5.13
CA SER B 117 15.65 -12.40 -6.10
C SER B 117 16.02 -13.66 -5.35
N GLU B 118 15.04 -14.54 -5.15
CA GLU B 118 15.29 -15.83 -4.51
C GLU B 118 15.39 -16.89 -5.58
N ARG B 119 16.49 -17.65 -5.57
CA ARG B 119 16.87 -18.51 -6.67
C ARG B 119 16.67 -19.97 -6.32
N TYR B 120 16.16 -20.73 -7.28
CA TYR B 120 15.83 -22.13 -7.09
C TYR B 120 16.68 -23.00 -8.01
N ASN B 121 16.97 -24.21 -7.54
CA ASN B 121 17.78 -25.18 -8.26
C ASN B 121 16.89 -26.24 -8.91
N LYS B 122 17.50 -27.26 -9.50
CA LYS B 122 16.72 -28.34 -10.10
C LYS B 122 16.05 -29.22 -9.04
N GLN B 123 16.51 -29.17 -7.79
CA GLN B 123 15.91 -29.93 -6.72
C GLN B 123 14.70 -29.24 -6.10
N GLY B 124 14.36 -28.05 -6.56
CA GLY B 124 13.22 -27.31 -6.06
C GLY B 124 13.49 -26.48 -4.82
N ARG B 125 14.68 -26.56 -4.25
CA ARG B 125 15.03 -25.75 -3.10
C ARG B 125 15.46 -24.35 -3.53
N CYS B 126 15.30 -23.39 -2.62
CA CYS B 126 15.81 -22.03 -2.82
C CYS B 126 17.18 -21.94 -2.16
N PHE B 127 18.23 -21.90 -2.98
CA PHE B 127 19.60 -21.90 -2.47
C PHE B 127 20.21 -20.51 -2.36
N ALA B 128 19.58 -19.48 -2.92
CA ALA B 128 20.17 -18.16 -2.92
C ALA B 128 19.10 -17.10 -2.91
N LYS B 129 19.36 -16.01 -2.20
CA LYS B 129 18.59 -14.78 -2.31
C LYS B 129 19.55 -13.65 -2.64
N THR B 130 19.18 -12.83 -3.61
CA THR B 130 19.91 -11.63 -3.94
C THR B 130 19.15 -10.43 -3.39
N ALA B 131 19.87 -9.52 -2.76
CA ALA B 131 19.29 -8.31 -2.19
C ALA B 131 19.69 -7.11 -3.04
N TYR B 132 18.76 -6.18 -3.25
CA TYR B 132 18.98 -5.03 -4.11
C TYR B 132 18.88 -3.73 -3.32
N LYS B 133 19.86 -2.86 -3.51
CA LYS B 133 19.78 -1.50 -3.00
C LYS B 133 19.01 -0.63 -3.99
N SER B 134 19.10 0.69 -3.83
CA SER B 134 18.09 1.62 -4.32
C SER B 134 17.84 1.48 -5.82
N GLY B 135 18.88 1.62 -6.64
CA GLY B 135 18.67 1.78 -8.06
C GLY B 135 18.29 0.49 -8.75
N GLN B 136 17.83 -0.49 -7.95
CA GLN B 136 17.73 -1.88 -8.36
C GLN B 136 19.11 -2.43 -8.71
N GLU B 137 20.13 -1.86 -8.06
CA GLU B 137 21.48 -2.41 -8.11
C GLU B 137 21.58 -3.59 -7.15
N ALA B 138 22.28 -4.64 -7.59
CA ALA B 138 22.47 -5.80 -6.73
C ALA B 138 23.39 -5.43 -5.57
N PHE B 139 22.90 -5.63 -4.34
CA PHE B 139 23.75 -5.41 -3.17
C PHE B 139 24.64 -6.63 -2.91
N ASN B 140 24.03 -7.78 -2.61
CA ASN B 140 24.79 -8.99 -2.37
C ASN B 140 23.96 -10.19 -2.79
N THR B 141 24.56 -11.37 -2.65
CA THR B 141 23.84 -12.64 -2.80
C THR B 141 24.32 -13.59 -1.72
N THR B 142 23.37 -14.16 -0.99
CA THR B 142 23.67 -15.17 0.02
C THR B 142 23.34 -16.55 -0.53
N TYR B 143 24.20 -17.52 -0.26
CA TYR B 143 23.97 -18.90 -0.64
C TYR B 143 23.86 -19.73 0.63
N TYR B 144 22.75 -20.45 0.76
CA TYR B 144 22.40 -21.13 2.00
C TYR B 144 22.62 -22.63 1.88
N SER B 145 22.95 -23.25 3.01
CA SER B 145 22.96 -24.70 3.06
C SER B 145 21.53 -25.22 3.03
N THR B 146 21.38 -26.54 2.99
CA THR B 146 20.04 -27.10 3.06
C THR B 146 19.44 -26.97 4.45
N ASP B 147 20.24 -26.55 5.44
CA ASP B 147 19.78 -26.23 6.77
C ASP B 147 19.51 -24.75 6.97
N GLY B 148 19.71 -23.94 5.92
CA GLY B 148 19.44 -22.52 6.02
C GLY B 148 20.53 -21.68 6.65
N GLN B 149 21.79 -22.09 6.49
CA GLN B 149 22.92 -21.40 7.10
C GLN B 149 23.72 -20.69 6.02
N GLU B 150 24.40 -19.61 6.38
CA GLU B 150 25.14 -18.87 5.36
C GLU B 150 26.41 -19.65 5.03
N ARG B 151 26.47 -20.17 3.80
CA ARG B 151 27.71 -20.71 3.27
C ARG B 151 28.53 -19.69 2.51
N ILE B 152 27.90 -18.85 1.68
CA ILE B 152 28.61 -17.88 0.86
C ILE B 152 27.83 -16.57 0.86
N VAL B 153 28.50 -15.48 1.21
CA VAL B 153 27.95 -14.13 1.11
C VAL B 153 28.86 -13.36 0.17
N GLU B 154 28.37 -13.04 -1.02
CA GLU B 154 29.18 -12.33 -2.01
C GLU B 154 28.70 -10.88 -2.09
N ASN B 155 29.55 -9.96 -1.66
CA ASN B 155 29.26 -8.54 -1.73
C ASN B 155 29.46 -8.06 -3.15
N HIS B 156 28.40 -7.54 -3.78
CA HIS B 156 28.49 -7.17 -5.18
C HIS B 156 29.08 -5.78 -5.38
N VAL B 157 29.12 -4.94 -4.35
CA VAL B 157 29.72 -3.62 -4.51
C VAL B 157 31.24 -3.70 -4.40
N THR B 158 31.74 -4.39 -3.36
CA THR B 158 33.18 -4.50 -3.17
C THR B 158 33.80 -5.71 -3.86
N GLY B 159 33.00 -6.70 -4.28
CA GLY B 159 33.52 -7.95 -4.77
C GLY B 159 33.90 -8.96 -3.70
N ASP B 160 34.02 -8.54 -2.45
CA ASP B 160 34.45 -9.44 -1.38
C ASP B 160 33.50 -10.62 -1.25
N ILE B 161 34.07 -11.83 -1.19
CA ILE B 161 33.30 -13.05 -1.02
C ILE B 161 33.63 -13.61 0.36
N ILE B 162 32.62 -13.70 1.21
CA ILE B 162 32.79 -14.25 2.55
C ILE B 162 32.35 -15.70 2.49
N LEU B 163 33.31 -16.61 2.66
CA LEU B 163 33.08 -18.05 2.60
C LEU B 163 33.15 -18.60 4.02
N THR B 164 32.02 -19.11 4.51
CA THR B 164 32.02 -19.86 5.76
C THR B 164 31.36 -21.21 5.52
N LEU B 165 32.18 -22.27 5.52
CA LEU B 165 31.68 -23.62 5.37
C LEU B 165 31.47 -24.21 6.75
N ASP B 166 30.94 -25.43 6.80
CA ASP B 166 30.54 -25.99 8.09
C ASP B 166 31.76 -26.41 8.90
N GLN B 167 31.76 -26.06 10.18
CA GLN B 167 32.79 -26.46 11.14
C GLN B 167 34.18 -26.04 10.70
N GLU B 168 34.26 -25.03 9.83
CA GLU B 168 35.50 -24.42 9.39
C GLU B 168 35.44 -22.93 9.74
N PRO B 169 36.58 -22.30 9.96
CA PRO B 169 36.57 -20.86 10.25
C PRO B 169 36.23 -20.05 9.00
N LEU B 170 36.08 -18.74 9.23
CA LEU B 170 35.58 -17.83 8.21
C LEU B 170 36.72 -17.36 7.31
N ARG B 171 36.48 -17.37 6.00
CA ARG B 171 37.46 -16.93 5.02
C ARG B 171 36.87 -15.86 4.13
N ILE B 172 37.61 -14.77 3.94
CA ILE B 172 37.22 -13.68 3.06
C ILE B 172 38.09 -13.75 1.81
N PHE B 173 37.44 -13.75 0.64
CA PHE B 173 38.14 -13.76 -0.64
C PHE B 173 37.92 -12.42 -1.32
N LYS B 174 39.03 -11.74 -1.65
CA LYS B 174 38.93 -10.38 -2.17
C LYS B 174 38.27 -10.31 -3.54
N SER B 175 38.18 -11.42 -4.28
CA SER B 175 37.64 -11.37 -5.63
C SER B 175 37.11 -12.73 -6.04
N ARG B 176 36.32 -12.72 -7.12
CA ARG B 176 35.76 -13.96 -7.67
C ARG B 176 36.85 -14.90 -8.14
N VAL B 177 37.93 -14.35 -8.73
CA VAL B 177 39.05 -15.19 -9.14
C VAL B 177 39.64 -15.92 -7.96
N ASP B 178 39.87 -15.20 -6.86
CA ASP B 178 40.44 -15.82 -5.67
C ASP B 178 39.51 -16.88 -5.09
N PHE B 179 38.20 -16.76 -5.29
CA PHE B 179 37.29 -17.78 -4.80
C PHE B 179 37.38 -19.05 -5.65
N ILE B 180 37.32 -18.90 -6.97
CA ILE B 180 37.44 -20.05 -7.87
C ILE B 180 38.74 -20.80 -7.60
N ARG B 181 39.81 -20.05 -7.39
CA ARG B 181 41.13 -20.61 -7.12
C ARG B 181 41.14 -21.47 -5.87
N PHE B 182 40.54 -20.97 -4.80
CA PHE B 182 40.35 -21.79 -3.62
C PHE B 182 39.62 -23.08 -3.97
N PHE B 183 38.60 -22.97 -4.82
CA PHE B 183 37.80 -24.14 -5.18
C PHE B 183 38.62 -25.17 -5.95
N LEU B 184 39.47 -24.72 -6.88
CA LEU B 184 40.29 -25.64 -7.64
C LEU B 184 41.29 -26.36 -6.74
N GLU B 185 41.98 -25.61 -5.88
CA GLU B 185 42.90 -26.24 -4.93
C GLU B 185 42.15 -27.14 -3.97
N ARG B 186 40.99 -26.70 -3.49
CA ARG B 186 40.24 -27.44 -2.48
C ARG B 186 39.84 -28.82 -2.98
N LEU B 187 39.42 -28.90 -4.23
CA LEU B 187 39.03 -30.18 -4.82
C LEU B 187 40.22 -30.95 -5.38
N ASP B 188 41.43 -30.40 -5.27
CA ASP B 188 42.65 -31.08 -5.70
C ASP B 188 42.57 -31.46 -7.19
N LEU B 189 41.97 -30.57 -7.99
CA LEU B 189 41.79 -30.85 -9.40
C LEU B 189 43.10 -30.67 -10.15
N ASP B 190 43.34 -31.57 -11.09
CA ASP B 190 44.59 -31.58 -11.84
C ASP B 190 44.56 -30.50 -12.91
N LEU B 191 45.52 -29.58 -12.84
CA LEU B 191 45.55 -28.36 -13.61
C LEU B 191 46.42 -28.42 -14.88
N ASP B 192 46.72 -29.63 -15.40
CA ASP B 192 47.48 -29.76 -16.65
C ASP B 192 47.05 -28.72 -17.65
N HIS B 193 45.75 -28.66 -17.84
CA HIS B 193 45.12 -27.96 -18.94
C HIS B 193 43.82 -27.39 -18.41
N ILE B 194 43.54 -26.15 -18.77
CA ILE B 194 42.28 -25.51 -18.44
C ILE B 194 41.66 -25.14 -19.78
N LEU B 195 40.57 -25.81 -20.15
CA LEU B 195 39.82 -25.39 -21.33
C LEU B 195 38.66 -24.55 -20.86
N PHE B 196 38.55 -23.35 -21.40
CA PHE B 196 37.54 -22.40 -20.97
C PHE B 196 36.97 -21.67 -22.17
N ASN B 197 35.73 -21.21 -22.02
CA ASN B 197 34.95 -20.64 -23.11
C ASN B 197 34.85 -19.12 -23.16
N SER B 198 35.48 -18.36 -22.25
CA SER B 198 35.29 -16.92 -22.33
C SER B 198 36.48 -16.16 -21.74
N LEU B 199 36.42 -14.83 -21.90
CA LEU B 199 37.44 -13.89 -21.44
C LEU B 199 37.10 -13.26 -20.09
N ALA B 200 36.04 -13.73 -19.45
CA ALA B 200 35.68 -13.37 -18.08
C ALA B 200 36.54 -14.16 -17.10
N TYR B 201 36.07 -14.26 -15.85
CA TYR B 201 36.83 -14.90 -14.77
C TYR B 201 37.47 -16.22 -15.19
N SER B 202 36.77 -17.01 -16.00
CA SER B 202 37.31 -18.28 -16.48
C SER B 202 38.64 -18.10 -17.19
N PHE B 203 38.84 -16.92 -17.77
CA PHE B 203 40.17 -16.64 -18.28
C PHE B 203 41.08 -16.14 -17.17
N LEU B 204 40.62 -15.16 -16.41
CA LEU B 204 41.47 -14.57 -15.38
C LEU B 204 41.93 -15.58 -14.34
N VAL B 205 41.27 -16.73 -14.22
CA VAL B 205 41.87 -17.80 -13.41
C VAL B 205 43.15 -18.30 -14.09
N SER B 206 43.14 -18.37 -15.43
CA SER B 206 44.33 -18.85 -16.13
C SER B 206 45.41 -17.78 -16.15
N HIS B 207 45.05 -16.55 -16.53
CA HIS B 207 46.03 -15.46 -16.58
C HIS B 207 46.77 -15.28 -15.26
N SER B 208 46.13 -15.62 -14.14
CA SER B 208 46.71 -15.44 -12.82
C SER B 208 47.43 -16.68 -12.30
N LEU B 209 47.42 -17.78 -13.05
CA LEU B 209 48.14 -19.00 -12.68
C LEU B 209 49.49 -19.15 -13.39
N THR B 210 49.95 -18.12 -14.12
CA THR B 210 51.18 -18.23 -14.91
C THR B 210 52.34 -18.80 -14.11
N GLY B 211 52.40 -18.51 -12.80
CA GLY B 211 53.46 -19.06 -11.97
C GLY B 211 53.54 -20.58 -12.05
N ARG B 212 52.39 -21.25 -12.07
CA ARG B 212 52.33 -22.69 -12.25
C ARG B 212 52.43 -23.06 -13.73
N ALA B 213 52.94 -24.27 -13.99
CA ALA B 213 53.23 -24.72 -15.35
C ALA B 213 52.10 -25.58 -15.90
N GLY B 214 51.69 -25.24 -17.12
CA GLY B 214 50.67 -25.95 -17.87
C GLY B 214 50.19 -25.03 -18.96
N GLN B 215 49.49 -25.59 -19.93
CA GLN B 215 48.94 -24.72 -20.96
C GLN B 215 47.47 -25.03 -21.22
N ASP B 216 46.73 -23.95 -21.44
CA ASP B 216 45.29 -23.95 -21.43
C ASP B 216 44.78 -23.46 -22.78
N ILE B 217 43.56 -23.84 -23.13
CA ILE B 217 42.96 -23.46 -24.39
C ILE B 217 41.69 -22.66 -24.11
N LEU B 218 41.49 -21.62 -24.91
CA LEU B 218 40.27 -20.84 -24.85
C LEU B 218 39.47 -21.11 -26.12
N PHE B 219 38.25 -21.60 -25.96
CA PHE B 219 37.34 -21.77 -27.07
C PHE B 219 36.49 -20.52 -27.13
N TRP B 220 36.74 -19.69 -28.13
CA TRP B 220 36.09 -18.38 -28.21
C TRP B 220 34.81 -18.52 -29.02
N GLN B 221 33.68 -18.38 -28.34
CA GLN B 221 32.37 -18.62 -28.96
C GLN B 221 31.57 -17.36 -29.30
N GLU B 222 32.03 -16.17 -28.97
CA GLU B 222 31.20 -14.98 -29.14
C GLU B 222 31.47 -14.35 -30.51
N PRO B 223 30.69 -13.33 -30.89
CA PRO B 223 30.93 -12.66 -32.18
C PRO B 223 32.17 -11.77 -32.15
N LEU B 224 32.62 -11.40 -33.35
CA LEU B 224 33.69 -10.44 -33.54
C LEU B 224 33.26 -9.34 -34.50
N TYR B 225 33.91 -8.20 -34.35
CA TYR B 225 33.51 -6.92 -34.90
C TYR B 225 34.78 -6.16 -35.29
N ASP B 226 34.66 -4.83 -35.39
CA ASP B 226 35.74 -3.98 -35.88
C ASP B 226 37.10 -4.31 -35.27
N GLU B 227 37.17 -4.54 -33.97
CA GLU B 227 38.44 -4.88 -33.35
C GLU B 227 38.36 -6.25 -32.67
N LEU B 228 39.49 -6.66 -32.12
CA LEU B 228 39.60 -7.73 -31.17
C LEU B 228 39.22 -7.21 -29.78
N PRO B 229 38.58 -7.99 -28.92
CA PRO B 229 38.52 -7.61 -27.50
C PRO B 229 39.94 -7.34 -27.00
N GLY B 230 40.07 -6.29 -26.18
CA GLY B 230 41.38 -5.91 -25.68
C GLY B 230 42.15 -7.09 -25.12
N ASN B 231 41.47 -7.95 -24.38
CA ASN B 231 42.13 -9.07 -23.73
C ASN B 231 42.45 -10.19 -24.70
N MSE B 232 41.72 -10.30 -25.80
CA MSE B 232 42.08 -11.31 -26.76
C MSE B 232 43.44 -10.92 -27.37
O MSE B 232 44.14 -11.75 -27.96
CB MSE B 232 40.99 -11.48 -27.79
CG MSE B 232 41.35 -12.08 -29.12
SE MSE B 232 39.69 -12.90 -29.72
CE MSE B 232 40.39 -14.30 -30.76
N GLN B 233 43.88 -9.68 -27.13
CA GLN B 233 45.20 -9.25 -27.57
C GLN B 233 46.31 -9.84 -26.70
N LEU B 234 46.20 -9.71 -25.38
CA LEU B 234 47.30 -10.04 -24.48
C LEU B 234 47.63 -11.53 -24.47
N ILE B 235 46.76 -12.37 -25.03
CA ILE B 235 47.14 -13.75 -25.25
C ILE B 235 47.99 -13.88 -26.51
N LEU B 236 47.79 -13.00 -27.49
CA LEU B 236 48.65 -12.97 -28.67
C LEU B 236 49.95 -12.23 -28.36
N ASP B 237 49.87 -11.12 -27.63
CA ASP B 237 51.04 -10.27 -27.41
C ASP B 237 51.96 -10.86 -26.34
N ASN B 238 51.41 -11.31 -25.22
CA ASN B 238 52.21 -12.00 -24.21
C ASN B 238 52.53 -13.41 -24.69
N SER B 239 53.78 -13.83 -24.46
CA SER B 239 54.19 -15.18 -24.78
C SER B 239 54.27 -16.13 -23.59
N GLN B 240 54.13 -15.64 -22.35
CA GLN B 240 54.32 -16.46 -21.17
C GLN B 240 53.03 -17.02 -20.59
N LEU B 241 51.87 -16.57 -21.04
CA LEU B 241 50.63 -16.93 -20.37
C LEU B 241 50.31 -18.40 -20.58
N ARG B 242 49.58 -18.98 -19.61
CA ARG B 242 49.27 -20.40 -19.67
C ARG B 242 48.48 -20.75 -20.93
N THR B 243 47.66 -19.83 -21.42
CA THR B 243 46.86 -20.06 -22.62
C THR B 243 47.53 -19.35 -23.79
N GLN B 244 48.09 -20.13 -24.71
CA GLN B 244 48.59 -19.64 -25.99
C GLN B 244 47.69 -20.00 -27.18
N THR B 245 46.52 -20.59 -26.95
CA THR B 245 45.71 -21.20 -28.01
C THR B 245 44.30 -20.63 -28.00
N ILE B 246 43.83 -20.17 -29.16
CA ILE B 246 42.47 -19.66 -29.28
C ILE B 246 41.74 -20.48 -30.35
N VAL B 247 40.84 -21.34 -29.91
CA VAL B 247 39.99 -22.15 -30.76
C VAL B 247 38.77 -21.33 -31.12
N ILE B 248 38.37 -21.35 -32.38
CA ILE B 248 37.18 -20.58 -32.79
C ILE B 248 36.27 -21.45 -33.65
N PRO B 249 35.33 -22.17 -33.02
CA PRO B 249 34.46 -23.08 -33.79
C PRO B 249 33.70 -22.41 -34.93
N ASP B 250 33.22 -21.19 -34.77
CA ASP B 250 32.53 -20.54 -35.89
C ASP B 250 33.55 -20.05 -36.90
N LEU B 251 33.44 -20.56 -38.15
CA LEU B 251 34.34 -20.19 -39.25
C LEU B 251 34.28 -18.72 -39.55
N ALA B 252 33.07 -18.24 -39.77
CA ALA B 252 32.85 -16.91 -40.29
C ALA B 252 33.60 -15.89 -39.48
N THR B 253 33.63 -16.06 -38.15
CA THR B 253 34.40 -15.13 -37.33
C THR B 253 35.88 -15.48 -37.32
N TYR B 254 36.22 -16.77 -37.43
CA TYR B 254 37.63 -17.15 -37.56
C TYR B 254 38.30 -16.39 -38.69
N GLU B 255 37.57 -16.17 -39.79
CA GLU B 255 38.10 -15.32 -40.86
C GLU B 255 38.19 -13.87 -40.39
N LYS B 256 37.15 -13.38 -39.74
CA LYS B 256 37.19 -12.03 -39.18
C LYS B 256 38.29 -11.90 -38.13
N ALA B 257 38.61 -13.00 -37.45
CA ALA B 257 39.72 -12.98 -36.49
C ALA B 257 41.06 -12.92 -37.21
N MSE B 258 41.27 -13.79 -38.19
CA MSE B 258 42.49 -13.78 -38.99
C MSE B 258 42.64 -12.45 -39.71
O MSE B 258 43.74 -11.99 -39.97
CB MSE B 258 42.51 -14.93 -40.00
CG MSE B 258 42.57 -16.33 -39.39
SE MSE B 258 44.14 -16.64 -38.28
CE MSE B 258 44.94 -18.12 -39.26
N SER B 259 41.51 -11.82 -40.06
CA SER B 259 41.56 -10.51 -40.71
C SER B 259 42.24 -9.48 -39.82
N LEU B 260 41.81 -9.40 -38.55
CA LEU B 260 42.28 -8.36 -37.64
C LEU B 260 43.57 -8.72 -36.92
N ALA B 261 44.00 -9.98 -37.00
CA ALA B 261 45.25 -10.38 -36.38
C ALA B 261 46.40 -10.16 -37.36
N ALA B 262 47.55 -9.74 -36.82
CA ALA B 262 48.69 -9.44 -37.66
C ALA B 262 49.34 -10.72 -38.17
N ALA B 263 50.12 -10.59 -39.25
CA ALA B 263 50.71 -11.74 -39.92
C ALA B 263 51.55 -12.57 -38.97
N ASP B 264 52.42 -11.91 -38.20
CA ASP B 264 53.09 -12.61 -37.11
C ASP B 264 52.08 -13.29 -36.20
N GLN B 265 50.92 -12.65 -35.96
CA GLN B 265 50.02 -12.91 -34.83
C GLN B 265 48.96 -13.99 -35.06
N GLN B 266 48.90 -14.61 -36.24
CA GLN B 266 47.88 -15.61 -36.52
C GLN B 266 48.34 -17.04 -36.27
N GLN B 267 49.53 -17.25 -35.70
CA GLN B 267 49.96 -18.62 -35.36
C GLN B 267 49.12 -19.25 -34.27
N LYS B 268 48.41 -18.44 -33.47
CA LYS B 268 47.72 -18.94 -32.29
C LYS B 268 46.28 -19.35 -32.56
N PHE B 269 45.73 -19.04 -33.72
CA PHE B 269 44.31 -19.30 -33.96
C PHE B 269 44.19 -20.68 -34.58
N LEU B 270 43.72 -21.61 -33.79
CA LEU B 270 43.24 -22.88 -34.28
C LEU B 270 41.76 -22.72 -34.59
N HIS B 271 41.28 -23.41 -35.60
CA HIS B 271 39.87 -23.43 -35.88
C HIS B 271 39.27 -24.84 -35.85
N LEU B 272 38.04 -24.95 -35.34
CA LEU B 272 37.30 -26.21 -35.09
C LEU B 272 35.79 -25.96 -35.22
N GLY B 273 34.98 -26.85 -34.69
CA GLY B 273 33.53 -26.84 -34.85
C GLY B 273 32.94 -27.60 -33.69
N TYR B 274 31.69 -28.05 -33.83
CA TYR B 274 31.11 -28.93 -32.83
C TYR B 274 30.64 -30.24 -33.47
N HIS B 275 30.67 -31.32 -32.68
CA HIS B 275 30.15 -32.60 -33.16
C HIS B 275 28.76 -32.75 -32.55
N TYR B 276 27.74 -32.53 -33.37
CA TYR B 276 26.38 -32.72 -32.93
C TYR B 276 26.04 -34.20 -32.96
N ASP B 277 25.19 -34.61 -32.04
CA ASP B 277 24.65 -35.96 -32.06
C ASP B 277 23.25 -35.84 -32.63
N PHE B 278 23.09 -36.21 -33.90
CA PHE B 278 21.80 -36.14 -34.58
C PHE B 278 20.97 -37.37 -34.24
N LYS B 279 19.66 -37.19 -34.20
CA LYS B 279 18.78 -38.25 -33.72
C LYS B 279 18.32 -39.23 -34.79
N ARG B 280 18.36 -38.87 -36.09
CA ARG B 280 17.92 -39.76 -37.16
C ARG B 280 18.10 -39.04 -38.50
N ASP B 281 18.12 -39.83 -39.57
CA ASP B 281 18.30 -39.29 -40.91
C ASP B 281 16.98 -38.71 -41.41
N ASN B 282 17.02 -38.12 -42.61
CA ASN B 282 15.94 -37.25 -43.04
C ASN B 282 14.73 -38.04 -43.53
N TYR B 283 14.84 -38.68 -44.71
CA TYR B 283 13.84 -39.47 -45.44
C TYR B 283 12.96 -38.65 -46.40
N LEU B 284 13.11 -37.34 -46.46
CA LEU B 284 12.58 -36.51 -47.57
C LEU B 284 11.07 -36.62 -47.74
N ARG B 285 10.33 -36.70 -46.65
CA ARG B 285 8.90 -36.92 -46.81
C ARG B 285 8.11 -35.62 -46.80
N LYS B 286 6.79 -35.77 -46.70
CA LYS B 286 5.81 -34.86 -47.26
C LYS B 286 5.32 -33.81 -46.28
N ASP B 287 5.87 -33.77 -45.07
CA ASP B 287 5.16 -33.20 -43.95
C ASP B 287 5.88 -31.99 -43.35
N ALA B 288 5.09 -30.99 -42.97
CA ALA B 288 5.58 -29.77 -42.35
C ALA B 288 5.30 -29.82 -40.85
N LEU B 289 6.20 -29.20 -40.09
CA LEU B 289 6.00 -29.03 -38.66
C LEU B 289 6.39 -27.61 -38.29
N ILE B 290 5.43 -26.83 -37.77
CA ILE B 290 5.69 -25.49 -37.28
C ILE B 290 5.19 -25.40 -35.84
N LEU B 291 5.97 -24.76 -34.99
CA LEU B 291 5.59 -24.49 -33.61
C LEU B 291 5.44 -22.99 -33.44
N THR B 292 4.22 -22.55 -33.14
CA THR B 292 3.91 -21.13 -32.99
C THR B 292 3.24 -20.90 -31.66
N HIS B 293 3.41 -19.70 -31.11
CA HIS B 293 2.60 -19.32 -29.97
C HIS B 293 1.26 -18.69 -30.37
N SER B 294 1.25 -17.81 -31.37
CA SER B 294 -0.02 -17.41 -31.96
C SER B 294 0.25 -16.68 -33.26
N ASP B 295 -0.84 -16.34 -33.92
CA ASP B 295 -0.77 -16.07 -35.33
C ASP B 295 -0.52 -14.56 -35.60
N GLN B 296 -0.25 -14.21 -36.86
CA GLN B 296 -0.16 -15.26 -37.85
C GLN B 296 1.19 -15.49 -38.49
N ILE B 297 1.39 -16.79 -38.71
CA ILE B 297 2.52 -17.33 -39.44
C ILE B 297 2.63 -16.53 -40.72
N GLU B 298 3.79 -15.95 -40.98
CA GLU B 298 3.90 -15.02 -42.09
C GLU B 298 3.87 -15.83 -43.39
N GLY B 299 2.88 -15.57 -44.22
CA GLY B 299 2.76 -16.22 -45.51
C GLY B 299 2.41 -17.69 -45.47
N LEU B 300 1.56 -18.10 -44.52
CA LEU B 300 1.13 -19.49 -44.52
C LEU B 300 0.16 -19.74 -45.67
N ASP B 301 -0.88 -18.91 -45.78
CA ASP B 301 -1.85 -19.01 -46.87
C ASP B 301 -1.15 -19.08 -48.23
N THR B 302 -0.17 -18.19 -48.42
CA THR B 302 0.65 -18.18 -49.62
C THR B 302 1.25 -19.56 -49.91
N LEU B 303 2.07 -20.08 -48.99
CA LEU B 303 2.82 -21.30 -49.23
C LEU B 303 1.94 -22.53 -49.35
N VAL B 304 0.81 -22.56 -48.65
CA VAL B 304 0.06 -23.79 -48.49
C VAL B 304 -0.77 -24.10 -49.73
N GLN B 305 -1.40 -23.08 -50.33
CA GLN B 305 -2.12 -23.29 -51.57
C GLN B 305 -1.18 -23.61 -52.73
N SER B 306 0.06 -23.09 -52.68
CA SER B 306 0.94 -23.20 -53.82
C SER B 306 1.61 -24.56 -53.88
N LEU B 307 1.80 -25.20 -52.72
CA LEU B 307 2.27 -26.57 -52.65
C LEU B 307 1.26 -27.41 -51.89
N PRO B 308 0.17 -27.81 -52.55
CA PRO B 308 -0.85 -28.67 -51.90
C PRO B 308 -0.37 -30.09 -51.58
N GLN B 309 0.73 -30.57 -52.16
CA GLN B 309 1.21 -31.93 -51.88
C GLN B 309 1.79 -32.07 -50.49
N LEU B 310 2.20 -30.97 -49.87
CA LEU B 310 2.93 -30.98 -48.61
C LEU B 310 1.97 -30.90 -47.44
N VAL B 311 2.09 -31.84 -46.50
CA VAL B 311 1.31 -31.79 -45.27
C VAL B 311 1.84 -30.67 -44.38
N PHE B 312 0.94 -29.92 -43.77
CA PHE B 312 1.31 -28.79 -42.90
C PHE B 312 0.76 -29.04 -41.51
N ARG B 313 1.65 -29.25 -40.55
CA ARG B 313 1.26 -29.44 -39.16
C ARG B 313 1.77 -28.26 -38.33
N ILE B 314 0.84 -27.57 -37.69
CA ILE B 314 1.16 -26.43 -36.84
C ILE B 314 0.64 -26.71 -35.45
N ALA B 315 1.47 -26.43 -34.45
CA ALA B 315 1.15 -26.77 -33.09
C ALA B 315 1.45 -25.62 -32.15
N ALA B 316 0.75 -25.65 -31.02
CA ALA B 316 0.98 -24.77 -29.89
C ALA B 316 0.42 -25.50 -28.69
N LEU B 317 0.90 -25.13 -27.49
CA LEU B 317 0.18 -25.59 -26.32
C LEU B 317 -0.84 -24.57 -25.84
N THR B 318 -0.87 -23.39 -26.44
CA THR B 318 -1.96 -22.44 -26.27
C THR B 318 -3.15 -22.94 -27.08
N GLU B 319 -4.22 -22.13 -27.11
CA GLU B 319 -5.30 -22.36 -28.06
C GLU B 319 -5.24 -21.36 -29.19
N MSE B 320 -5.74 -21.79 -30.33
CA MSE B 320 -5.56 -21.12 -31.59
C MSE B 320 -6.71 -20.11 -31.89
O MSE B 320 -7.88 -20.44 -31.68
CB MSE B 320 -5.43 -22.20 -32.66
CG MSE B 320 -4.54 -23.35 -32.26
SE MSE B 320 -3.94 -24.37 -33.81
CE MSE B 320 -2.02 -24.03 -33.70
N SER B 321 -6.37 -18.89 -32.33
CA SER B 321 -7.38 -17.90 -32.68
C SER B 321 -8.12 -18.34 -33.94
N PRO B 322 -9.44 -18.12 -34.02
CA PRO B 322 -10.14 -18.47 -35.27
C PRO B 322 -9.53 -17.84 -36.52
N LYS B 323 -8.65 -16.83 -36.35
CA LYS B 323 -7.86 -16.34 -37.48
C LYS B 323 -7.05 -17.45 -38.14
N LEU B 324 -6.36 -18.29 -37.34
CA LEU B 324 -5.72 -19.46 -37.95
C LEU B 324 -6.66 -20.64 -38.08
N LEU B 325 -7.62 -20.83 -37.16
CA LEU B 325 -8.54 -21.95 -37.24
C LEU B 325 -9.33 -21.85 -38.55
N SER B 326 -9.24 -20.68 -39.18
CA SER B 326 -9.76 -20.48 -40.53
C SER B 326 -8.98 -21.28 -41.57
N MSE B 327 -7.69 -21.53 -41.34
CA MSE B 327 -6.86 -22.08 -42.41
C MSE B 327 -6.90 -23.60 -42.51
O MSE B 327 -6.49 -24.17 -43.53
CB MSE B 327 -5.43 -21.59 -42.25
CG MSE B 327 -5.36 -20.09 -42.38
SE MSE B 327 -4.67 -19.59 -44.10
CE MSE B 327 -2.88 -20.11 -43.75
N LEU B 328 -7.47 -24.25 -41.51
CA LEU B 328 -7.67 -25.70 -41.58
C LEU B 328 -8.91 -26.02 -42.39
N SER B 329 -9.54 -24.99 -42.99
CA SER B 329 -10.45 -25.20 -44.10
C SER B 329 -9.83 -26.14 -45.13
N TYR B 330 -8.54 -25.97 -45.40
CA TYR B 330 -7.85 -26.90 -46.30
C TYR B 330 -7.79 -28.27 -45.67
N LYS B 331 -8.03 -29.30 -46.48
CA LYS B 331 -7.61 -30.64 -46.07
C LYS B 331 -6.10 -30.80 -46.15
N ASN B 332 -5.41 -29.77 -46.66
CA ASN B 332 -3.96 -29.76 -46.84
C ASN B 332 -3.23 -29.50 -45.53
N VAL B 333 -3.92 -28.97 -44.54
CA VAL B 333 -3.31 -28.57 -43.27
C VAL B 333 -3.83 -29.51 -42.17
N VAL B 334 -2.95 -29.84 -41.22
CA VAL B 334 -3.32 -30.50 -39.97
C VAL B 334 -2.82 -29.63 -38.82
N LEU B 335 -3.71 -29.34 -37.85
CA LEU B 335 -3.39 -28.43 -36.76
C LEU B 335 -3.56 -29.09 -35.40
N TYR B 336 -2.56 -28.87 -34.54
CA TYR B 336 -2.50 -29.45 -33.21
C TYR B 336 -2.53 -28.32 -32.19
N GLN B 337 -3.57 -28.27 -31.37
CA GLN B 337 -3.71 -27.18 -30.41
C GLN B 337 -3.72 -27.73 -28.99
N ASN B 338 -3.22 -26.91 -28.06
CA ASN B 338 -2.81 -27.36 -26.74
C ASN B 338 -2.03 -28.67 -26.87
N ALA B 339 -0.92 -28.58 -27.61
CA ALA B 339 -0.21 -29.78 -28.02
C ALA B 339 0.58 -30.36 -26.85
N SER B 340 0.42 -31.67 -26.64
CA SER B 340 1.19 -32.36 -25.63
C SER B 340 2.68 -32.39 -26.03
N LEU B 341 3.54 -32.56 -25.01
CA LEU B 341 4.94 -32.85 -25.30
C LEU B 341 5.08 -34.16 -26.03
N LYS B 342 4.29 -35.17 -25.63
CA LYS B 342 4.26 -36.42 -26.36
C LYS B 342 3.87 -36.20 -27.82
N GLN B 343 2.85 -35.38 -28.05
CA GLN B 343 2.42 -35.11 -29.42
C GLN B 343 3.49 -34.34 -30.18
N ILE B 344 4.19 -33.42 -29.51
CA ILE B 344 5.17 -32.60 -30.21
C ILE B 344 6.39 -33.43 -30.59
N GLU B 345 6.66 -34.50 -29.87
CA GLU B 345 7.71 -35.44 -30.28
C GLU B 345 7.30 -36.18 -31.55
N GLN B 346 6.09 -36.74 -31.57
CA GLN B 346 5.61 -37.48 -32.72
C GLN B 346 5.75 -36.67 -34.00
N LEU B 347 5.38 -35.40 -33.94
CA LEU B 347 5.45 -34.55 -35.13
C LEU B 347 6.89 -34.33 -35.56
N TYR B 348 7.83 -34.34 -34.61
CA TYR B 348 9.24 -34.27 -35.00
C TYR B 348 9.75 -35.57 -35.60
N LEU B 349 9.00 -36.67 -35.47
CA LEU B 349 9.28 -37.84 -36.29
C LEU B 349 8.65 -37.71 -37.67
N GLU B 350 7.41 -37.28 -37.74
CA GLU B 350 6.63 -37.40 -38.96
C GLU B 350 6.81 -36.23 -39.91
N SER B 351 7.70 -35.28 -39.60
CA SER B 351 7.96 -34.13 -40.46
C SER B 351 9.45 -34.03 -40.72
N ASP B 352 9.83 -33.88 -41.98
CA ASP B 352 11.22 -33.71 -42.36
C ASP B 352 11.61 -32.28 -42.72
N ILE B 353 10.71 -31.32 -42.62
CA ILE B 353 11.08 -29.91 -42.73
C ILE B 353 10.62 -29.21 -41.47
N TYR B 354 11.25 -28.07 -41.19
CA TYR B 354 10.69 -27.09 -40.26
C TYR B 354 10.79 -25.73 -40.92
N LEU B 355 9.65 -25.16 -41.29
CA LEU B 355 9.62 -23.79 -41.80
C LEU B 355 9.58 -22.85 -40.60
N ASP B 356 10.53 -21.92 -40.51
CA ASP B 356 10.50 -21.01 -39.37
C ASP B 356 9.78 -19.78 -39.90
N ILE B 357 8.45 -19.85 -39.80
CA ILE B 357 7.55 -18.90 -40.43
C ILE B 357 6.73 -18.08 -39.43
N ASN B 358 6.73 -18.46 -38.16
CA ASN B 358 5.85 -17.93 -37.14
C ASN B 358 6.32 -16.56 -36.65
N HIS B 359 5.40 -15.88 -35.96
CA HIS B 359 5.64 -14.58 -35.34
C HIS B 359 5.62 -14.73 -33.82
N GLY B 360 6.29 -13.80 -33.15
CA GLY B 360 6.36 -13.86 -31.70
C GLY B 360 7.54 -14.70 -31.23
N GLY B 361 7.39 -15.25 -30.03
CA GLY B 361 8.48 -15.97 -29.39
C GLY B 361 8.54 -17.44 -29.74
N GLN B 362 9.71 -18.02 -29.50
CA GLN B 362 10.00 -19.38 -29.90
C GLN B 362 9.37 -20.39 -28.95
N VAL B 363 9.03 -21.55 -29.49
CA VAL B 363 8.33 -22.59 -28.76
C VAL B 363 9.34 -23.71 -28.49
N LEU B 364 9.84 -23.76 -27.25
CA LEU B 364 10.69 -24.83 -26.71
C LEU B 364 11.81 -25.28 -27.65
N GLN B 365 12.73 -24.36 -27.92
CA GLN B 365 13.94 -24.64 -28.72
C GLN B 365 13.60 -25.43 -29.98
N ALA B 366 12.49 -25.05 -30.64
CA ALA B 366 12.00 -25.79 -31.79
C ALA B 366 13.00 -25.80 -32.92
N VAL B 367 13.68 -24.68 -33.16
CA VAL B 367 14.68 -24.63 -34.22
C VAL B 367 15.80 -25.63 -33.93
N ARG B 368 16.23 -25.70 -32.67
CA ARG B 368 17.26 -26.67 -32.29
C ARG B 368 16.76 -28.10 -32.45
N LYS B 369 15.61 -28.42 -31.84
CA LYS B 369 15.08 -29.78 -31.92
C LYS B 369 14.90 -30.24 -33.36
N ALA B 370 14.53 -29.32 -34.26
CA ALA B 370 14.52 -29.65 -35.68
C ALA B 370 15.93 -30.04 -36.15
N PHE B 371 16.91 -29.21 -35.83
CA PHE B 371 18.28 -29.47 -36.25
C PHE B 371 18.78 -30.81 -35.72
N GLU B 372 18.46 -31.13 -34.46
CA GLU B 372 18.89 -32.41 -33.90
C GLU B 372 18.22 -33.58 -34.58
N ASN B 373 17.03 -33.37 -35.15
CA ASN B 373 16.28 -34.41 -35.84
C ASN B 373 16.49 -34.39 -37.35
N ASN B 374 17.42 -33.56 -37.85
CA ASN B 374 17.79 -33.50 -39.26
C ASN B 374 16.64 -33.04 -40.14
N LEU B 375 15.68 -32.30 -39.57
CA LEU B 375 14.72 -31.58 -40.39
C LEU B 375 15.41 -30.40 -41.06
N LEU B 376 15.13 -30.20 -42.35
CA LEU B 376 15.68 -29.05 -43.05
C LEU B 376 14.87 -27.81 -42.70
N ILE B 377 15.54 -26.81 -42.15
CA ILE B 377 14.91 -25.58 -41.69
C ILE B 377 15.05 -24.49 -42.74
N LEU B 378 13.95 -23.77 -43.01
CA LEU B 378 13.96 -22.55 -43.80
C LEU B 378 13.00 -21.54 -43.17
N GLY B 379 13.23 -20.26 -43.46
CA GLY B 379 12.31 -19.21 -43.06
C GLY B 379 12.68 -17.92 -43.75
N PHE B 380 12.01 -16.85 -43.33
CA PHE B 380 12.24 -15.49 -43.79
C PHE B 380 13.12 -14.78 -42.77
N GLU B 381 13.45 -13.51 -43.02
CA GLU B 381 14.44 -12.87 -42.15
C GLU B 381 13.90 -12.69 -40.74
N GLN B 382 12.58 -12.60 -40.55
CA GLN B 382 12.12 -12.65 -39.17
C GLN B 382 12.00 -14.14 -38.90
N THR B 383 13.07 -14.66 -38.29
CA THR B 383 13.15 -16.02 -37.80
C THR B 383 13.16 -15.93 -36.29
N LEU B 384 12.55 -16.91 -35.66
CA LEU B 384 12.83 -17.10 -34.26
C LEU B 384 14.22 -17.73 -34.18
N HIS B 385 15.12 -17.08 -33.45
CA HIS B 385 16.50 -17.56 -33.30
C HIS B 385 16.38 -18.94 -32.66
N ASP B 386 17.31 -19.86 -32.90
CA ASP B 386 18.67 -19.56 -33.36
C ASP B 386 18.84 -19.37 -34.86
N ARG B 387 19.66 -18.37 -35.19
CA ARG B 387 20.26 -18.27 -36.51
C ARG B 387 21.40 -19.25 -36.70
N HIS B 388 21.86 -19.89 -35.61
CA HIS B 388 22.99 -20.80 -35.69
C HIS B 388 22.74 -21.90 -36.72
N TYR B 389 21.51 -22.43 -36.77
CA TYR B 389 21.24 -23.69 -37.47
C TYR B 389 20.62 -23.53 -38.85
N ILE B 390 20.41 -22.30 -39.34
CA ILE B 390 19.83 -22.11 -40.66
C ILE B 390 20.89 -21.49 -41.57
N ALA B 391 21.07 -22.10 -42.72
CA ALA B 391 22.05 -21.63 -43.68
C ALA B 391 21.55 -20.38 -44.39
N GLN B 392 22.50 -19.57 -44.84
CA GLN B 392 22.20 -18.37 -45.62
C GLN B 392 21.38 -18.69 -46.85
N GLN B 393 21.72 -19.78 -47.55
CA GLN B 393 21.04 -20.09 -48.82
C GLN B 393 19.56 -20.34 -48.58
N HIS B 394 19.26 -20.87 -47.40
CA HIS B 394 17.93 -21.27 -46.99
C HIS B 394 17.07 -20.12 -46.47
N ILE B 395 17.69 -19.08 -45.90
CA ILE B 395 16.93 -17.98 -45.33
C ILE B 395 16.36 -17.10 -46.44
N PHE B 396 15.26 -16.42 -46.12
CA PHE B 396 14.58 -15.56 -47.08
C PHE B 396 14.40 -14.18 -46.49
N ASP B 397 14.03 -13.23 -47.35
CA ASP B 397 13.62 -11.92 -46.87
C ASP B 397 12.23 -12.02 -46.26
N SER B 398 11.74 -10.89 -45.73
CA SER B 398 10.48 -10.97 -45.00
C SER B 398 9.43 -10.86 -46.10
N SER B 399 9.03 -12.04 -46.58
CA SER B 399 8.15 -12.15 -47.73
C SER B 399 8.52 -11.20 -48.87
N GLN B 400 9.77 -10.76 -48.98
CA GLN B 400 10.12 -10.01 -50.19
C GLN B 400 10.07 -10.94 -51.39
N PRO B 401 10.78 -12.16 -51.39
CA PRO B 401 10.42 -13.24 -52.28
C PRO B 401 9.49 -14.16 -51.49
N ALA B 402 8.24 -13.71 -51.34
CA ALA B 402 7.34 -14.25 -50.32
C ALA B 402 7.36 -15.76 -50.28
N GLN B 403 7.20 -16.39 -51.44
CA GLN B 403 7.13 -17.84 -51.50
C GLN B 403 8.41 -18.52 -51.96
N LEU B 404 9.46 -17.78 -52.35
CA LEU B 404 10.53 -18.42 -53.10
C LEU B 404 11.14 -19.61 -52.38
N ALA B 405 10.78 -19.80 -51.11
CA ALA B 405 10.80 -21.08 -50.43
C ALA B 405 10.31 -22.18 -51.36
N SER B 406 9.03 -22.09 -51.69
CA SER B 406 8.21 -23.26 -52.00
C SER B 406 8.89 -24.21 -52.98
N ILE B 407 9.44 -23.70 -54.08
CA ILE B 407 10.14 -24.56 -55.02
C ILE B 407 11.66 -24.59 -54.82
N LEU B 408 12.23 -23.65 -54.07
CA LEU B 408 13.53 -23.94 -53.46
C LEU B 408 13.35 -24.98 -52.37
N GLU B 409 12.27 -24.84 -51.61
CA GLU B 409 11.76 -25.90 -50.75
C GLU B 409 11.52 -27.20 -51.52
N GLU B 410 10.97 -27.10 -52.73
CA GLU B 410 10.59 -28.27 -53.53
C GLU B 410 11.80 -29.04 -54.07
N ALA B 411 13.02 -28.58 -53.77
CA ALA B 411 14.27 -29.22 -54.13
C ALA B 411 14.46 -30.42 -53.20
N LEU B 412 13.36 -30.79 -52.57
CA LEU B 412 13.14 -32.00 -51.80
C LEU B 412 12.73 -33.18 -52.70
N CYS B 413 12.84 -33.04 -54.03
CA CYS B 413 12.36 -34.01 -55.01
C CYS B 413 13.19 -35.32 -55.07
N GLY B 414 14.16 -35.52 -54.19
CA GLY B 414 14.94 -36.73 -54.21
C GLY B 414 16.21 -36.57 -53.40
N VAL B 415 17.02 -37.64 -53.41
CA VAL B 415 17.89 -37.95 -52.25
C VAL B 415 19.09 -36.99 -52.16
N GLU B 416 19.87 -36.82 -53.24
CA GLU B 416 21.00 -35.91 -53.20
C GLU B 416 20.63 -34.48 -53.58
N GLN B 417 19.39 -34.24 -53.93
CA GLN B 417 18.94 -32.85 -53.98
C GLN B 417 18.85 -32.26 -52.58
N MSE B 418 18.54 -33.09 -51.60
CA MSE B 418 18.45 -32.71 -50.20
C MSE B 418 19.81 -32.77 -49.56
O MSE B 418 20.26 -31.81 -48.95
CB MSE B 418 17.47 -33.57 -49.45
CG MSE B 418 17.37 -33.26 -47.97
SE MSE B 418 16.37 -31.65 -47.60
CE MSE B 418 14.70 -32.41 -46.99
N ARG B 419 20.46 -33.94 -49.67
CA ARG B 419 21.74 -34.22 -49.02
C ARG B 419 22.70 -33.04 -49.21
N SER B 420 22.59 -32.35 -50.34
CA SER B 420 23.14 -31.00 -50.46
C SER B 420 22.65 -30.09 -49.34
N ALA B 421 21.32 -29.88 -49.28
CA ALA B 421 20.75 -28.85 -48.42
C ALA B 421 21.10 -29.05 -46.95
N LEU B 422 21.16 -30.31 -46.50
CA LEU B 422 21.42 -30.54 -45.08
C LEU B 422 22.90 -30.54 -44.75
N GLN B 423 23.76 -30.51 -45.75
CA GLN B 423 25.14 -30.10 -45.53
C GLN B 423 25.29 -28.60 -45.62
N ALA B 424 24.30 -27.90 -46.18
CA ALA B 424 24.31 -26.45 -46.17
C ALA B 424 24.04 -25.92 -44.77
N GLN B 425 22.95 -26.38 -44.14
CA GLN B 425 22.72 -26.06 -42.74
C GLN B 425 23.64 -26.86 -41.83
N GLY B 426 24.10 -28.03 -42.30
CA GLY B 426 25.09 -28.77 -41.53
C GLY B 426 26.42 -28.04 -41.42
N ARG B 427 26.85 -27.42 -42.53
CA ARG B 427 28.06 -26.59 -42.48
C ARG B 427 27.85 -25.33 -41.67
N HIS B 428 26.70 -24.67 -41.87
CA HIS B 428 26.48 -23.38 -41.24
C HIS B 428 26.54 -23.48 -39.72
N ALA B 429 26.10 -24.59 -39.16
CA ALA B 429 26.21 -24.82 -37.72
C ALA B 429 27.59 -25.33 -37.33
N ASN B 430 28.51 -25.43 -38.29
CA ASN B 430 29.90 -25.81 -38.05
C ASN B 430 29.99 -27.23 -37.49
N ASP B 431 29.23 -28.13 -38.10
CA ASP B 431 29.32 -29.54 -37.76
C ASP B 431 30.66 -30.09 -38.22
N VAL B 432 31.32 -30.84 -37.34
CA VAL B 432 32.60 -31.48 -37.65
C VAL B 432 32.59 -32.89 -37.07
N PRO B 433 33.38 -33.78 -37.65
CA PRO B 433 33.48 -35.13 -37.10
C PRO B 433 34.24 -35.14 -35.79
N VAL B 434 33.89 -36.11 -34.92
CA VAL B 434 34.59 -36.28 -33.65
C VAL B 434 36.08 -36.45 -33.88
N SER B 435 36.46 -37.06 -35.00
CA SER B 435 37.88 -37.18 -35.34
C SER B 435 38.55 -35.82 -35.41
N LEU B 436 37.86 -34.81 -35.96
CA LEU B 436 38.46 -33.51 -36.14
C LEU B 436 38.90 -32.90 -34.81
N TYR B 437 38.24 -33.26 -33.71
CA TYR B 437 38.76 -32.90 -32.40
C TYR B 437 40.07 -33.62 -32.12
N GLN B 438 40.07 -34.96 -32.27
CA GLN B 438 41.23 -35.78 -31.97
C GLN B 438 42.48 -35.26 -32.69
N GLU B 439 42.34 -34.91 -33.96
CA GLU B 439 43.47 -34.38 -34.71
C GLU B 439 43.87 -33.02 -34.17
N THR B 440 42.90 -32.14 -34.05
CA THR B 440 43.14 -30.73 -33.81
C THR B 440 43.69 -30.45 -32.42
N LEU B 441 43.73 -31.44 -31.54
CA LEU B 441 43.96 -31.21 -30.12
C LEU B 441 45.24 -31.83 -29.61
N GLN B 442 45.43 -33.15 -29.76
CA GLN B 442 46.57 -33.81 -29.13
C GLN B 442 47.92 -33.20 -29.51
N SER B 443 47.98 -32.35 -30.54
CA SER B 443 49.13 -31.48 -30.72
C SER B 443 49.28 -30.47 -29.58
N LEU B 444 48.29 -30.40 -28.69
CA LEU B 444 48.25 -29.48 -27.56
C LEU B 444 48.00 -30.29 -26.31
N LEU B 445 46.99 -31.16 -26.37
CA LEU B 445 46.48 -31.73 -25.15
C LEU B 445 47.41 -32.86 -24.73
N GLY B 446 48.48 -32.50 -24.02
CA GLY B 446 49.36 -33.44 -23.36
C GLY B 446 49.39 -33.24 -21.86
N GLY B 447 49.88 -34.22 -21.10
CA GLY B 447 49.85 -34.11 -19.66
C GLY B 447 48.50 -34.54 -19.11
N SER C 1 -29.06 -19.02 10.14
CA SER C 1 -28.16 -19.81 9.31
C SER C 1 -28.53 -19.70 7.84
N THR C 2 -27.60 -19.20 7.04
CA THR C 2 -27.87 -18.86 5.65
C THR C 2 -26.82 -19.52 4.75
N VAL C 3 -27.13 -19.56 3.45
CA VAL C 3 -26.18 -20.02 2.44
C VAL C 3 -25.99 -18.88 1.44
N TYR C 4 -24.80 -18.29 1.45
CA TYR C 4 -24.47 -17.17 0.58
C TYR C 4 -23.75 -17.70 -0.65
N ASN C 5 -24.32 -17.51 -1.83
CA ASN C 5 -23.71 -17.92 -3.08
C ASN C 5 -23.12 -16.69 -3.76
N ILE C 6 -21.86 -16.80 -4.18
CA ILE C 6 -21.11 -15.67 -4.73
C ILE C 6 -20.90 -15.89 -6.22
N ASN C 7 -21.16 -14.85 -7.00
CA ASN C 7 -20.95 -14.84 -8.44
C ASN C 7 -20.57 -13.43 -8.85
N LEU C 8 -20.04 -13.29 -10.06
CA LEU C 8 -19.54 -11.99 -10.49
C LEU C 8 -20.65 -11.12 -11.06
N GLY C 9 -21.27 -11.56 -12.15
CA GLY C 9 -22.22 -10.74 -12.88
C GLY C 9 -23.29 -11.56 -13.54
N ILE C 10 -24.16 -10.88 -14.29
CA ILE C 10 -25.32 -11.51 -14.90
C ILE C 10 -25.76 -10.66 -16.08
N GLY C 11 -26.52 -11.27 -16.99
CA GLY C 11 -26.99 -10.57 -18.17
C GLY C 11 -28.24 -11.22 -18.73
N TRP C 12 -28.83 -10.55 -19.73
CA TRP C 12 -29.99 -11.10 -20.42
C TRP C 12 -29.68 -12.46 -21.01
N ALA C 13 -28.77 -12.51 -21.98
CA ALA C 13 -28.19 -13.79 -22.39
C ALA C 13 -27.05 -14.10 -21.42
N SER C 14 -27.20 -15.17 -20.65
CA SER C 14 -26.15 -15.58 -19.72
C SER C 14 -26.06 -17.09 -19.74
N SER C 15 -25.06 -17.61 -19.02
CA SER C 15 -24.55 -18.94 -19.32
C SER C 15 -24.49 -19.85 -18.11
N GLY C 16 -23.90 -21.04 -18.30
CA GLY C 16 -24.21 -22.18 -17.45
C GLY C 16 -24.13 -21.90 -15.96
N VAL C 17 -23.16 -21.09 -15.54
CA VAL C 17 -22.99 -20.81 -14.11
C VAL C 17 -24.25 -20.18 -13.53
N GLU C 18 -24.74 -19.12 -14.18
CA GLU C 18 -25.91 -18.40 -13.69
C GLU C 18 -27.11 -19.32 -13.56
N TYR C 19 -27.34 -20.17 -14.58
CA TYR C 19 -28.48 -21.09 -14.52
C TYR C 19 -28.26 -22.17 -13.49
N ALA C 20 -27.03 -22.67 -13.35
CA ALA C 20 -26.73 -23.61 -12.27
C ALA C 20 -27.00 -22.97 -10.91
N GLN C 21 -26.85 -21.65 -10.81
CA GLN C 21 -27.22 -20.94 -9.59
C GLN C 21 -28.72 -20.79 -9.47
N ALA C 22 -29.33 -20.11 -10.45
CA ALA C 22 -30.78 -19.91 -10.46
C ALA C 22 -31.51 -21.20 -10.19
N TYR C 23 -31.08 -22.29 -10.83
CA TYR C 23 -31.59 -23.60 -10.51
C TYR C 23 -31.36 -23.93 -9.04
N ARG C 24 -30.10 -23.86 -8.60
CA ARG C 24 -29.76 -24.15 -7.21
C ARG C 24 -30.62 -23.37 -6.22
N ALA C 25 -31.01 -22.15 -6.56
CA ALA C 25 -31.87 -21.36 -5.68
C ALA C 25 -33.22 -22.04 -5.48
N GLN C 26 -33.76 -22.65 -6.54
CA GLN C 26 -35.10 -23.22 -6.46
C GLN C 26 -35.16 -24.44 -5.57
N ILE C 27 -34.16 -25.33 -5.66
CA ILE C 27 -34.08 -26.44 -4.72
C ILE C 27 -33.97 -25.91 -3.30
N LEU C 28 -33.03 -24.98 -3.08
CA LEU C 28 -32.76 -24.50 -1.73
C LEU C 28 -33.98 -23.84 -1.11
N ARG C 29 -34.90 -23.31 -1.92
CA ARG C 29 -36.20 -22.92 -1.39
C ARG C 29 -36.94 -24.11 -0.82
N ARG C 30 -37.08 -25.17 -1.63
CA ARG C 30 -37.91 -26.31 -1.27
C ARG C 30 -37.45 -27.01 0.00
N ILE C 31 -36.18 -26.81 0.40
CA ILE C 31 -35.68 -27.40 1.63
C ILE C 31 -35.90 -26.50 2.83
N GLN C 32 -36.42 -25.29 2.62
CA GLN C 32 -36.54 -24.25 3.64
C GLN C 32 -35.18 -23.65 4.00
N GLN C 33 -34.09 -24.12 3.39
CA GLN C 33 -32.77 -23.56 3.60
C GLN C 33 -32.71 -22.13 3.10
N PRO C 34 -32.52 -21.15 3.99
CA PRO C 34 -32.45 -19.75 3.54
C PRO C 34 -31.15 -19.52 2.78
N ALA C 35 -31.25 -18.75 1.69
CA ALA C 35 -30.08 -18.48 0.87
C ALA C 35 -30.19 -17.12 0.20
N LYS C 36 -29.05 -16.45 0.10
CA LYS C 36 -28.89 -15.23 -0.67
C LYS C 36 -27.92 -15.50 -1.81
N PHE C 37 -28.01 -14.68 -2.86
CA PHE C 37 -27.12 -14.80 -4.01
C PHE C 37 -26.45 -13.45 -4.26
N ILE C 38 -25.14 -13.40 -4.03
CA ILE C 38 -24.37 -12.15 -4.11
C ILE C 38 -23.77 -12.02 -5.50
N PHE C 39 -23.84 -10.82 -6.06
CA PHE C 39 -23.30 -10.52 -7.38
C PHE C 39 -22.40 -9.31 -7.27
N MSE C 40 -21.12 -9.49 -7.59
CA MSE C 40 -20.11 -8.45 -7.32
C MSE C 40 -19.88 -7.41 -8.42
O MSE C 40 -19.29 -6.36 -8.14
CB MSE C 40 -18.76 -9.12 -7.02
CG MSE C 40 -18.77 -10.10 -5.87
SE MSE C 40 -18.93 -9.23 -4.15
CE MSE C 40 -18.78 -10.80 -3.03
N ASP C 41 -20.32 -7.67 -9.64
CA ASP C 41 -19.94 -6.79 -10.74
C ASP C 41 -20.70 -5.47 -10.64
N MSE C 42 -20.38 -4.55 -11.54
CA MSE C 42 -21.11 -3.29 -11.63
C MSE C 42 -22.08 -3.40 -12.77
O MSE C 42 -21.69 -3.34 -13.94
CB MSE C 42 -20.15 -2.11 -11.84
CG MSE C 42 -20.83 -0.80 -12.21
SE MSE C 42 -21.85 -0.02 -10.75
CE MSE C 42 -20.39 0.28 -9.49
N ILE C 43 -23.37 -3.55 -12.45
CA ILE C 43 -24.39 -3.76 -13.47
C ILE C 43 -25.32 -2.55 -13.41
N LEU C 44 -25.08 -1.56 -14.26
CA LEU C 44 -25.99 -0.44 -14.46
C LEU C 44 -26.69 -0.43 -15.80
N ALA C 45 -26.29 -1.27 -16.76
CA ALA C 45 -26.86 -1.16 -18.10
C ALA C 45 -28.33 -1.51 -18.09
N ASP C 46 -28.64 -2.72 -17.65
CA ASP C 46 -29.94 -3.07 -17.11
C ASP C 46 -30.02 -2.70 -15.65
N ASN C 47 -31.26 -2.52 -15.16
CA ASN C 47 -31.49 -2.67 -13.75
C ASN C 47 -31.13 -4.10 -13.35
N ILE C 48 -30.53 -4.23 -12.17
CA ILE C 48 -30.03 -5.54 -11.74
C ILE C 48 -31.19 -6.51 -11.53
N GLN C 49 -32.33 -6.02 -11.02
CA GLN C 49 -33.41 -6.92 -10.62
C GLN C 49 -34.05 -7.60 -11.82
N HIS C 50 -34.18 -6.89 -12.94
CA HIS C 50 -34.74 -7.48 -14.16
C HIS C 50 -33.98 -8.74 -14.54
N LEU C 51 -32.65 -8.65 -14.54
CA LEU C 51 -31.81 -9.79 -14.90
C LEU C 51 -31.94 -10.92 -13.89
N THR C 52 -31.95 -10.59 -12.59
CA THR C 52 -32.11 -11.62 -11.57
C THR C 52 -33.44 -12.33 -11.72
N GLU C 53 -34.53 -11.56 -11.85
CA GLU C 53 -35.87 -12.14 -11.89
C GLU C 53 -36.06 -13.01 -13.14
N ASN C 54 -35.58 -12.53 -14.29
CA ASN C 54 -35.72 -13.30 -15.54
C ASN C 54 -35.20 -14.72 -15.37
N ILE C 55 -34.03 -14.86 -14.76
CA ILE C 55 -33.41 -16.17 -14.61
C ILE C 55 -34.08 -16.95 -13.49
N GLY C 56 -35.03 -16.31 -12.80
CA GLY C 56 -35.81 -16.97 -11.78
C GLY C 56 -35.41 -16.72 -10.34
N PHE C 57 -34.70 -15.64 -10.06
CA PHE C 57 -34.31 -15.29 -8.69
C PHE C 57 -35.35 -14.40 -8.04
N LEU C 58 -35.79 -14.78 -6.84
CA LEU C 58 -36.63 -13.90 -6.05
C LEU C 58 -35.82 -12.72 -5.52
N ASP C 59 -36.49 -11.57 -5.40
CA ASP C 59 -35.80 -10.35 -5.00
C ASP C 59 -35.25 -10.45 -3.58
N GLU C 60 -35.83 -11.29 -2.74
CA GLU C 60 -35.34 -11.46 -1.39
C GLU C 60 -34.16 -12.42 -1.31
N GLU C 61 -33.72 -12.97 -2.44
CA GLU C 61 -32.47 -13.73 -2.51
C GLU C 61 -31.29 -12.96 -3.07
N ILE C 62 -31.49 -11.73 -3.56
CA ILE C 62 -30.46 -11.04 -4.33
C ILE C 62 -29.72 -10.06 -3.44
N ILE C 63 -28.42 -10.24 -3.31
CA ILE C 63 -27.54 -9.23 -2.74
C ILE C 63 -26.68 -8.69 -3.88
N TRP C 64 -26.95 -7.47 -4.29
CA TRP C 64 -26.00 -6.77 -5.14
C TRP C 64 -24.97 -6.10 -4.25
N LEU C 65 -23.70 -6.17 -4.65
CA LEU C 65 -22.63 -5.62 -3.82
C LEU C 65 -22.85 -4.13 -3.58
N TYR C 66 -22.93 -3.36 -4.66
CA TYR C 66 -23.00 -1.91 -4.53
C TYR C 66 -24.33 -1.45 -3.94
N ASN C 67 -25.36 -2.30 -3.97
CA ASN C 67 -26.62 -1.95 -3.34
C ASN C 67 -26.60 -2.18 -1.84
N TYR C 68 -25.89 -3.24 -1.40
CA TYR C 68 -25.99 -3.71 -0.02
C TYR C 68 -25.75 -2.61 1.01
N PHE C 69 -25.00 -1.58 0.64
CA PHE C 69 -24.68 -0.50 1.57
C PHE C 69 -25.79 0.54 1.69
N THR C 70 -26.91 0.34 1.00
CA THR C 70 -28.02 1.29 1.01
C THR C 70 -29.26 0.63 1.60
N ASP C 71 -30.20 1.47 2.05
CA ASP C 71 -31.48 0.99 2.53
C ASP C 71 -32.41 0.59 1.38
N ILE C 72 -32.10 1.00 0.15
CA ILE C 72 -32.93 0.66 -0.99
C ILE C 72 -32.95 -0.85 -1.20
N LYS C 73 -34.06 -1.36 -1.74
CA LYS C 73 -34.27 -2.78 -1.93
C LYS C 73 -34.18 -3.15 -3.40
N ILE C 74 -33.79 -4.40 -3.65
CA ILE C 74 -33.80 -4.92 -5.02
C ILE C 74 -35.23 -4.85 -5.54
N ALA C 75 -35.41 -4.13 -6.65
CA ALA C 75 -36.76 -3.84 -7.10
C ALA C 75 -36.81 -3.69 -8.61
N PRO C 76 -37.95 -4.00 -9.23
CA PRO C 76 -38.12 -3.67 -10.65
C PRO C 76 -38.27 -2.17 -10.83
N THR C 77 -37.96 -1.69 -12.03
CA THR C 77 -37.99 -0.25 -12.27
C THR C 77 -39.45 0.16 -12.47
N THR C 78 -39.98 0.91 -11.51
CA THR C 78 -41.34 1.42 -11.56
C THR C 78 -41.45 2.92 -11.83
N VAL C 79 -40.32 3.61 -12.01
CA VAL C 79 -40.33 5.08 -12.09
C VAL C 79 -40.73 5.50 -13.50
N THR C 80 -41.63 6.48 -13.59
CA THR C 80 -42.24 6.88 -14.86
C THR C 80 -41.68 8.21 -15.34
N LEU C 81 -41.68 8.38 -16.68
CA LEU C 81 -41.35 9.68 -17.26
C LEU C 81 -42.14 10.80 -16.58
N ASP C 82 -43.41 10.56 -16.27
CA ASP C 82 -44.19 11.51 -15.48
C ASP C 82 -43.42 11.92 -14.22
N GLN C 83 -43.01 10.92 -13.43
CA GLN C 83 -42.29 11.21 -12.19
C GLN C 83 -40.94 11.86 -12.48
N VAL C 84 -40.28 11.45 -13.55
CA VAL C 84 -38.94 11.95 -13.86
C VAL C 84 -38.96 13.46 -14.09
N LEU C 85 -39.99 13.97 -14.78
CA LEU C 85 -40.09 15.39 -15.08
C LEU C 85 -40.67 16.23 -13.95
N ALA C 86 -41.43 15.63 -13.03
CA ALA C 86 -41.75 16.35 -11.82
C ALA C 86 -40.48 16.84 -11.15
N GLN C 87 -39.39 16.09 -11.30
CA GLN C 87 -38.11 16.45 -10.71
C GLN C 87 -37.34 17.48 -11.54
N VAL C 88 -37.52 17.48 -12.86
CA VAL C 88 -36.85 18.49 -13.69
C VAL C 88 -37.67 19.78 -13.69
N ALA C 89 -37.00 20.90 -13.96
CA ALA C 89 -37.58 22.23 -13.93
C ALA C 89 -37.65 22.82 -15.33
N GLY C 90 -38.57 23.76 -15.49
CA GLY C 90 -38.90 24.29 -16.80
C GLY C 90 -40.09 23.56 -17.39
N GLN C 91 -40.24 23.65 -18.70
CA GLN C 91 -41.18 22.78 -19.37
C GLN C 91 -40.60 22.25 -20.67
N PRO C 92 -40.79 20.96 -20.95
CA PRO C 92 -40.32 20.40 -22.23
C PRO C 92 -41.18 20.89 -23.38
N GLU C 93 -40.53 21.39 -24.43
CA GLU C 93 -41.27 21.84 -25.60
C GLU C 93 -41.67 20.68 -26.51
N ARG C 94 -40.70 19.83 -26.86
CA ARG C 94 -40.88 18.82 -27.89
C ARG C 94 -40.31 17.50 -27.42
N SER C 95 -41.12 16.44 -27.45
CA SER C 95 -40.56 15.12 -27.19
C SER C 95 -39.96 14.55 -28.47
N GLU C 96 -39.24 13.44 -28.32
CA GLU C 96 -38.79 12.65 -29.46
C GLU C 96 -38.63 11.21 -28.99
N LYS C 97 -39.28 10.26 -29.65
CA LYS C 97 -39.21 8.86 -29.20
C LYS C 97 -38.68 7.98 -30.32
N GLU C 98 -37.45 7.49 -30.15
CA GLU C 98 -36.84 6.51 -31.05
C GLU C 98 -36.64 5.25 -30.23
N GLY C 99 -37.44 4.22 -30.51
CA GLY C 99 -37.37 3.02 -29.71
C GLY C 99 -37.60 3.35 -28.25
N LYS C 100 -36.64 2.97 -27.42
CA LYS C 100 -36.74 3.19 -25.98
C LYS C 100 -36.08 4.48 -25.52
N ILE C 101 -35.39 5.21 -26.39
CA ILE C 101 -34.76 6.46 -26.00
C ILE C 101 -35.71 7.59 -26.37
N VAL C 102 -36.23 8.24 -25.34
CA VAL C 102 -37.17 9.35 -25.46
C VAL C 102 -36.58 10.52 -24.70
N ARG C 103 -36.71 11.72 -25.27
CA ARG C 103 -36.00 12.86 -24.72
C ARG C 103 -36.80 14.12 -24.98
N TYR C 104 -36.61 15.10 -24.11
CA TYR C 104 -37.37 16.34 -24.15
C TYR C 104 -36.38 17.51 -24.11
N PHE C 105 -36.54 18.46 -25.03
CA PHE C 105 -35.63 19.58 -25.17
C PHE C 105 -36.13 20.78 -24.36
N TYR C 106 -35.19 21.51 -23.76
CA TYR C 106 -35.47 22.72 -22.98
C TYR C 106 -34.64 23.86 -23.54
N PRO C 107 -34.93 24.30 -24.77
CA PRO C 107 -33.93 25.07 -25.55
C PRO C 107 -33.57 26.47 -25.04
N GLN C 108 -34.32 27.01 -24.06
CA GLN C 108 -34.19 28.39 -23.60
C GLN C 108 -32.74 28.77 -23.29
N ASP C 109 -32.15 28.17 -22.25
CA ASP C 109 -30.75 27.76 -22.22
C ASP C 109 -30.72 26.33 -22.75
N ASP C 110 -29.64 25.91 -23.41
CA ASP C 110 -29.75 24.68 -24.21
C ASP C 110 -29.52 23.42 -23.36
N GLN C 111 -30.60 22.67 -23.15
CA GLN C 111 -30.68 21.52 -22.24
C GLN C 111 -31.51 20.44 -22.90
N PHE C 112 -31.31 19.20 -22.47
CA PHE C 112 -32.32 18.17 -22.66
C PHE C 112 -32.03 17.04 -21.67
N ILE C 113 -33.06 16.27 -21.36
CA ILE C 113 -32.92 15.12 -20.47
C ILE C 113 -33.33 13.87 -21.26
N THR C 114 -32.36 13.03 -21.56
CA THR C 114 -32.59 11.83 -22.34
C THR C 114 -32.98 10.69 -21.42
N CYS C 115 -34.12 10.05 -21.72
CA CYS C 115 -34.64 8.95 -20.92
C CYS C 115 -34.49 7.65 -21.67
N TYR C 116 -34.16 6.58 -20.93
CA TYR C 116 -34.03 5.23 -21.47
C TYR C 116 -34.97 4.32 -20.71
N LEU C 117 -35.85 3.65 -21.45
CA LEU C 117 -37.05 3.07 -20.88
C LEU C 117 -36.97 1.55 -20.92
N ARG C 118 -37.48 0.93 -19.85
CA ARG C 118 -37.48 -0.52 -19.71
C ARG C 118 -38.05 -1.22 -20.96
N GLN C 119 -39.27 -0.86 -21.34
CA GLN C 119 -39.93 -1.43 -22.51
C GLN C 119 -40.37 -0.30 -23.41
N GLU C 120 -40.27 -0.51 -24.74
CA GLU C 120 -40.60 0.57 -25.66
C GLU C 120 -42.01 1.09 -25.45
N ASP C 121 -42.94 0.19 -25.14
CA ASP C 121 -44.35 0.57 -25.03
C ASP C 121 -44.70 1.21 -23.69
N GLN C 122 -43.99 0.88 -22.61
CA GLN C 122 -44.38 1.28 -21.27
C GLN C 122 -43.88 2.69 -20.95
N ASP C 123 -44.08 3.15 -19.71
CA ASP C 123 -43.49 4.40 -19.22
C ASP C 123 -42.43 4.30 -18.11
N PHE C 124 -41.86 3.13 -17.78
CA PHE C 124 -40.97 3.03 -16.59
C PHE C 124 -39.51 3.30 -16.93
N VAL C 125 -38.98 4.47 -16.53
CA VAL C 125 -37.65 4.90 -16.99
C VAL C 125 -36.55 4.22 -16.18
N GLU C 126 -35.61 3.58 -16.88
CA GLU C 126 -34.49 2.93 -16.21
C GLU C 126 -33.39 3.93 -15.85
N HIS C 127 -33.03 4.84 -16.75
CA HIS C 127 -32.07 5.88 -16.40
C HIS C 127 -32.26 7.09 -17.31
N VAL C 128 -31.71 8.22 -16.85
CA VAL C 128 -31.87 9.52 -17.51
C VAL C 128 -30.52 10.22 -17.52
N GLU C 129 -30.23 10.94 -18.61
CA GLU C 129 -29.01 11.73 -18.74
C GLU C 129 -29.36 13.19 -18.93
N TYR C 130 -28.69 14.06 -18.18
CA TYR C 130 -28.89 15.51 -18.26
C TYR C 130 -27.75 16.10 -19.07
N VAL C 131 -28.08 16.64 -20.24
CA VAL C 131 -27.10 17.25 -21.13
C VAL C 131 -27.36 18.76 -21.16
N SER C 132 -26.32 19.54 -20.91
CA SER C 132 -26.38 20.99 -21.00
C SER C 132 -25.30 21.47 -21.97
N ARG C 133 -25.70 22.26 -22.96
CA ARG C 133 -24.78 22.82 -23.96
C ARG C 133 -23.97 21.73 -24.65
N GLY C 134 -24.56 20.54 -24.78
CA GLY C 134 -24.00 19.45 -25.55
C GLY C 134 -23.20 18.43 -24.76
N ARG C 135 -23.06 18.61 -23.45
CA ARG C 135 -22.18 17.77 -22.65
C ARG C 135 -22.98 17.02 -21.58
N LEU C 136 -22.77 15.72 -21.49
CA LEU C 136 -23.38 14.95 -20.42
C LEU C 136 -22.73 15.34 -19.11
N ILE C 137 -23.51 15.91 -18.18
CA ILE C 137 -22.99 16.22 -16.86
C ILE C 137 -23.58 15.37 -15.73
N ARG C 138 -24.65 14.63 -15.97
CA ARG C 138 -25.25 13.82 -14.90
C ARG C 138 -26.06 12.70 -15.54
N LYS C 139 -26.09 11.55 -14.86
CA LYS C 139 -26.89 10.42 -15.31
C LYS C 139 -27.46 9.71 -14.08
N ASP C 140 -28.78 9.56 -14.01
CA ASP C 140 -29.43 8.96 -12.85
C ASP C 140 -30.10 7.64 -13.21
N TYR C 141 -29.97 6.67 -12.31
CA TYR C 141 -30.52 5.34 -12.51
C TYR C 141 -31.63 5.10 -11.49
N PHE C 142 -32.72 4.47 -11.92
CA PHE C 142 -33.92 4.37 -11.11
C PHE C 142 -34.34 2.93 -10.90
N SER C 143 -34.93 2.67 -9.72
CA SER C 143 -35.71 1.47 -9.52
C SER C 143 -37.13 1.82 -9.11
N TYR C 144 -37.36 2.05 -7.81
CA TYR C 144 -38.51 2.85 -7.37
C TYR C 144 -38.12 4.25 -6.92
N VAL C 145 -36.82 4.54 -6.87
CA VAL C 145 -36.24 5.85 -6.60
C VAL C 145 -34.94 5.88 -7.38
N ARG C 146 -34.20 6.97 -7.32
CA ARG C 146 -32.85 6.93 -7.85
C ARG C 146 -31.98 6.22 -6.81
N TYR C 147 -31.34 5.11 -7.21
CA TYR C 147 -30.46 4.39 -6.32
C TYR C 147 -28.99 4.71 -6.56
N ALA C 148 -28.68 5.52 -7.56
CA ALA C 148 -27.31 5.89 -7.90
C ALA C 148 -27.36 6.87 -9.07
N SER C 149 -26.26 7.59 -9.25
CA SER C 149 -26.11 8.44 -10.41
C SER C 149 -24.64 8.54 -10.78
N GLU C 150 -24.36 9.21 -11.89
CA GLU C 150 -23.02 9.32 -12.46
C GLU C 150 -22.78 10.77 -12.84
N TYR C 151 -21.56 11.25 -12.59
CA TYR C 151 -21.18 12.60 -12.97
C TYR C 151 -20.06 12.54 -14.01
N PHE C 152 -20.12 13.43 -14.98
CA PHE C 152 -19.28 13.36 -16.17
C PHE C 152 -18.65 14.71 -16.44
N ALA C 153 -17.59 14.69 -17.25
CA ALA C 153 -16.99 15.90 -17.77
C ALA C 153 -16.40 15.62 -19.15
N PRO C 154 -16.29 16.64 -20.00
CA PRO C 154 -15.52 16.51 -21.23
C PRO C 154 -14.09 16.06 -20.96
N HIS C 155 -13.59 15.16 -21.81
CA HIS C 155 -12.17 14.97 -21.98
C HIS C 155 -11.92 14.46 -23.40
N ASN C 156 -10.90 15.00 -24.06
CA ASN C 156 -10.65 14.74 -25.48
C ASN C 156 -11.93 14.89 -26.30
N ASP C 157 -12.81 15.79 -25.85
CA ASP C 157 -14.15 15.97 -26.39
C ASP C 157 -14.97 14.67 -26.36
N ALA C 158 -14.66 13.77 -25.43
CA ALA C 158 -15.45 12.58 -25.19
C ALA C 158 -16.02 12.63 -23.78
N ALA C 159 -17.28 12.24 -23.63
CA ALA C 159 -17.90 12.21 -22.32
C ALA C 159 -17.20 11.17 -21.45
N THR C 160 -16.72 11.59 -20.28
CA THR C 160 -15.88 10.75 -19.44
C THR C 160 -16.48 10.61 -18.05
N LEU C 161 -16.47 9.40 -17.52
CA LEU C 161 -17.01 9.10 -16.20
C LEU C 161 -15.95 9.39 -15.15
N TYR C 162 -16.18 10.38 -14.28
CA TYR C 162 -15.29 10.59 -13.14
C TYR C 162 -15.82 10.17 -11.78
N GLN C 163 -17.14 10.02 -11.60
CA GLN C 163 -17.65 9.76 -10.25
C GLN C 163 -19.00 9.06 -10.33
N ARG C 164 -19.24 8.17 -9.37
CA ARG C 164 -20.50 7.46 -9.27
C ARG C 164 -20.95 7.43 -7.81
N ARG C 165 -22.12 7.98 -7.54
CA ARG C 165 -22.64 8.13 -6.19
C ARG C 165 -23.86 7.23 -5.99
N PHE C 166 -23.99 6.70 -4.78
CA PHE C 166 -25.09 5.81 -4.41
C PHE C 166 -25.88 6.41 -3.25
N TYR C 167 -27.20 6.31 -3.32
CA TYR C 167 -28.09 7.03 -2.41
C TYR C 167 -28.97 6.08 -1.62
N HIS C 168 -29.52 6.61 -0.53
CA HIS C 168 -30.53 5.91 0.24
C HIS C 168 -31.92 6.22 -0.31
N GLU C 169 -32.94 5.64 0.31
CA GLU C 169 -34.32 5.84 -0.14
C GLU C 169 -34.68 7.32 -0.17
N ASP C 170 -34.11 8.12 0.74
CA ASP C 170 -34.46 9.51 0.90
C ASP C 170 -33.56 10.46 0.14
N GLY C 171 -32.57 9.95 -0.60
CA GLY C 171 -31.69 10.81 -1.35
C GLY C 171 -30.45 11.27 -0.63
N SER C 172 -30.25 10.85 0.62
CA SER C 172 -28.99 11.11 1.30
C SER C 172 -27.92 10.16 0.78
N VAL C 173 -26.69 10.64 0.72
CA VAL C 173 -25.61 9.89 0.10
C VAL C 173 -25.17 8.76 1.01
N ALA C 174 -25.14 7.54 0.47
CA ALA C 174 -24.59 6.40 1.20
C ALA C 174 -23.07 6.35 1.10
N TYR C 175 -22.53 6.55 -0.10
CA TYR C 175 -21.10 6.44 -0.42
C TYR C 175 -20.95 6.80 -1.89
N ASP C 176 -19.71 7.03 -2.31
CA ASP C 176 -19.43 7.27 -3.72
C ASP C 176 -18.04 6.79 -4.07
N MSE C 177 -17.70 6.88 -5.35
CA MSE C 177 -16.46 6.32 -5.88
C MSE C 177 -15.86 7.19 -6.98
O MSE C 177 -16.58 7.89 -7.69
CB MSE C 177 -16.69 4.90 -6.39
CG MSE C 177 -17.64 4.81 -7.58
SE MSE C 177 -18.13 2.98 -8.02
CE MSE C 177 -19.04 2.52 -6.35
N LEU C 178 -14.54 7.11 -7.14
CA LEU C 178 -13.83 7.81 -8.20
C LEU C 178 -13.52 6.85 -9.33
N ILE C 179 -13.63 7.35 -10.57
CA ILE C 179 -13.39 6.57 -11.78
C ILE C 179 -12.26 7.23 -12.54
N GLU C 180 -11.18 6.48 -12.77
CA GLU C 180 -10.06 6.92 -13.59
C GLU C 180 -9.59 5.71 -14.38
N ASP C 181 -9.35 5.89 -15.69
CA ASP C 181 -8.98 4.78 -16.58
C ASP C 181 -10.02 3.66 -16.55
N GLY C 182 -11.28 4.01 -16.40
CA GLY C 182 -12.33 3.01 -16.33
C GLY C 182 -12.17 2.01 -15.20
N GLN C 183 -11.56 2.43 -14.10
CA GLN C 183 -11.41 1.59 -12.92
C GLN C 183 -11.86 2.37 -11.70
N GLU C 184 -12.36 1.65 -10.69
CA GLU C 184 -12.85 2.28 -9.47
C GLU C 184 -11.68 2.32 -8.49
N LYS C 185 -11.12 3.51 -8.28
CA LYS C 185 -9.90 3.64 -7.52
C LYS C 185 -10.07 4.16 -6.09
N LEU C 186 -11.25 4.66 -5.72
CA LEU C 186 -11.44 5.13 -4.36
C LEU C 186 -12.93 5.02 -4.02
N TYR C 187 -13.22 4.62 -2.79
CA TYR C 187 -14.58 4.57 -2.28
C TYR C 187 -14.61 5.34 -0.97
N ARG C 188 -15.53 6.30 -0.87
CA ARG C 188 -15.62 7.16 0.31
C ARG C 188 -16.98 6.98 0.97
N PHE C 189 -16.97 6.44 2.18
CA PHE C 189 -18.15 6.34 3.01
C PHE C 189 -18.12 7.50 4.01
N PRO C 190 -19.14 7.68 4.85
CA PRO C 190 -18.97 8.65 5.95
C PRO C 190 -17.85 8.26 6.89
N ASP C 191 -17.79 7.01 7.33
CA ASP C 191 -16.77 6.54 8.25
C ASP C 191 -15.65 5.69 7.62
N ARG C 192 -15.65 5.46 6.30
CA ARG C 192 -14.64 4.61 5.69
C ARG C 192 -14.04 5.24 4.44
N ILE C 193 -12.80 4.86 4.13
CA ILE C 193 -12.19 5.14 2.84
C ILE C 193 -11.46 3.88 2.37
N PHE C 194 -11.63 3.56 1.09
CA PHE C 194 -11.09 2.32 0.50
C PHE C 194 -10.49 2.61 -0.85
N TYR C 195 -9.33 2.02 -1.11
CA TYR C 195 -8.55 2.29 -2.32
C TYR C 195 -8.62 1.20 -3.40
N SER C 196 -9.35 0.11 -3.17
CA SER C 196 -9.43 -0.94 -4.18
C SER C 196 -10.74 -1.71 -4.02
N LYS C 197 -11.25 -2.22 -5.14
CA LYS C 197 -12.47 -3.05 -5.08
C LYS C 197 -12.25 -4.28 -4.22
N ALA C 198 -11.03 -4.82 -4.23
CA ALA C 198 -10.75 -6.01 -3.42
C ALA C 198 -11.01 -5.73 -1.94
N GLU C 199 -10.58 -4.56 -1.45
CA GLU C 199 -10.80 -4.21 -0.05
C GLU C 199 -12.21 -3.71 0.22
N LEU C 200 -12.93 -3.25 -0.80
CA LEU C 200 -14.36 -3.00 -0.64
C LEU C 200 -15.10 -4.31 -0.39
N VAL C 201 -14.80 -5.33 -1.20
CA VAL C 201 -15.46 -6.62 -1.06
C VAL C 201 -15.21 -7.20 0.34
N ARG C 202 -14.04 -6.94 0.92
CA ARG C 202 -13.80 -7.41 2.29
C ARG C 202 -14.74 -6.75 3.27
N TYR C 203 -14.89 -5.42 3.17
CA TYR C 203 -15.82 -4.72 4.04
C TYR C 203 -17.23 -5.31 3.93
N PHE C 204 -17.68 -5.54 2.69
CA PHE C 204 -19.03 -6.06 2.48
C PHE C 204 -19.24 -7.38 3.22
N LEU C 205 -18.28 -8.30 3.10
CA LEU C 205 -18.45 -9.61 3.74
C LEU C 205 -18.24 -9.54 5.24
N GLN C 206 -17.52 -8.53 5.73
CA GLN C 206 -17.50 -8.30 7.18
C GLN C 206 -18.83 -7.72 7.65
N CYS C 207 -19.47 -6.89 6.81
CA CYS C 207 -20.79 -6.39 7.14
C CYS C 207 -21.85 -7.49 7.17
N LEU C 208 -21.65 -8.54 6.37
CA LEU C 208 -22.54 -9.70 6.46
C LEU C 208 -22.43 -10.40 7.81
N GLN C 209 -21.30 -10.24 8.50
CA GLN C 209 -21.09 -10.84 9.80
C GLN C 209 -21.33 -12.35 9.76
N LEU C 210 -20.64 -13.01 8.82
CA LEU C 210 -20.77 -14.45 8.66
C LEU C 210 -20.50 -15.15 9.97
N GLN C 211 -21.23 -16.23 10.24
CA GLN C 211 -20.98 -16.95 11.46
C GLN C 211 -20.85 -18.46 11.18
N ALA C 212 -20.57 -19.20 12.25
CA ALA C 212 -20.08 -20.57 12.15
C ALA C 212 -20.98 -21.45 11.30
N ASP C 213 -22.29 -21.24 11.35
CA ASP C 213 -23.22 -22.12 10.64
C ASP C 213 -23.60 -21.60 9.27
N ASP C 214 -23.19 -20.40 8.88
CA ASP C 214 -23.45 -19.96 7.51
C ASP C 214 -22.50 -20.67 6.54
N VAL C 215 -22.93 -20.76 5.29
CA VAL C 215 -22.19 -21.46 4.25
C VAL C 215 -21.96 -20.49 3.11
N VAL C 216 -20.71 -20.30 2.73
CA VAL C 216 -20.33 -19.50 1.57
C VAL C 216 -19.96 -20.43 0.44
N ILE C 217 -20.57 -20.24 -0.72
CA ILE C 217 -20.33 -21.07 -1.89
C ILE C 217 -19.88 -20.17 -3.03
N LEU C 218 -18.65 -20.39 -3.50
CA LEU C 218 -18.00 -19.52 -4.48
C LEU C 218 -18.08 -20.17 -5.86
N ASP C 219 -18.90 -19.58 -6.74
CA ASP C 219 -19.04 -20.08 -8.11
C ASP C 219 -18.10 -19.42 -9.12
N ARG C 220 -17.50 -18.28 -8.78
CA ARG C 220 -16.54 -17.62 -9.65
C ARG C 220 -15.51 -16.91 -8.80
N GLU C 221 -14.25 -16.98 -9.22
CA GLU C 221 -13.14 -16.49 -8.42
C GLU C 221 -12.50 -15.18 -8.87
N THR C 222 -12.86 -14.63 -10.04
CA THR C 222 -11.95 -13.67 -10.66
C THR C 222 -11.94 -12.36 -9.88
N GLY C 223 -10.77 -12.05 -9.31
CA GLY C 223 -10.55 -10.87 -8.51
C GLY C 223 -11.01 -10.94 -7.07
N ILE C 224 -11.97 -11.80 -6.73
CA ILE C 224 -12.49 -11.89 -5.37
C ILE C 224 -12.04 -13.15 -4.63
N GLY C 225 -11.30 -14.05 -5.27
CA GLY C 225 -11.05 -15.35 -4.66
C GLY C 225 -10.31 -15.25 -3.34
N GLN C 226 -9.28 -14.42 -3.29
CA GLN C 226 -8.46 -14.29 -2.09
C GLN C 226 -9.25 -13.73 -0.92
N VAL C 227 -10.03 -12.67 -1.17
CA VAL C 227 -10.73 -12.01 -0.06
C VAL C 227 -11.89 -12.88 0.43
N VAL C 228 -12.57 -13.58 -0.48
CA VAL C 228 -13.62 -14.50 -0.05
C VAL C 228 -13.04 -15.59 0.84
N PHE C 229 -11.86 -16.10 0.48
CA PHE C 229 -11.23 -17.15 1.28
C PHE C 229 -10.92 -16.67 2.69
N GLU C 230 -10.42 -15.45 2.83
CA GLU C 230 -9.97 -14.98 4.15
C GLU C 230 -11.15 -14.71 5.07
N GLU C 231 -12.19 -14.03 4.57
CA GLU C 231 -13.33 -13.69 5.40
C GLU C 231 -14.30 -14.84 5.60
N SER C 232 -14.14 -15.94 4.88
CA SER C 232 -15.00 -17.11 5.03
C SER C 232 -14.44 -18.17 5.97
N GLN C 233 -13.29 -17.91 6.60
CA GLN C 233 -12.69 -18.91 7.48
C GLN C 233 -13.54 -19.17 8.71
N LYS C 234 -14.20 -18.14 9.23
CA LYS C 234 -15.09 -18.31 10.38
C LYS C 234 -16.28 -19.19 10.02
N ALA C 235 -16.85 -18.98 8.82
CA ALA C 235 -18.00 -19.71 8.32
C ALA C 235 -17.56 -21.03 7.69
N LYS C 236 -18.47 -21.65 6.93
CA LYS C 236 -18.14 -22.79 6.09
C LYS C 236 -17.93 -22.31 4.66
N LEU C 237 -16.81 -22.69 4.07
CA LEU C 237 -16.46 -22.30 2.71
C LEU C 237 -16.56 -23.50 1.78
N GLY C 238 -17.03 -23.25 0.58
CA GLY C 238 -17.06 -24.29 -0.43
C GLY C 238 -16.91 -23.69 -1.80
N VAL C 239 -16.35 -24.49 -2.70
CA VAL C 239 -16.05 -24.07 -4.07
C VAL C 239 -16.73 -25.06 -5.00
N VAL C 240 -17.43 -24.55 -6.00
CA VAL C 240 -18.09 -25.36 -6.99
C VAL C 240 -17.28 -25.30 -8.27
N VAL C 241 -17.20 -26.43 -8.95
CA VAL C 241 -16.42 -26.54 -10.17
C VAL C 241 -17.40 -26.63 -11.33
N HIS C 242 -17.48 -25.56 -12.11
CA HIS C 242 -18.15 -25.58 -13.39
C HIS C 242 -17.11 -25.78 -14.47
N ALA C 243 -17.38 -26.71 -15.38
CA ALA C 243 -16.52 -27.32 -16.41
C ALA C 243 -15.32 -28.07 -15.81
N GLU C 244 -14.17 -28.04 -16.50
CA GLU C 244 -13.12 -29.04 -16.33
C GLU C 244 -11.94 -28.42 -15.59
N HIS C 245 -11.49 -29.12 -14.54
CA HIS C 245 -10.60 -28.48 -13.59
C HIS C 245 -9.13 -28.48 -14.01
N PHE C 246 -8.69 -29.41 -14.84
CA PHE C 246 -7.28 -29.50 -15.20
C PHE C 246 -7.13 -29.52 -16.72
N SER C 247 -5.87 -29.66 -17.16
CA SER C 247 -5.54 -29.81 -18.57
C SER C 247 -4.58 -30.98 -18.68
N GLU C 248 -5.01 -32.07 -19.33
CA GLU C 248 -4.18 -33.25 -19.39
C GLU C 248 -3.08 -33.13 -20.43
N ASN C 249 -3.32 -32.36 -21.50
CA ASN C 249 -2.29 -32.16 -22.51
C ASN C 249 -1.08 -31.40 -21.97
N ALA C 250 -1.25 -30.63 -20.90
CA ALA C 250 -0.15 -29.96 -20.22
C ALA C 250 0.32 -30.68 -18.96
N SER C 251 -0.26 -31.81 -18.59
CA SER C 251 0.13 -32.47 -17.35
C SER C 251 1.06 -33.63 -17.62
N SER C 252 1.55 -34.23 -16.54
CA SER C 252 2.51 -35.32 -16.60
C SER C 252 2.29 -36.22 -15.39
N ASP C 253 3.21 -37.14 -15.15
CA ASP C 253 3.09 -38.00 -13.97
C ASP C 253 3.41 -37.22 -12.70
N ASP C 254 4.33 -36.24 -12.76
CA ASP C 254 4.67 -35.46 -11.58
C ASP C 254 4.10 -34.04 -11.52
N TYR C 255 3.57 -33.49 -12.62
CA TYR C 255 3.18 -32.08 -12.65
C TYR C 255 1.85 -31.93 -13.36
N ILE C 256 0.85 -31.38 -12.66
CA ILE C 256 -0.49 -31.19 -13.21
C ILE C 256 -0.76 -29.69 -13.33
N LEU C 257 -1.40 -29.31 -14.43
CA LEU C 257 -1.78 -27.92 -14.66
C LEU C 257 -3.29 -27.82 -14.47
N TRP C 258 -3.69 -27.15 -13.38
CA TRP C 258 -5.10 -26.88 -13.17
C TRP C 258 -5.60 -25.88 -14.21
N ASN C 259 -6.93 -25.86 -14.39
CA ASN C 259 -7.53 -24.77 -15.14
C ASN C 259 -7.33 -23.48 -14.36
N ASN C 260 -7.05 -22.39 -15.08
CA ASN C 260 -6.68 -21.15 -14.42
C ASN C 260 -7.83 -20.55 -13.60
N PHE C 261 -9.03 -21.10 -13.67
CA PHE C 261 -10.11 -20.61 -12.84
C PHE C 261 -10.27 -21.37 -11.52
N TYR C 262 -9.69 -22.56 -11.39
CA TYR C 262 -9.70 -23.28 -10.12
C TYR C 262 -8.35 -23.39 -9.44
N ASP C 263 -7.29 -22.83 -10.03
CA ASP C 263 -5.95 -23.05 -9.50
C ASP C 263 -5.84 -22.52 -8.08
N TYR C 264 -6.26 -21.27 -7.85
CA TYR C 264 -6.19 -20.71 -6.51
C TYR C 264 -6.96 -21.56 -5.51
N GLN C 265 -8.18 -21.97 -5.86
CA GLN C 265 -9.01 -22.74 -4.93
C GLN C 265 -8.38 -24.09 -4.63
N PHE C 266 -7.88 -24.77 -5.65
CA PHE C 266 -7.23 -26.07 -5.44
C PHE C 266 -5.93 -25.90 -4.67
N THR C 267 -5.11 -24.92 -5.06
CA THR C 267 -3.85 -24.67 -4.37
C THR C 267 -4.06 -24.48 -2.87
N ASN C 268 -5.11 -23.73 -2.51
CA ASN C 268 -5.44 -23.35 -1.14
C ASN C 268 -6.47 -24.27 -0.49
N ALA C 269 -6.73 -25.44 -1.09
CA ALA C 269 -7.85 -26.28 -0.69
C ALA C 269 -7.90 -26.57 0.81
N ASP C 270 -6.80 -26.38 1.55
CA ASP C 270 -6.89 -26.55 3.00
C ASP C 270 -7.69 -25.45 3.66
N LYS C 271 -7.98 -24.35 2.98
CA LYS C 271 -8.89 -23.34 3.48
C LYS C 271 -10.35 -23.64 3.15
N VAL C 272 -10.60 -24.53 2.21
CA VAL C 272 -11.94 -24.87 1.76
C VAL C 272 -12.47 -26.04 2.57
N ASP C 273 -13.74 -25.95 2.97
CA ASP C 273 -14.36 -27.04 3.72
C ASP C 273 -14.86 -28.15 2.80
N PHE C 274 -15.38 -27.81 1.61
CA PHE C 274 -15.86 -28.83 0.70
C PHE C 274 -15.87 -28.29 -0.72
N PHE C 275 -15.82 -29.21 -1.68
CA PHE C 275 -15.89 -28.88 -3.11
C PHE C 275 -17.12 -29.53 -3.73
N ILE C 276 -17.65 -28.90 -4.77
CA ILE C 276 -18.85 -29.37 -5.46
C ILE C 276 -18.50 -29.57 -6.93
N VAL C 277 -18.65 -30.80 -7.41
CA VAL C 277 -18.45 -31.14 -8.81
C VAL C 277 -19.80 -31.56 -9.40
N ALA C 278 -19.94 -31.32 -10.71
CA ALA C 278 -21.20 -31.66 -11.38
C ALA C 278 -21.45 -33.16 -11.35
N THR C 279 -20.49 -33.94 -11.86
CA THR C 279 -20.62 -35.38 -11.99
C THR C 279 -19.68 -36.08 -11.00
N GLU C 280 -20.09 -37.27 -10.55
CA GLU C 280 -19.19 -38.04 -9.70
C GLU C 280 -18.02 -38.63 -10.50
N ALA C 281 -18.13 -38.66 -11.82
CA ALA C 281 -16.93 -38.88 -12.64
C ALA C 281 -15.84 -37.88 -12.28
N GLN C 282 -16.23 -36.63 -12.00
CA GLN C 282 -15.24 -35.62 -11.64
C GLN C 282 -14.78 -35.76 -10.20
N LYS C 283 -15.71 -36.01 -9.27
CA LYS C 283 -15.29 -36.34 -7.91
C LYS C 283 -14.35 -37.53 -7.90
N ARG C 284 -14.55 -38.48 -8.82
CA ARG C 284 -13.69 -39.65 -8.87
C ARG C 284 -12.24 -39.27 -9.08
N ILE C 285 -11.95 -38.60 -10.20
CA ILE C 285 -10.55 -38.38 -10.60
C ILE C 285 -9.92 -37.22 -9.83
N LEU C 286 -10.67 -36.12 -9.64
CA LEU C 286 -10.10 -34.97 -8.93
C LEU C 286 -9.74 -35.34 -7.50
N GLU C 287 -10.45 -36.33 -6.94
CA GLU C 287 -10.08 -36.83 -5.62
C GLU C 287 -8.69 -37.46 -5.64
N GLN C 288 -8.35 -38.16 -6.73
CA GLN C 288 -7.05 -38.82 -6.80
C GLN C 288 -5.92 -37.89 -7.25
N GLN C 289 -6.19 -36.95 -8.17
CA GLN C 289 -5.16 -35.98 -8.51
C GLN C 289 -4.85 -35.07 -7.33
N PHE C 290 -5.80 -34.87 -6.44
CA PHE C 290 -5.47 -34.32 -5.13
C PHE C 290 -4.61 -35.27 -4.32
N GLN C 291 -4.83 -36.58 -4.49
CA GLN C 291 -4.03 -37.55 -3.75
C GLN C 291 -2.64 -37.71 -4.34
N HIS C 292 -2.55 -37.89 -5.66
CA HIS C 292 -1.27 -38.12 -6.30
C HIS C 292 -0.38 -36.88 -6.25
N TYR C 293 -0.87 -35.77 -6.79
CA TYR C 293 -0.02 -34.61 -7.00
C TYR C 293 0.22 -33.81 -5.72
N SER C 294 -0.85 -33.41 -5.03
CA SER C 294 -0.71 -32.54 -3.87
C SER C 294 -0.83 -33.23 -2.52
N ASP C 295 -1.19 -34.51 -2.47
CA ASP C 295 -1.30 -35.25 -1.21
C ASP C 295 -2.41 -34.71 -0.29
N LYS C 296 -3.13 -33.67 -0.72
CA LYS C 296 -4.26 -33.14 0.05
C LYS C 296 -5.53 -33.96 -0.19
N GLN C 297 -6.36 -34.07 0.85
CA GLN C 297 -7.63 -34.82 0.78
C GLN C 297 -8.80 -33.91 1.12
N PRO C 298 -9.17 -32.98 0.23
CA PRO C 298 -10.37 -32.17 0.48
C PRO C 298 -11.66 -32.93 0.19
N GLN C 299 -12.68 -32.69 1.02
CA GLN C 299 -13.98 -33.31 0.80
C GLN C 299 -14.60 -32.77 -0.49
N ILE C 300 -15.06 -33.69 -1.34
CA ILE C 300 -15.68 -33.36 -2.62
C ILE C 300 -17.06 -34.01 -2.66
N ALA C 301 -18.04 -33.27 -3.18
CA ALA C 301 -19.43 -33.71 -3.19
C ALA C 301 -20.02 -33.57 -4.58
N THR C 302 -20.80 -34.58 -4.99
CA THR C 302 -21.43 -34.59 -6.30
C THR C 302 -22.87 -34.09 -6.19
N ILE C 303 -23.16 -32.98 -6.85
CA ILE C 303 -24.49 -32.37 -6.88
C ILE C 303 -24.85 -31.87 -8.27
N PRO C 304 -25.65 -32.61 -9.05
CA PRO C 304 -25.91 -32.24 -10.44
C PRO C 304 -26.38 -30.80 -10.61
N VAL C 305 -26.13 -30.25 -11.80
CA VAL C 305 -26.47 -28.86 -12.08
C VAL C 305 -27.96 -28.70 -12.39
N GLY C 306 -28.59 -29.69 -13.05
CA GLY C 306 -30.01 -29.65 -13.33
C GLY C 306 -30.81 -30.68 -12.54
N SER C 307 -32.03 -30.92 -13.00
CA SER C 307 -32.83 -32.06 -12.55
C SER C 307 -33.86 -32.42 -13.60
N LEU C 308 -34.42 -33.62 -13.45
CA LEU C 308 -35.63 -34.02 -14.15
C LEU C 308 -36.80 -33.90 -13.19
N ASP C 309 -37.88 -33.25 -13.64
CA ASP C 309 -39.04 -33.20 -12.76
C ASP C 309 -39.77 -34.54 -12.71
N GLN C 310 -40.13 -35.08 -13.88
CA GLN C 310 -40.87 -36.32 -13.99
C GLN C 310 -40.27 -37.17 -15.11
N LEU C 311 -40.14 -38.47 -14.88
CA LEU C 311 -39.78 -39.37 -15.95
C LEU C 311 -40.81 -39.25 -17.07
N THR C 312 -40.35 -38.96 -18.28
CA THR C 312 -41.28 -38.65 -19.37
C THR C 312 -41.45 -39.92 -20.19
N TYR C 313 -42.58 -40.59 -19.99
CA TYR C 313 -42.95 -41.76 -20.77
C TYR C 313 -43.90 -41.29 -21.86
N PRO C 314 -43.56 -41.43 -23.14
CA PRO C 314 -44.48 -41.00 -24.19
C PRO C 314 -45.65 -41.95 -24.36
N LYS C 315 -46.81 -41.38 -24.67
CA LYS C 315 -48.04 -42.13 -24.91
C LYS C 315 -48.28 -42.39 -26.40
N GLU C 316 -47.38 -41.94 -27.27
CA GLU C 316 -47.54 -42.01 -28.70
C GLU C 316 -46.74 -43.20 -29.25
N PRO C 317 -46.84 -43.50 -30.55
CA PRO C 317 -45.99 -44.57 -31.09
C PRO C 317 -44.54 -44.11 -31.14
N ARG C 318 -43.65 -44.95 -30.65
CA ARG C 318 -42.24 -44.72 -30.87
C ARG C 318 -42.00 -44.65 -32.37
N LYS C 319 -41.42 -43.56 -32.84
CA LYS C 319 -41.12 -43.50 -34.26
C LYS C 319 -39.84 -44.30 -34.51
N PRO C 320 -39.91 -45.41 -35.23
CA PRO C 320 -38.69 -46.16 -35.52
C PRO C 320 -37.84 -45.51 -36.61
N TYR C 321 -36.53 -45.63 -36.44
CA TYR C 321 -35.49 -45.15 -37.36
C TYR C 321 -35.53 -43.61 -37.52
N SER C 322 -35.07 -42.93 -36.46
CA SER C 322 -34.79 -41.49 -36.56
C SER C 322 -33.67 -41.13 -35.58
N MSE C 323 -33.48 -39.83 -35.37
CA MSE C 323 -32.18 -39.22 -35.08
C MSE C 323 -32.35 -37.81 -34.48
O MSE C 323 -33.47 -37.31 -34.57
CB MSE C 323 -31.41 -39.14 -36.38
CG MSE C 323 -29.93 -39.38 -36.34
SE MSE C 323 -29.41 -41.22 -36.14
CE MSE C 323 -27.80 -41.06 -37.19
N ILE C 324 -31.34 -37.19 -33.90
CA ILE C 324 -31.38 -35.75 -33.59
C ILE C 324 -30.06 -35.31 -32.97
N THR C 325 -29.78 -34.00 -33.05
CA THR C 325 -28.72 -33.38 -32.26
C THR C 325 -29.20 -32.01 -31.79
N ALA C 326 -29.11 -31.75 -30.48
CA ALA C 326 -29.37 -30.42 -29.95
C ALA C 326 -28.14 -29.93 -29.21
N SER C 327 -27.44 -28.95 -29.77
CA SER C 327 -26.26 -28.41 -29.13
C SER C 327 -26.04 -27.00 -29.68
N ARG C 328 -25.18 -26.24 -29.01
CA ARG C 328 -25.09 -24.77 -29.15
C ARG C 328 -24.02 -24.46 -30.20
N LEU C 329 -24.40 -24.00 -31.41
CA LEU C 329 -23.60 -24.49 -32.54
C LEU C 329 -22.42 -23.62 -32.95
N ALA C 330 -21.27 -24.30 -33.03
CA ALA C 330 -19.92 -23.77 -33.18
C ALA C 330 -19.09 -24.86 -33.87
N THR C 331 -17.76 -24.65 -33.94
CA THR C 331 -16.86 -25.67 -34.47
C THR C 331 -16.67 -26.82 -33.49
N GLU C 332 -16.56 -26.50 -32.20
CA GLU C 332 -16.40 -27.52 -31.15
C GLU C 332 -17.48 -28.59 -31.26
N LYS C 333 -18.63 -28.24 -31.84
CA LYS C 333 -19.70 -29.17 -32.15
C LYS C 333 -19.25 -30.42 -32.86
N HIS C 334 -18.64 -30.24 -34.03
CA HIS C 334 -18.16 -31.33 -34.86
C HIS C 334 -19.29 -32.25 -35.31
N ILE C 335 -20.40 -31.68 -35.79
CA ILE C 335 -21.44 -32.56 -36.31
C ILE C 335 -21.38 -32.68 -37.84
N ASP C 336 -20.38 -32.09 -38.50
CA ASP C 336 -20.03 -32.57 -39.83
C ASP C 336 -19.63 -34.04 -39.80
N TRP C 337 -19.18 -34.51 -38.65
CA TRP C 337 -19.04 -35.95 -38.42
C TRP C 337 -20.39 -36.60 -38.16
N LEU C 338 -21.34 -35.85 -37.61
CA LEU C 338 -22.69 -36.38 -37.48
C LEU C 338 -23.43 -36.25 -38.80
N VAL C 339 -23.07 -35.25 -39.59
CA VAL C 339 -23.64 -35.09 -40.92
C VAL C 339 -23.17 -36.21 -41.85
N ALA C 340 -21.86 -36.42 -41.91
CA ALA C 340 -21.32 -37.41 -42.85
C ALA C 340 -21.70 -38.83 -42.43
N ALA C 341 -21.53 -39.16 -41.15
CA ALA C 341 -21.82 -40.51 -40.66
C ALA C 341 -23.29 -40.87 -40.77
N THR C 342 -24.16 -39.90 -41.07
CA THR C 342 -25.54 -40.20 -41.40
C THR C 342 -25.70 -40.55 -42.87
N VAL C 343 -25.03 -39.82 -43.74
CA VAL C 343 -24.96 -40.22 -45.15
C VAL C 343 -24.35 -41.61 -45.27
N GLN C 344 -23.22 -41.82 -44.61
CA GLN C 344 -22.54 -43.11 -44.66
C GLN C 344 -23.31 -44.22 -43.95
N ALA C 345 -24.29 -43.88 -43.10
CA ALA C 345 -25.20 -44.87 -42.54
C ALA C 345 -26.56 -44.93 -43.23
N HIS C 346 -26.84 -44.02 -44.18
CA HIS C 346 -28.15 -44.02 -44.83
C HIS C 346 -28.28 -45.12 -45.88
N ALA C 347 -27.14 -45.66 -46.36
CA ALA C 347 -27.18 -46.66 -47.42
C ALA C 347 -27.90 -47.93 -46.96
N GLN C 348 -27.65 -48.35 -45.71
CA GLN C 348 -28.19 -49.60 -45.20
C GLN C 348 -29.46 -49.42 -44.37
N LEU C 349 -29.91 -48.20 -44.12
CA LEU C 349 -31.01 -48.06 -43.18
C LEU C 349 -32.19 -47.29 -43.78
N PRO C 350 -33.41 -47.75 -43.56
CA PRO C 350 -34.59 -47.13 -44.20
C PRO C 350 -34.96 -45.77 -43.60
N GLU C 351 -35.11 -44.78 -44.49
CA GLU C 351 -35.83 -43.53 -44.21
C GLU C 351 -35.45 -42.87 -42.89
N LEU C 352 -34.19 -43.01 -42.47
CA LEU C 352 -33.75 -42.39 -41.21
C LEU C 352 -33.61 -40.87 -41.37
N THR C 353 -33.81 -40.14 -40.26
CA THR C 353 -33.57 -38.69 -40.29
C THR C 353 -33.25 -38.08 -38.93
N LEU C 354 -32.34 -37.10 -38.97
CA LEU C 354 -31.94 -36.30 -37.81
C LEU C 354 -32.41 -34.86 -37.90
N ASP C 355 -32.65 -34.28 -36.73
CA ASP C 355 -32.92 -32.86 -36.61
C ASP C 355 -31.79 -32.19 -35.83
N ILE C 356 -31.37 -31.03 -36.33
CA ILE C 356 -30.31 -30.25 -35.70
C ILE C 356 -30.97 -29.01 -35.13
N TYR C 357 -31.09 -28.97 -33.81
CA TYR C 357 -31.62 -27.81 -33.10
C TYR C 357 -30.50 -27.07 -32.40
N GLY C 358 -30.65 -25.76 -32.35
CA GLY C 358 -29.56 -24.88 -32.00
C GLY C 358 -29.00 -24.28 -33.25
N LYS C 359 -28.55 -23.04 -33.16
CA LYS C 359 -28.10 -22.25 -34.30
C LYS C 359 -27.02 -21.29 -33.82
N GLY C 360 -26.20 -20.85 -34.75
CA GLY C 360 -25.10 -20.00 -34.39
C GLY C 360 -24.00 -20.10 -35.42
N SER C 361 -22.78 -19.86 -34.96
CA SER C 361 -21.63 -19.94 -35.85
C SER C 361 -21.52 -21.32 -36.44
N GLU C 362 -20.91 -21.37 -37.62
CA GLU C 362 -20.75 -22.58 -38.39
C GLU C 362 -22.03 -23.09 -39.00
N GLU C 363 -23.22 -22.62 -38.55
CA GLU C 363 -24.43 -23.04 -39.21
C GLU C 363 -24.25 -22.91 -40.70
N ASP C 364 -23.52 -21.92 -41.19
CA ASP C 364 -23.27 -21.84 -42.63
C ASP C 364 -22.64 -23.05 -43.29
N LYS C 365 -21.65 -23.69 -42.68
CA LYS C 365 -21.02 -24.76 -43.39
C LYS C 365 -21.75 -26.13 -43.31
N LEU C 366 -22.64 -26.28 -42.34
CA LEU C 366 -23.44 -27.50 -42.28
C LEU C 366 -24.52 -27.54 -43.37
N ARG C 367 -25.26 -26.45 -43.54
CA ARG C 367 -26.07 -26.29 -44.74
C ARG C 367 -25.24 -26.44 -46.02
N ARG C 368 -23.97 -26.06 -46.00
CA ARG C 368 -23.16 -26.13 -47.21
C ARG C 368 -23.16 -27.53 -47.79
N ARG C 369 -22.84 -28.53 -46.97
CA ARG C 369 -22.68 -29.89 -47.47
C ARG C 369 -23.90 -30.80 -47.28
N ILE C 370 -24.87 -30.43 -46.45
CA ILE C 370 -25.96 -31.38 -46.21
C ILE C 370 -26.82 -31.54 -47.46
N GLU C 371 -26.85 -30.52 -48.32
CA GLU C 371 -27.59 -30.59 -49.56
C GLU C 371 -26.87 -31.42 -50.62
N GLU C 372 -25.59 -31.11 -50.88
CA GLU C 372 -24.85 -31.86 -51.89
C GLU C 372 -24.62 -33.31 -51.46
N ALA C 373 -24.62 -33.58 -50.16
CA ALA C 373 -24.60 -34.93 -49.65
C ALA C 373 -25.92 -35.64 -49.96
N GLY C 374 -25.89 -36.98 -49.86
CA GLY C 374 -26.99 -37.82 -50.26
C GLY C 374 -28.34 -37.53 -49.63
N ALA C 375 -28.46 -37.59 -48.29
CA ALA C 375 -29.76 -37.33 -47.70
C ALA C 375 -29.81 -35.85 -47.40
N GLN C 376 -30.39 -35.09 -48.33
CA GLN C 376 -30.59 -33.66 -48.21
C GLN C 376 -31.91 -33.31 -47.55
N ASP C 377 -33.00 -33.95 -48.00
CA ASP C 377 -34.34 -33.69 -47.51
C ASP C 377 -34.64 -34.42 -46.21
N TYR C 378 -33.88 -35.47 -45.93
CA TYR C 378 -33.98 -36.32 -44.76
C TYR C 378 -32.93 -36.01 -43.70
N ILE C 379 -32.38 -34.79 -43.67
CA ILE C 379 -31.68 -34.27 -42.50
C ILE C 379 -32.06 -32.81 -42.30
N ARG C 380 -32.27 -32.41 -41.02
CA ARG C 380 -32.90 -31.11 -40.77
C ARG C 380 -31.88 -30.02 -40.46
N LEU C 381 -32.44 -28.83 -40.34
CA LEU C 381 -31.85 -27.64 -40.90
C LEU C 381 -32.05 -26.40 -40.03
N LYS C 382 -33.33 -26.08 -39.87
CA LYS C 382 -33.78 -24.94 -39.11
C LYS C 382 -33.52 -25.15 -37.62
N GLY C 383 -33.57 -24.03 -36.91
CA GLY C 383 -32.97 -23.78 -35.62
C GLY C 383 -33.82 -24.01 -34.40
N HIS C 384 -33.77 -23.00 -33.54
CA HIS C 384 -34.33 -23.04 -32.20
C HIS C 384 -35.73 -23.62 -32.15
N ALA C 385 -35.89 -24.58 -31.23
CA ALA C 385 -37.19 -25.11 -30.83
C ALA C 385 -37.04 -25.53 -29.38
N ASP C 386 -38.12 -25.44 -28.62
CA ASP C 386 -38.07 -25.87 -27.23
C ASP C 386 -38.48 -27.33 -27.22
N LEU C 387 -37.50 -28.21 -27.01
CA LEU C 387 -37.67 -29.64 -27.13
C LEU C 387 -38.10 -30.28 -25.81
N SER C 388 -38.51 -29.46 -24.85
CA SER C 388 -38.87 -29.94 -23.51
C SER C 388 -39.69 -31.22 -23.55
N GLN C 389 -40.71 -31.28 -24.41
CA GLN C 389 -41.46 -32.52 -24.56
C GLN C 389 -41.08 -33.37 -25.78
N ILE C 390 -40.33 -32.84 -26.76
CA ILE C 390 -40.28 -33.53 -28.05
C ILE C 390 -39.21 -34.61 -28.13
N TYR C 391 -38.31 -34.70 -27.14
CA TYR C 391 -37.29 -35.74 -27.16
C TYR C 391 -37.91 -37.12 -27.34
N ALA C 392 -38.93 -37.44 -26.54
CA ALA C 392 -39.51 -38.78 -26.52
C ALA C 392 -40.09 -39.18 -27.87
N GLY C 393 -40.27 -38.24 -28.79
CA GLY C 393 -40.78 -38.53 -30.12
C GLY C 393 -39.63 -38.90 -31.02
N TYR C 394 -38.55 -39.41 -30.42
CA TYR C 394 -37.36 -39.68 -31.19
C TYR C 394 -36.82 -41.05 -30.85
N GLU C 395 -35.75 -41.38 -31.57
CA GLU C 395 -35.04 -42.63 -31.33
C GLU C 395 -33.68 -42.43 -30.71
N LEU C 396 -32.73 -41.77 -31.36
CA LEU C 396 -31.43 -41.64 -30.74
C LEU C 396 -30.90 -40.22 -30.90
N TYR C 397 -29.84 -39.98 -30.17
CA TYR C 397 -29.26 -38.67 -29.92
C TYR C 397 -27.79 -38.76 -30.32
N LEU C 398 -27.23 -37.65 -30.78
CA LEU C 398 -25.91 -37.70 -31.38
C LEU C 398 -25.04 -36.55 -30.88
N THR C 399 -23.95 -36.89 -30.18
CA THR C 399 -23.02 -35.93 -29.59
C THR C 399 -21.59 -36.24 -30.02
N ALA C 400 -20.99 -35.32 -30.76
CA ALA C 400 -19.56 -35.35 -31.09
C ALA C 400 -18.73 -34.49 -30.16
N SER C 401 -19.32 -33.97 -29.08
CA SER C 401 -18.58 -33.11 -28.17
C SER C 401 -17.30 -33.81 -27.70
N THR C 402 -16.16 -33.14 -27.90
CA THR C 402 -14.93 -33.63 -27.31
C THR C 402 -14.96 -33.46 -25.80
N SER C 403 -15.74 -32.49 -25.32
CA SER C 403 -15.85 -32.15 -23.90
C SER C 403 -17.32 -31.92 -23.56
N GLU C 404 -17.79 -32.49 -22.45
CA GLU C 404 -18.95 -31.93 -21.77
C GLU C 404 -18.82 -32.14 -20.27
N GLY C 405 -18.86 -31.04 -19.50
CA GLY C 405 -18.75 -31.17 -18.06
C GLY C 405 -19.99 -31.78 -17.44
N PHE C 406 -21.16 -31.29 -17.84
CA PHE C 406 -22.44 -31.94 -17.57
C PHE C 406 -23.30 -31.73 -18.80
N GLY C 407 -23.74 -32.81 -19.44
CA GLY C 407 -24.71 -32.63 -20.51
C GLY C 407 -26.08 -32.25 -19.98
N LEU C 408 -26.62 -31.09 -20.34
CA LEU C 408 -28.00 -30.79 -19.94
C LEU C 408 -29.04 -31.33 -20.91
N THR C 409 -28.81 -31.21 -22.22
CA THR C 409 -29.71 -31.85 -23.16
C THR C 409 -29.69 -33.36 -22.98
N LEU C 410 -28.51 -33.92 -22.73
CA LEU C 410 -28.38 -35.32 -22.35
C LEU C 410 -29.23 -35.62 -21.11
N MSE C 411 -29.13 -34.75 -20.11
CA MSE C 411 -29.92 -34.85 -18.88
C MSE C 411 -31.41 -35.04 -19.21
O MSE C 411 -32.06 -35.94 -18.69
CB MSE C 411 -29.71 -33.60 -18.03
CG MSE C 411 -30.86 -33.27 -17.09
SE MSE C 411 -30.81 -34.39 -15.51
CE MSE C 411 -29.88 -33.21 -14.30
N GLU C 412 -31.93 -34.18 -20.10
CA GLU C 412 -33.30 -34.33 -20.55
C GLU C 412 -33.50 -35.59 -21.37
N ALA C 413 -32.47 -36.01 -22.11
CA ALA C 413 -32.63 -37.08 -23.10
C ALA C 413 -32.93 -38.42 -22.43
N VAL C 414 -32.16 -38.79 -21.41
CA VAL C 414 -32.34 -40.10 -20.79
C VAL C 414 -33.67 -40.17 -20.04
N GLY C 415 -34.05 -39.07 -19.40
CA GLY C 415 -35.39 -39.00 -18.84
C GLY C 415 -36.46 -39.10 -19.91
N SER C 416 -36.22 -38.47 -21.07
CA SER C 416 -37.19 -38.58 -22.16
C SER C 416 -37.11 -39.93 -22.86
N GLY C 417 -35.99 -40.67 -22.69
CA GLY C 417 -35.89 -42.04 -23.17
C GLY C 417 -34.95 -42.54 -24.20
N LEU C 418 -34.21 -41.66 -24.81
CA LEU C 418 -33.38 -42.14 -26.07
C LEU C 418 -32.14 -42.94 -25.66
N PRO C 419 -31.76 -43.92 -26.49
CA PRO C 419 -30.47 -44.50 -26.26
C PRO C 419 -29.38 -43.52 -26.60
N LEU C 420 -28.11 -43.86 -26.31
CA LEU C 420 -27.14 -42.74 -26.46
C LEU C 420 -25.80 -43.28 -26.93
N ILE C 421 -25.28 -42.62 -27.94
CA ILE C 421 -23.94 -42.84 -28.41
C ILE C 421 -23.17 -41.54 -28.31
N GLY C 422 -21.98 -41.58 -27.72
CA GLY C 422 -21.05 -40.45 -27.75
C GLY C 422 -19.66 -40.95 -27.42
N PHE C 423 -18.68 -40.10 -27.69
CA PHE C 423 -17.29 -40.48 -27.40
C PHE C 423 -17.11 -40.69 -25.89
N ASP C 424 -16.07 -41.43 -25.54
CA ASP C 424 -15.85 -41.75 -24.14
C ASP C 424 -14.90 -40.68 -23.64
N VAL C 425 -15.48 -39.63 -23.06
CA VAL C 425 -14.79 -38.38 -22.75
C VAL C 425 -15.52 -37.74 -21.59
N ARG C 426 -14.77 -37.00 -20.79
CA ARG C 426 -15.30 -36.45 -19.55
C ARG C 426 -16.20 -35.23 -19.77
N TYR C 427 -17.15 -35.02 -18.85
CA TYR C 427 -17.61 -36.07 -17.94
C TYR C 427 -19.02 -36.59 -18.27
N GLY C 428 -19.70 -35.92 -19.21
CA GLY C 428 -21.13 -36.14 -19.35
C GLY C 428 -21.47 -37.47 -20.01
N ASN C 429 -20.83 -37.75 -21.14
CA ASN C 429 -21.10 -39.01 -21.83
C ASN C 429 -20.75 -40.20 -20.96
N GLN C 430 -19.82 -40.04 -20.02
CA GLN C 430 -19.42 -41.14 -19.15
C GLN C 430 -20.38 -41.35 -18.00
N THR C 431 -21.00 -40.29 -17.49
CA THR C 431 -21.94 -40.44 -16.39
C THR C 431 -23.36 -40.77 -16.84
N PHE C 432 -23.68 -40.52 -18.12
CA PHE C 432 -25.00 -40.77 -18.67
C PHE C 432 -25.10 -42.04 -19.51
N ILE C 433 -24.01 -42.78 -19.69
CA ILE C 433 -23.98 -43.89 -20.62
C ILE C 433 -23.17 -45.04 -20.05
N ASP C 434 -23.63 -46.26 -20.29
CA ASP C 434 -22.81 -47.46 -20.23
C ASP C 434 -22.75 -48.02 -21.64
N ASP C 435 -21.73 -48.82 -21.95
CA ASP C 435 -21.60 -49.23 -23.35
C ASP C 435 -22.27 -50.57 -23.68
N GLY C 436 -22.66 -51.33 -22.68
CA GLY C 436 -23.87 -52.15 -22.78
C GLY C 436 -24.97 -51.20 -22.38
N LYS C 437 -26.07 -51.74 -21.88
CA LYS C 437 -26.98 -50.88 -21.13
C LYS C 437 -27.39 -49.72 -22.06
N ASN C 438 -27.31 -48.45 -21.63
CA ASN C 438 -27.88 -47.33 -22.41
C ASN C 438 -27.36 -47.32 -23.85
N GLY C 439 -26.07 -47.41 -24.05
CA GLY C 439 -25.51 -46.89 -25.28
C GLY C 439 -24.12 -47.39 -25.60
N TYR C 440 -23.43 -46.65 -26.48
CA TYR C 440 -22.05 -46.94 -26.84
C TYR C 440 -21.19 -45.69 -26.72
N LEU C 441 -20.04 -45.83 -26.05
CA LEU C 441 -19.05 -44.77 -25.88
C LEU C 441 -17.89 -45.04 -26.82
N LEU C 442 -17.67 -44.14 -27.76
CA LEU C 442 -16.65 -44.33 -28.77
C LEU C 442 -15.29 -43.86 -28.24
N PRO C 443 -14.33 -44.77 -28.04
CA PRO C 443 -12.97 -44.31 -27.71
C PRO C 443 -12.43 -43.46 -28.85
N VAL C 444 -11.68 -42.42 -28.48
CA VAL C 444 -11.22 -41.42 -29.44
C VAL C 444 -9.71 -41.30 -29.35
N SER C 445 -9.06 -41.23 -30.51
CA SER C 445 -7.62 -41.05 -30.55
C SER C 445 -7.27 -39.61 -30.18
N SER C 446 -5.97 -39.33 -30.11
CA SER C 446 -5.49 -38.05 -29.60
C SER C 446 -5.66 -36.90 -30.59
N ASN C 447 -6.08 -37.17 -31.82
CA ASN C 447 -6.12 -36.13 -32.83
C ASN C 447 -7.28 -36.38 -33.79
N HIS C 448 -7.59 -35.35 -34.59
CA HIS C 448 -8.71 -35.43 -35.51
C HIS C 448 -8.28 -36.24 -36.73
N VAL C 449 -8.91 -37.41 -36.91
CA VAL C 449 -8.80 -38.19 -38.13
C VAL C 449 -10.23 -38.51 -38.52
N GLU C 450 -10.69 -37.96 -39.65
CA GLU C 450 -12.12 -37.84 -39.88
C GLU C 450 -12.77 -39.20 -40.08
N ASP C 451 -12.26 -40.01 -41.02
CA ASP C 451 -12.89 -41.29 -41.32
C ASP C 451 -12.73 -42.32 -40.22
N GLN C 452 -11.85 -42.06 -39.25
CA GLN C 452 -11.78 -42.87 -38.03
C GLN C 452 -13.17 -43.13 -37.48
N ILE C 453 -13.83 -42.06 -37.05
CA ILE C 453 -15.08 -42.16 -36.31
C ILE C 453 -16.30 -42.28 -37.23
N ILE C 454 -16.26 -41.64 -38.41
CA ILE C 454 -17.43 -41.65 -39.29
C ILE C 454 -17.86 -43.09 -39.57
N ALA C 455 -16.89 -43.97 -39.80
CA ALA C 455 -17.16 -45.40 -39.84
C ALA C 455 -17.39 -45.97 -38.44
N ALA C 456 -16.65 -45.46 -37.45
CA ALA C 456 -16.84 -45.89 -36.07
C ALA C 456 -18.13 -45.33 -35.47
N PHE C 457 -18.81 -44.42 -36.18
CA PHE C 457 -20.13 -44.03 -35.70
C PHE C 457 -21.17 -45.03 -36.18
N VAL C 458 -21.03 -45.44 -37.43
CA VAL C 458 -22.05 -46.25 -38.09
C VAL C 458 -22.19 -47.61 -37.43
N GLU C 459 -21.07 -48.17 -37.02
CA GLU C 459 -21.10 -49.54 -36.52
C GLU C 459 -21.90 -49.68 -35.19
N LYS C 460 -21.82 -48.68 -34.24
CA LYS C 460 -22.70 -48.77 -33.05
C LYS C 460 -24.11 -48.21 -33.33
N ILE C 461 -24.26 -47.39 -34.36
CA ILE C 461 -25.60 -47.00 -34.80
C ILE C 461 -26.43 -48.23 -35.15
N ILE C 462 -25.85 -49.10 -35.96
CA ILE C 462 -26.62 -50.21 -36.52
C ILE C 462 -26.74 -51.38 -35.54
N ALA C 463 -25.80 -51.52 -34.60
CA ALA C 463 -25.90 -52.63 -33.65
C ALA C 463 -27.16 -52.53 -32.81
N LEU C 464 -27.62 -51.31 -32.54
CA LEU C 464 -28.88 -51.07 -31.82
C LEU C 464 -30.11 -51.08 -32.73
N PHE C 465 -30.04 -50.48 -33.93
CA PHE C 465 -31.19 -50.52 -34.83
C PHE C 465 -31.57 -51.94 -35.16
N SER C 466 -30.59 -52.83 -35.23
CA SER C 466 -30.84 -54.27 -35.16
C SER C 466 -31.50 -54.62 -33.83
N GLN C 467 -32.54 -55.44 -33.90
CA GLN C 467 -33.30 -55.88 -32.74
C GLN C 467 -32.42 -56.73 -31.80
N GLY C 468 -32.82 -56.90 -30.54
CA GLY C 468 -34.04 -56.31 -30.01
C GLY C 468 -33.76 -55.05 -29.23
N ARG C 469 -32.51 -54.57 -29.37
CA ARG C 469 -31.90 -53.75 -28.34
C ARG C 469 -32.54 -52.37 -28.22
N GLN C 470 -32.98 -51.78 -29.33
CA GLN C 470 -33.31 -50.37 -29.35
C GLN C 470 -34.25 -49.99 -28.21
N GLN C 471 -35.33 -50.75 -28.03
CA GLN C 471 -36.19 -50.52 -26.88
C GLN C 471 -35.70 -51.25 -25.62
N GLU C 472 -34.82 -52.24 -25.76
CA GLU C 472 -34.27 -52.90 -24.58
C GLU C 472 -33.52 -51.92 -23.69
N MSE C 473 -32.61 -51.16 -24.28
CA MSE C 473 -31.78 -50.30 -23.45
C MSE C 473 -32.41 -48.92 -23.23
O MSE C 473 -31.97 -48.18 -22.36
CB MSE C 473 -30.36 -50.19 -24.03
CG MSE C 473 -30.15 -50.19 -25.55
SE MSE C 473 -28.21 -50.37 -25.92
CE MSE C 473 -28.09 -49.78 -27.77
N SER C 474 -33.46 -48.60 -23.99
CA SER C 474 -34.29 -47.44 -23.67
C SER C 474 -34.95 -47.59 -22.31
N GLN C 475 -35.56 -48.74 -22.06
CA GLN C 475 -36.51 -48.86 -20.97
C GLN C 475 -35.85 -49.02 -19.61
N HIS C 476 -34.62 -49.54 -19.56
CA HIS C 476 -33.79 -49.41 -18.39
C HIS C 476 -32.83 -48.23 -18.51
N SER C 477 -32.81 -47.52 -19.65
CA SER C 477 -32.10 -46.24 -19.68
C SER C 477 -32.60 -45.33 -18.57
N TYR C 478 -33.81 -45.60 -18.07
CA TYR C 478 -34.44 -44.82 -17.01
C TYR C 478 -34.04 -45.24 -15.61
N GLN C 479 -33.67 -46.50 -15.35
CA GLN C 479 -33.33 -46.86 -13.98
C GLN C 479 -32.15 -46.05 -13.47
N VAL C 480 -31.32 -45.54 -14.37
CA VAL C 480 -30.33 -44.54 -13.98
C VAL C 480 -30.95 -43.15 -13.92
N ALA C 481 -31.91 -42.86 -14.82
CA ALA C 481 -32.58 -41.55 -14.80
C ALA C 481 -33.32 -41.31 -13.50
N GLU C 482 -33.64 -42.37 -12.76
CA GLU C 482 -34.34 -42.25 -11.49
C GLU C 482 -33.46 -41.68 -10.38
N ASN C 483 -32.16 -41.49 -10.61
CA ASN C 483 -31.32 -40.82 -9.63
C ASN C 483 -31.07 -39.35 -9.91
N TYR C 484 -31.36 -38.87 -11.13
CA TYR C 484 -31.03 -37.52 -11.54
C TYR C 484 -32.23 -36.57 -11.50
N LEU C 485 -33.30 -36.98 -10.85
CA LEU C 485 -34.54 -36.22 -10.81
C LEU C 485 -34.79 -35.65 -9.41
N THR C 486 -35.64 -34.63 -9.36
CA THR C 486 -35.60 -33.60 -8.33
C THR C 486 -35.49 -34.17 -6.91
N SER C 487 -36.32 -35.16 -6.58
CA SER C 487 -36.34 -35.66 -5.20
C SER C 487 -34.97 -36.12 -4.74
N ARG C 488 -34.15 -36.63 -5.66
CA ARG C 488 -32.78 -37.04 -5.32
C ARG C 488 -31.84 -35.85 -5.23
N VAL C 489 -32.04 -34.83 -6.07
CA VAL C 489 -31.26 -33.60 -5.95
C VAL C 489 -31.48 -32.97 -4.59
N GLU C 490 -32.75 -32.71 -4.26
CA GLU C 490 -33.09 -32.14 -2.96
C GLU C 490 -32.62 -33.02 -1.82
N ALA C 491 -32.44 -34.32 -2.06
CA ALA C 491 -31.90 -35.19 -1.01
C ALA C 491 -30.46 -34.81 -0.68
N ALA C 492 -29.59 -34.80 -1.69
CA ALA C 492 -28.16 -34.59 -1.47
C ALA C 492 -27.86 -33.12 -1.15
N TRP C 493 -28.54 -32.19 -1.82
CA TRP C 493 -28.37 -30.77 -1.50
C TRP C 493 -28.68 -30.51 -0.03
N THR C 494 -29.88 -30.92 0.38
CA THR C 494 -30.21 -31.14 1.77
C THR C 494 -29.04 -31.90 2.34
N GLN C 495 -28.82 -33.16 1.92
CA GLN C 495 -27.82 -33.99 2.61
C GLN C 495 -26.56 -33.19 2.89
N LEU C 496 -26.08 -32.39 1.93
CA LEU C 496 -24.76 -31.78 2.07
C LEU C 496 -24.70 -30.74 3.20
N LEU C 497 -25.75 -29.94 3.39
CA LEU C 497 -25.59 -28.84 4.34
C LEU C 497 -25.39 -29.37 5.75
N LYS C 498 -25.99 -30.52 6.09
CA LYS C 498 -25.86 -31.02 7.45
C LYS C 498 -24.50 -31.63 7.75
N GLU C 499 -23.92 -32.42 6.84
CA GLU C 499 -22.62 -32.96 7.24
C GLU C 499 -21.55 -31.88 7.10
N VAL C 500 -21.85 -30.79 6.38
CA VAL C 500 -20.94 -29.64 6.38
C VAL C 500 -20.86 -28.99 7.77
N ARG C 501 -22.01 -28.83 8.46
CA ARG C 501 -22.00 -28.10 9.72
C ARG C 501 -21.81 -28.95 10.96
N ASP C 502 -21.87 -30.28 10.86
CA ASP C 502 -21.52 -31.07 12.04
C ASP C 502 -20.03 -31.00 12.32
N ASP C 503 -19.24 -30.66 11.31
CA ASP C 503 -17.80 -30.40 11.45
C ASP C 503 -17.44 -29.67 12.74
N MSE D 1 -30.57 47.51 -1.80
CA MSE D 1 -29.13 47.56 -1.60
C MSE D 1 -28.61 46.23 -1.09
O MSE D 1 -29.29 45.54 -0.32
CB MSE D 1 -28.75 48.66 -0.61
CG MSE D 1 -27.39 49.26 -0.85
SE MSE D 1 -26.87 50.49 0.57
CE MSE D 1 -25.58 51.57 -0.41
N ILE D 2 -27.40 45.84 -1.54
CA ILE D 2 -26.75 44.62 -1.13
C ILE D 2 -25.24 44.84 -1.03
N GLN D 3 -24.57 43.87 -0.44
CA GLN D 3 -23.13 43.74 -0.47
C GLN D 3 -22.82 42.42 -1.16
N LEU D 4 -22.27 42.48 -2.36
CA LEU D 4 -21.87 41.29 -3.10
C LEU D 4 -20.36 41.18 -3.00
N PHE D 5 -19.89 40.20 -2.23
CA PHE D 5 -18.47 40.11 -1.91
C PHE D 5 -17.91 38.83 -2.50
N ASP D 6 -16.90 38.99 -3.37
CA ASP D 6 -16.27 37.81 -3.95
C ASP D 6 -15.72 36.92 -2.85
N TYR D 7 -14.62 37.34 -2.20
CA TYR D 7 -14.05 36.49 -1.17
C TYR D 7 -14.23 37.11 0.19
N TYR D 8 -14.33 36.26 1.21
CA TYR D 8 -14.16 36.74 2.56
C TYR D 8 -12.67 36.76 2.87
N ASN D 9 -12.21 37.90 3.34
CA ASN D 9 -10.93 38.06 4.00
C ASN D 9 -11.04 39.34 4.82
N GLN D 10 -9.94 39.81 5.39
CA GLN D 10 -10.06 41.00 6.23
C GLN D 10 -10.17 42.27 5.40
N GLU D 11 -9.65 42.28 4.16
CA GLU D 11 -9.89 43.44 3.31
C GLU D 11 -11.38 43.66 3.10
N THR D 12 -12.15 42.58 3.10
CA THR D 12 -13.60 42.72 2.98
C THR D 12 -14.24 43.03 4.33
N GLN D 13 -13.72 42.47 5.41
CA GLN D 13 -14.29 42.75 6.73
C GLN D 13 -14.15 44.22 7.09
N ASP D 14 -12.96 44.79 6.88
CA ASP D 14 -12.78 46.23 7.12
C ASP D 14 -13.73 47.05 6.27
N LEU D 15 -13.89 46.69 5.00
CA LEU D 15 -14.78 47.43 4.11
C LEU D 15 -16.24 47.24 4.53
N HIS D 16 -16.60 46.03 4.96
CA HIS D 16 -17.94 45.81 5.50
C HIS D 16 -18.12 46.50 6.84
N ASP D 17 -17.10 46.46 7.71
CA ASP D 17 -17.27 47.03 9.04
C ASP D 17 -17.44 48.54 9.01
N SER D 18 -16.87 49.22 8.00
CA SER D 18 -16.95 50.67 7.95
C SER D 18 -18.27 51.17 7.38
N LEU D 19 -18.86 50.44 6.43
CA LEU D 19 -20.12 50.91 5.88
C LEU D 19 -21.25 50.83 6.89
N LEU D 20 -21.17 49.88 7.83
CA LEU D 20 -22.17 49.84 8.88
C LEU D 20 -21.97 50.98 9.87
N ALA D 21 -20.72 51.40 10.07
CA ALA D 21 -20.47 52.64 10.81
C ALA D 21 -21.18 53.82 10.16
N ALA D 22 -21.25 53.82 8.83
CA ALA D 22 -21.93 54.86 8.07
C ALA D 22 -23.41 54.56 7.85
N GLY D 23 -23.94 53.52 8.49
CA GLY D 23 -25.37 53.26 8.46
C GLY D 23 -25.86 52.58 7.21
N TYR D 24 -24.97 51.92 6.49
CA TYR D 24 -25.29 51.26 5.22
C TYR D 24 -25.65 49.79 5.38
N ALA D 25 -25.85 49.32 6.60
CA ALA D 25 -26.08 47.90 6.83
C ALA D 25 -27.23 47.38 5.97
N CYS D 26 -26.90 46.42 5.13
CA CYS D 26 -27.79 45.80 4.16
C CYS D 26 -27.44 44.32 4.15
N PRO D 27 -28.33 43.47 3.63
CA PRO D 27 -27.97 42.06 3.49
C PRO D 27 -26.73 41.90 2.61
N THR D 28 -25.83 41.02 3.04
CA THR D 28 -24.53 40.85 2.40
C THR D 28 -24.36 39.40 1.96
N ILE D 29 -23.79 39.22 0.77
CA ILE D 29 -23.65 37.90 0.15
C ILE D 29 -22.21 37.74 -0.32
N VAL D 30 -21.54 36.70 0.16
CA VAL D 30 -20.21 36.35 -0.32
C VAL D 30 -20.35 35.16 -1.27
N ILE D 31 -19.80 35.28 -2.48
CA ILE D 31 -19.94 34.18 -3.45
C ILE D 31 -19.17 32.97 -2.95
N GLU D 32 -18.04 33.19 -2.28
CA GLU D 32 -17.17 32.10 -1.91
C GLU D 32 -17.87 31.12 -1.00
N ALA D 33 -17.63 29.83 -1.21
CA ALA D 33 -18.30 28.88 -0.33
C ALA D 33 -17.35 28.80 0.86
N ASN D 34 -17.70 29.55 1.89
CA ASN D 34 -16.86 29.73 3.06
C ASN D 34 -17.69 29.30 4.25
N GLY D 35 -17.19 28.29 4.96
CA GLY D 35 -17.92 27.79 6.11
C GLY D 35 -17.72 28.57 7.37
N PHE D 36 -16.80 29.52 7.40
CA PHE D 36 -16.65 30.39 8.56
C PHE D 36 -16.94 31.81 8.13
N LEU D 37 -18.16 32.25 8.38
CA LEU D 37 -18.64 33.55 7.97
C LEU D 37 -19.29 34.21 9.18
N PRO D 38 -19.09 35.50 9.39
CA PRO D 38 -19.70 36.15 10.55
C PRO D 38 -21.21 36.04 10.48
N ASP D 39 -21.86 36.11 11.64
CA ASP D 39 -23.27 35.79 11.72
C ASP D 39 -24.14 36.68 10.84
N ASP D 40 -23.61 37.80 10.35
CA ASP D 40 -24.39 38.72 9.54
C ASP D 40 -24.14 38.56 8.03
N MSE D 41 -23.31 37.61 7.61
CA MSE D 41 -23.08 37.37 6.18
C MSE D 41 -23.60 36.01 5.73
O MSE D 41 -23.69 35.09 6.55
CB MSE D 41 -21.60 37.49 5.83
CG MSE D 41 -20.93 38.79 6.27
SE MSE D 41 -19.15 38.98 5.47
CE MSE D 41 -18.59 40.60 6.41
N ILE D 42 -23.94 35.86 4.45
CA ILE D 42 -24.40 34.60 3.89
C ILE D 42 -23.73 34.38 2.53
N SER D 43 -23.86 33.14 2.04
CA SER D 43 -23.35 32.71 0.75
C SER D 43 -24.39 31.83 0.08
N PRO D 44 -24.56 31.94 -1.25
CA PRO D 44 -25.53 31.06 -1.92
C PRO D 44 -25.17 29.60 -1.79
N TYR D 45 -23.88 29.28 -1.75
CA TYR D 45 -23.48 27.90 -1.53
C TYR D 45 -23.83 27.42 -0.13
N THR D 46 -23.80 28.30 0.86
CA THR D 46 -24.01 27.93 2.26
C THR D 46 -25.46 27.90 2.71
N TYR D 47 -26.35 28.64 2.05
CA TYR D 47 -27.61 29.00 2.70
C TYR D 47 -28.57 27.81 2.72
N PHE D 48 -28.72 27.13 1.61
CA PHE D 48 -29.79 26.14 1.53
C PHE D 48 -29.49 24.81 2.23
N LEU D 49 -28.32 24.66 2.86
CA LEU D 49 -28.00 23.35 3.44
C LEU D 49 -28.56 23.16 4.85
N GLY D 50 -28.88 24.23 5.58
CA GLY D 50 -29.68 24.13 6.79
C GLY D 50 -28.98 23.97 8.13
N ASP D 51 -27.76 24.48 8.30
CA ASP D 51 -27.13 24.46 9.62
C ASP D 51 -27.71 25.58 10.49
N GLU D 52 -27.87 25.29 11.78
CA GLU D 52 -28.42 26.29 12.70
C GLU D 52 -27.56 27.55 12.70
N GLU D 53 -28.17 28.68 12.39
CA GLU D 53 -27.40 29.91 12.30
C GLU D 53 -27.06 30.42 13.68
N GLY D 54 -25.90 31.05 13.80
CA GLY D 54 -25.41 31.53 15.08
C GLY D 54 -24.43 30.62 15.79
N VAL D 55 -24.45 29.33 15.48
CA VAL D 55 -23.57 28.36 16.16
C VAL D 55 -22.15 28.51 15.62
N ASP D 56 -21.21 28.86 16.49
CA ASP D 56 -19.79 28.75 16.16
C ASP D 56 -19.15 27.78 17.16
N HIS D 57 -18.98 26.53 16.74
CA HIS D 57 -18.23 25.53 17.51
C HIS D 57 -17.58 24.56 16.55
N PRO D 58 -16.46 24.94 15.94
CA PRO D 58 -15.85 24.07 14.94
C PRO D 58 -15.33 22.75 15.49
N LEU D 59 -14.77 21.92 14.62
CA LEU D 59 -14.16 20.67 15.05
C LEU D 59 -12.70 20.89 15.44
N PHE D 60 -12.32 20.26 16.54
CA PHE D 60 -10.91 20.18 16.91
C PHE D 60 -10.20 19.17 16.01
N PHE D 61 -8.91 19.39 15.79
CA PHE D 61 -8.17 18.62 14.78
C PHE D 61 -8.34 17.11 14.97
N ASN D 62 -8.43 16.66 16.21
CA ASN D 62 -8.52 15.23 16.51
C ASN D 62 -9.96 14.73 16.51
N GLN D 63 -10.92 15.57 16.11
CA GLN D 63 -12.31 15.17 15.98
C GLN D 63 -12.71 14.83 14.56
N VAL D 64 -11.81 14.96 13.58
CA VAL D 64 -12.13 14.58 12.20
C VAL D 64 -12.49 13.10 12.21
N PRO D 65 -13.71 12.74 11.82
CA PRO D 65 -14.10 11.31 11.86
C PRO D 65 -13.27 10.52 10.87
N VAL D 66 -12.65 9.44 11.34
CA VAL D 66 -11.70 8.68 10.54
C VAL D 66 -12.01 7.20 10.71
N PRO D 67 -11.57 6.36 9.78
CA PRO D 67 -11.85 4.92 9.87
C PRO D 67 -11.39 4.36 11.20
N PRO D 68 -12.04 3.29 11.68
CA PRO D 68 -11.78 2.82 13.05
C PRO D 68 -10.31 2.52 13.29
N PHE D 69 -9.79 3.05 14.39
CA PHE D 69 -8.45 2.90 14.93
C PHE D 69 -7.40 3.79 14.25
N TRP D 70 -7.71 4.44 13.14
CA TRP D 70 -6.72 5.29 12.49
C TRP D 70 -6.29 6.42 13.42
N GLU D 71 -5.02 6.81 13.33
CA GLU D 71 -4.43 7.75 14.25
C GLU D 71 -4.42 9.15 13.66
N ILE D 72 -4.71 10.14 14.50
CA ILE D 72 -4.67 11.55 14.13
C ILE D 72 -3.56 12.20 14.95
N THR D 73 -2.62 12.84 14.27
CA THR D 73 -1.56 13.60 14.89
C THR D 73 -1.54 15.00 14.29
N GLY D 74 -0.85 15.89 14.96
CA GLY D 74 -0.67 17.23 14.41
C GLY D 74 0.03 18.18 15.36
N ASP D 75 0.53 19.27 14.80
CA ASP D 75 1.08 20.38 15.57
C ASP D 75 0.24 21.62 15.29
N HIS D 76 0.65 22.74 15.90
CA HIS D 76 -0.09 23.99 15.72
C HIS D 76 -0.21 24.38 14.26
N GLN D 77 0.69 23.90 13.39
CA GLN D 77 0.69 24.28 11.99
C GLN D 77 -0.26 23.45 11.12
N VAL D 78 -0.44 22.16 11.41
CA VAL D 78 -1.24 21.29 10.56
C VAL D 78 -1.35 19.93 11.22
N ALA D 79 -2.38 19.16 10.84
CA ALA D 79 -2.61 17.82 11.37
C ALA D 79 -2.66 16.83 10.20
N ARG D 80 -2.77 15.55 10.53
CA ARG D 80 -2.83 14.55 9.49
C ARG D 80 -3.47 13.27 10.02
N VAL D 81 -4.01 12.48 9.09
CA VAL D 81 -4.57 11.16 9.38
C VAL D 81 -3.62 10.12 8.83
N SER D 82 -3.42 9.04 9.59
CA SER D 82 -2.47 8.00 9.20
C SER D 82 -3.06 6.63 9.47
N ASP D 83 -2.88 5.73 8.51
CA ASP D 83 -3.22 4.31 8.67
C ASP D 83 -1.91 3.54 8.80
N MSE D 84 -1.72 2.90 9.95
CA MSE D 84 -0.53 2.09 10.22
C MSE D 84 0.76 2.82 9.88
O MSE D 84 1.74 2.19 9.49
CB MSE D 84 -0.61 0.76 9.47
CG MSE D 84 -1.60 -0.21 10.07
SE MSE D 84 -1.21 -0.62 11.93
CE MSE D 84 -0.38 -2.36 11.65
N GLY D 85 0.75 4.15 10.02
CA GLY D 85 1.92 4.96 9.85
C GLY D 85 1.99 5.76 8.55
N GLU D 86 1.24 5.38 7.53
CA GLU D 86 1.37 6.00 6.21
C GLU D 86 0.32 7.08 6.01
N GLU D 87 0.76 8.24 5.49
CA GLU D 87 -0.12 9.39 5.33
C GLU D 87 -1.34 9.03 4.49
N ARG D 88 -2.49 9.52 4.93
CA ARG D 88 -3.77 9.28 4.30
C ARG D 88 -4.45 10.63 4.04
N ALA D 89 -4.64 11.42 5.08
CA ALA D 89 -5.26 12.74 4.93
C ALA D 89 -4.40 13.83 5.55
N ARG D 90 -4.50 15.03 4.97
CA ARG D 90 -4.06 16.28 5.59
C ARG D 90 -5.25 16.98 6.22
N ILE D 91 -5.05 17.54 7.40
CA ILE D 91 -6.09 18.29 8.10
C ILE D 91 -5.65 19.75 8.19
N HIS D 92 -6.32 20.61 7.44
CA HIS D 92 -5.94 22.01 7.36
C HIS D 92 -6.73 22.84 8.37
N TYR D 93 -6.06 23.83 8.95
CA TYR D 93 -6.61 24.59 10.05
C TYR D 93 -7.36 25.83 9.56
N ALA D 94 -8.50 26.10 10.19
CA ALA D 94 -9.17 27.38 9.97
C ALA D 94 -8.34 28.49 10.57
N SER D 95 -8.18 29.59 9.83
CA SER D 95 -7.24 30.61 10.28
C SER D 95 -8.01 31.51 11.23
N GLN D 96 -7.82 31.24 12.52
CA GLN D 96 -8.40 31.95 13.63
C GLN D 96 -7.30 32.11 14.67
N ALA D 97 -7.60 32.81 15.76
CA ALA D 97 -6.69 32.81 16.89
C ALA D 97 -6.73 31.46 17.61
N ARG D 98 -7.93 30.97 17.91
CA ARG D 98 -8.08 29.62 18.43
C ARG D 98 -7.47 28.63 17.43
N GLY D 99 -6.54 27.80 17.91
CA GLY D 99 -5.77 26.97 17.01
C GLY D 99 -6.40 25.62 16.74
N ARG D 100 -5.92 25.00 15.66
CA ARG D 100 -6.26 23.62 15.31
C ARG D 100 -7.76 23.39 15.13
N LEU D 101 -8.40 24.27 14.37
CA LEU D 101 -9.80 24.10 14.04
C LEU D 101 -9.92 23.69 12.58
N VAL D 102 -10.85 22.79 12.29
CA VAL D 102 -10.84 22.06 11.03
C VAL D 102 -11.66 22.84 10.01
N LYS D 103 -10.98 23.47 9.05
CA LYS D 103 -11.67 24.01 7.90
C LYS D 103 -11.81 23.01 6.75
N GLN D 104 -10.78 22.21 6.45
CA GLN D 104 -10.95 21.19 5.43
C GLN D 104 -9.95 20.05 5.64
N VAL D 105 -10.34 18.86 5.16
CA VAL D 105 -9.55 17.65 5.29
C VAL D 105 -9.32 17.09 3.89
N ASP D 106 -8.06 16.87 3.53
CA ASP D 106 -7.69 16.41 2.20
C ASP D 106 -7.28 14.94 2.28
N TRP D 107 -8.11 14.05 1.76
CA TRP D 107 -7.77 12.63 1.71
C TRP D 107 -6.91 12.32 0.50
N LEU D 108 -5.97 11.40 0.66
CA LEU D 108 -5.03 11.03 -0.38
C LEU D 108 -5.17 9.54 -0.69
N ASP D 109 -4.69 9.15 -1.86
CA ASP D 109 -4.64 7.74 -2.20
C ASP D 109 -3.34 7.14 -1.68
N LYS D 110 -3.17 5.82 -1.88
CA LYS D 110 -2.02 5.14 -1.30
C LYS D 110 -0.70 5.61 -1.90
N LYS D 111 -0.72 6.23 -3.08
CA LYS D 111 0.46 6.84 -3.67
C LYS D 111 0.66 8.29 -3.24
N GLY D 112 -0.23 8.84 -2.43
CA GLY D 112 -0.05 10.17 -1.89
C GLY D 112 -0.65 11.31 -2.68
N GLN D 113 -1.36 11.03 -3.78
CA GLN D 113 -1.97 12.10 -4.55
C GLN D 113 -3.29 12.53 -3.93
N LEU D 114 -3.61 13.82 -4.11
CA LEU D 114 -4.82 14.40 -3.54
C LEU D 114 -6.05 13.96 -4.33
N ARG D 115 -7.10 13.57 -3.60
CA ARG D 115 -8.27 12.97 -4.21
C ARG D 115 -9.55 13.71 -3.79
N LEU D 116 -9.83 13.76 -2.49
CA LEU D 116 -10.95 14.52 -1.97
C LEU D 116 -10.46 15.71 -1.15
N SER D 117 -11.25 16.77 -1.15
CA SER D 117 -11.17 17.83 -0.15
C SER D 117 -12.53 17.91 0.52
N GLU D 118 -12.60 17.52 1.79
CA GLU D 118 -13.84 17.59 2.55
C GLU D 118 -13.84 18.89 3.34
N ARG D 119 -14.72 19.81 2.97
CA ARG D 119 -14.72 21.17 3.48
C ARG D 119 -15.65 21.31 4.67
N TYR D 120 -15.22 22.08 5.66
CA TYR D 120 -15.90 22.18 6.94
C TYR D 120 -16.34 23.62 7.23
N ASN D 121 -17.31 23.76 8.14
CA ASN D 121 -17.94 25.04 8.44
C ASN D 121 -17.68 25.44 9.88
N LYS D 122 -18.21 26.61 10.24
CA LYS D 122 -18.12 27.08 11.62
C LYS D 122 -18.90 26.19 12.57
N GLN D 123 -19.96 25.53 12.08
CA GLN D 123 -20.86 24.78 12.94
C GLN D 123 -20.36 23.36 13.20
N GLY D 124 -19.20 22.99 12.65
CA GLY D 124 -18.58 21.71 12.93
C GLY D 124 -18.94 20.58 11.98
N ARG D 125 -19.54 20.88 10.84
CA ARG D 125 -20.00 19.87 9.90
C ARG D 125 -19.22 19.98 8.60
N CYS D 126 -19.11 18.86 7.90
CA CYS D 126 -18.54 18.86 6.55
C CYS D 126 -19.69 19.08 5.58
N PHE D 127 -19.74 20.26 4.98
CA PHE D 127 -20.81 20.63 4.08
C PHE D 127 -20.45 20.46 2.60
N ALA D 128 -19.20 20.11 2.30
CA ALA D 128 -18.81 19.97 0.90
C ALA D 128 -17.68 18.96 0.77
N LYS D 129 -17.76 18.16 -0.30
CA LYS D 129 -16.66 17.32 -0.74
C LYS D 129 -16.29 17.73 -2.16
N THR D 130 -15.03 18.04 -2.38
CA THR D 130 -14.52 18.28 -3.72
C THR D 130 -13.76 17.05 -4.19
N ALA D 131 -14.09 16.56 -5.38
CA ALA D 131 -13.44 15.41 -5.97
C ALA D 131 -12.45 15.86 -7.04
N TYR D 132 -11.31 15.17 -7.12
CA TYR D 132 -10.23 15.55 -8.02
C TYR D 132 -10.00 14.46 -9.05
N LYS D 133 -9.55 14.89 -10.24
CA LYS D 133 -9.17 13.97 -11.29
C LYS D 133 -7.64 13.92 -11.40
N SER D 134 -7.15 13.22 -12.42
CA SER D 134 -5.77 12.70 -12.41
C SER D 134 -4.73 13.78 -12.15
N GLY D 135 -4.90 14.96 -12.75
CA GLY D 135 -3.85 15.96 -12.68
C GLY D 135 -3.74 16.67 -11.34
N GLN D 136 -4.43 16.15 -10.33
CA GLN D 136 -4.77 16.91 -9.13
C GLN D 136 -5.54 18.17 -9.50
N GLU D 137 -6.33 18.07 -10.56
CA GLU D 137 -7.23 19.11 -11.01
C GLU D 137 -8.61 18.84 -10.42
N ALA D 138 -9.27 19.90 -9.96
CA ALA D 138 -10.58 19.75 -9.35
C ALA D 138 -11.62 19.32 -10.38
N PHE D 139 -12.47 18.36 -10.00
CA PHE D 139 -13.51 17.87 -10.89
C PHE D 139 -14.86 18.47 -10.53
N ASN D 140 -15.46 18.05 -9.42
CA ASN D 140 -16.73 18.61 -8.98
C ASN D 140 -16.68 18.89 -7.49
N THR D 141 -17.69 19.62 -7.02
CA THR D 141 -17.90 19.83 -5.59
C THR D 141 -19.37 19.61 -5.29
N THR D 142 -19.65 18.71 -4.34
CA THR D 142 -20.99 18.47 -3.86
C THR D 142 -21.18 19.18 -2.53
N TYR D 143 -22.27 19.95 -2.43
CA TYR D 143 -22.66 20.60 -1.19
C TYR D 143 -23.90 19.89 -0.65
N TYR D 144 -23.88 19.52 0.63
CA TYR D 144 -24.86 18.62 1.20
C TYR D 144 -25.72 19.32 2.23
N SER D 145 -27.01 19.01 2.23
CA SER D 145 -27.84 19.38 3.36
C SER D 145 -27.39 18.65 4.61
N THR D 146 -27.77 19.19 5.77
CA THR D 146 -27.34 18.61 7.04
C THR D 146 -27.79 17.16 7.21
N ASP D 147 -28.82 16.72 6.49
CA ASP D 147 -29.32 15.36 6.60
C ASP D 147 -28.75 14.43 5.54
N GLY D 148 -27.87 14.91 4.67
CA GLY D 148 -27.16 14.07 3.71
C GLY D 148 -27.58 14.22 2.27
N GLN D 149 -28.63 14.98 1.96
CA GLN D 149 -29.04 15.16 0.57
C GLN D 149 -28.02 15.99 -0.18
N GLU D 150 -28.01 15.83 -1.50
CA GLU D 150 -27.32 16.78 -2.36
C GLU D 150 -28.16 18.02 -2.54
N ARG D 151 -27.52 19.18 -2.48
CA ARG D 151 -28.14 20.45 -2.76
C ARG D 151 -27.52 21.12 -3.97
N ILE D 152 -26.21 21.34 -3.95
CA ILE D 152 -25.47 21.84 -5.10
C ILE D 152 -24.43 20.81 -5.51
N VAL D 153 -24.32 20.55 -6.81
CA VAL D 153 -23.18 19.86 -7.39
C VAL D 153 -22.66 20.73 -8.52
N GLU D 154 -21.49 21.32 -8.33
CA GLU D 154 -20.90 22.20 -9.33
C GLU D 154 -19.85 21.42 -10.11
N ASN D 155 -19.94 21.51 -11.44
CA ASN D 155 -18.95 20.89 -12.32
C ASN D 155 -17.86 21.91 -12.61
N HIS D 156 -16.63 21.59 -12.25
CA HIS D 156 -15.55 22.55 -12.44
C HIS D 156 -14.94 22.51 -13.84
N VAL D 157 -15.26 21.49 -14.64
CA VAL D 157 -14.85 21.50 -16.04
C VAL D 157 -15.85 22.27 -16.89
N THR D 158 -17.16 22.03 -16.70
CA THR D 158 -18.18 22.68 -17.51
C THR D 158 -18.81 23.90 -16.85
N GLY D 159 -18.47 24.19 -15.60
CA GLY D 159 -19.12 25.26 -14.88
C GLY D 159 -20.56 24.99 -14.50
N ASP D 160 -21.14 23.86 -14.90
CA ASP D 160 -22.58 23.69 -14.79
C ASP D 160 -22.91 23.40 -13.33
N ILE D 161 -23.62 24.32 -12.72
CA ILE D 161 -24.10 24.15 -11.35
C ILE D 161 -25.46 23.49 -11.44
N ILE D 162 -25.60 22.31 -10.86
CA ILE D 162 -26.90 21.66 -10.78
C ILE D 162 -27.41 21.82 -9.36
N LEU D 163 -28.52 22.52 -9.23
CA LEU D 163 -29.07 22.92 -7.96
C LEU D 163 -30.38 22.19 -7.73
N THR D 164 -30.40 21.32 -6.74
CA THR D 164 -31.59 20.56 -6.39
C THR D 164 -31.94 20.89 -4.95
N LEU D 165 -33.02 21.66 -4.76
CA LEU D 165 -33.45 21.97 -3.41
C LEU D 165 -34.45 20.94 -2.92
N ASP D 166 -34.83 21.08 -1.66
CA ASP D 166 -35.80 20.16 -1.08
C ASP D 166 -37.17 20.42 -1.67
N GLN D 167 -37.82 19.34 -2.14
CA GLN D 167 -39.20 19.36 -2.63
C GLN D 167 -39.33 20.09 -3.96
N GLU D 168 -38.27 20.76 -4.38
CA GLU D 168 -38.21 21.60 -5.55
C GLU D 168 -37.74 20.80 -6.76
N PRO D 169 -38.02 21.27 -7.98
CA PRO D 169 -37.49 20.56 -9.15
C PRO D 169 -35.98 20.75 -9.21
N LEU D 170 -35.31 19.90 -9.97
CA LEU D 170 -33.88 20.11 -10.14
C LEU D 170 -33.68 21.07 -11.31
N ARG D 171 -32.83 22.06 -11.10
CA ARG D 171 -32.46 23.01 -12.13
C ARG D 171 -30.98 22.85 -12.45
N ILE D 172 -30.60 23.32 -13.63
CA ILE D 172 -29.22 23.29 -14.07
C ILE D 172 -28.85 24.70 -14.54
N PHE D 173 -27.99 25.38 -13.76
CA PHE D 173 -27.38 26.64 -14.16
C PHE D 173 -26.10 26.41 -14.96
N LYS D 174 -25.77 27.39 -15.80
CA LYS D 174 -24.60 27.30 -16.68
C LYS D 174 -23.38 28.02 -16.17
N SER D 175 -23.51 28.82 -15.13
CA SER D 175 -22.37 29.60 -14.64
C SER D 175 -22.67 30.08 -13.24
N ARG D 176 -21.61 30.46 -12.53
CA ARG D 176 -21.82 31.04 -11.21
C ARG D 176 -22.57 32.36 -11.31
N VAL D 177 -22.31 33.15 -12.36
CA VAL D 177 -23.03 34.42 -12.51
C VAL D 177 -24.53 34.15 -12.60
N ASP D 178 -24.94 33.16 -13.39
CA ASP D 178 -26.34 32.76 -13.40
C ASP D 178 -26.80 32.32 -12.03
N PHE D 179 -25.93 31.63 -11.30
CA PHE D 179 -26.28 31.13 -9.98
C PHE D 179 -26.51 32.25 -8.98
N ILE D 180 -25.63 33.26 -9.01
CA ILE D 180 -25.74 34.37 -8.06
C ILE D 180 -27.04 35.13 -8.28
N ARG D 181 -27.46 35.28 -9.54
CA ARG D 181 -28.64 36.07 -9.85
C ARG D 181 -29.91 35.36 -9.41
N PHE D 182 -30.03 34.06 -9.70
CA PHE D 182 -31.09 33.26 -9.14
C PHE D 182 -31.16 33.47 -7.62
N PHE D 183 -30.00 33.40 -6.98
CA PHE D 183 -29.95 33.61 -5.53
C PHE D 183 -30.50 34.98 -5.16
N LEU D 184 -30.08 36.03 -5.89
CA LEU D 184 -30.58 37.36 -5.61
C LEU D 184 -32.08 37.44 -5.80
N GLU D 185 -32.56 37.14 -7.01
CA GLU D 185 -33.99 37.27 -7.25
C GLU D 185 -34.82 36.32 -6.38
N ARG D 186 -34.23 35.23 -5.88
CA ARG D 186 -35.00 34.27 -5.08
C ARG D 186 -35.38 34.86 -3.72
N LEU D 187 -34.43 35.44 -3.00
CA LEU D 187 -34.80 36.10 -1.76
C LEU D 187 -35.37 37.49 -2.02
N ASP D 188 -35.44 37.91 -3.28
CA ASP D 188 -36.07 39.17 -3.68
C ASP D 188 -35.50 40.34 -2.90
N LEU D 189 -34.17 40.41 -2.84
CA LEU D 189 -33.50 41.54 -2.27
C LEU D 189 -33.55 42.73 -3.21
N ASP D 190 -33.42 43.92 -2.64
CA ASP D 190 -33.66 45.15 -3.37
C ASP D 190 -32.34 45.59 -3.99
N LEU D 191 -32.27 45.56 -5.32
CA LEU D 191 -31.05 45.64 -6.09
C LEU D 191 -30.63 47.07 -6.40
N ASP D 192 -31.11 48.06 -5.64
CA ASP D 192 -30.79 49.47 -5.83
C ASP D 192 -29.33 49.65 -6.21
N HIS D 193 -28.45 49.35 -5.27
CA HIS D 193 -27.02 49.57 -5.41
C HIS D 193 -26.30 48.34 -4.85
N ILE D 194 -25.43 47.75 -5.66
CA ILE D 194 -24.64 46.58 -5.27
C ILE D 194 -23.23 47.04 -4.96
N LEU D 195 -22.78 46.80 -3.73
CA LEU D 195 -21.46 47.22 -3.32
C LEU D 195 -20.56 45.98 -3.38
N PHE D 196 -19.58 45.99 -4.29
CA PHE D 196 -18.76 44.81 -4.56
C PHE D 196 -17.29 45.20 -4.64
N ASN D 197 -16.42 44.31 -4.13
CA ASN D 197 -14.99 44.60 -3.91
C ASN D 197 -14.01 44.01 -4.94
N SER D 198 -14.47 43.35 -6.02
CA SER D 198 -13.50 42.88 -7.01
C SER D 198 -14.13 42.80 -8.40
N LEU D 199 -13.27 42.50 -9.39
CA LEU D 199 -13.65 42.39 -10.81
C LEU D 199 -13.93 40.96 -11.23
N ALA D 200 -13.96 40.04 -10.27
CA ALA D 200 -14.31 38.65 -10.49
C ALA D 200 -15.83 38.50 -10.58
N TYR D 201 -16.31 37.30 -10.25
CA TYR D 201 -17.73 36.96 -10.40
C TYR D 201 -18.68 38.04 -9.91
N SER D 202 -18.30 38.80 -8.87
CA SER D 202 -19.17 39.86 -8.37
C SER D 202 -19.43 40.90 -9.46
N PHE D 203 -18.38 41.41 -10.07
CA PHE D 203 -18.57 42.42 -11.10
C PHE D 203 -19.30 41.83 -12.32
N LEU D 204 -19.05 40.56 -12.65
CA LEU D 204 -19.82 39.91 -13.70
C LEU D 204 -21.28 39.71 -13.34
N VAL D 205 -21.68 40.00 -12.10
CA VAL D 205 -23.09 40.03 -11.70
C VAL D 205 -23.71 41.43 -11.79
N SER D 206 -22.89 42.46 -11.96
CA SER D 206 -23.35 43.83 -12.18
C SER D 206 -23.38 44.15 -13.67
N HIS D 207 -22.22 44.03 -14.33
CA HIS D 207 -22.17 43.95 -15.79
C HIS D 207 -23.21 42.98 -16.32
N SER D 208 -23.65 42.04 -15.48
CA SER D 208 -24.72 41.11 -15.84
C SER D 208 -26.05 41.82 -16.11
N LEU D 209 -26.49 42.72 -15.20
CA LEU D 209 -27.85 43.31 -15.27
C LEU D 209 -27.94 44.66 -15.97
N THR D 210 -26.91 45.12 -16.67
CA THR D 210 -26.83 46.51 -17.06
C THR D 210 -28.16 47.06 -17.56
N GLY D 211 -28.98 46.23 -18.19
CA GLY D 211 -30.31 46.64 -18.62
C GLY D 211 -31.36 46.82 -17.54
N ARG D 212 -31.02 46.66 -16.25
CA ARG D 212 -32.01 46.68 -15.18
C ARG D 212 -31.81 47.88 -14.26
N ALA D 213 -32.89 48.31 -13.62
CA ALA D 213 -32.88 49.50 -12.77
C ALA D 213 -32.00 49.31 -11.53
N GLY D 214 -31.40 50.39 -11.09
CA GLY D 214 -30.41 50.38 -10.04
C GLY D 214 -29.02 50.66 -10.57
N GLN D 215 -28.16 51.18 -9.69
CA GLN D 215 -26.80 51.55 -10.04
C GLN D 215 -25.88 51.19 -8.89
N ASP D 216 -24.71 50.64 -9.20
CA ASP D 216 -23.87 50.05 -8.18
C ASP D 216 -22.44 50.55 -8.36
N ILE D 217 -21.54 50.08 -7.48
CA ILE D 217 -20.20 50.62 -7.39
C ILE D 217 -19.20 49.46 -7.25
N LEU D 218 -17.89 49.78 -7.39
CA LEU D 218 -16.77 48.91 -7.00
C LEU D 218 -15.96 49.62 -5.92
N PHE D 219 -15.44 48.82 -4.99
CA PHE D 219 -14.43 49.27 -4.03
C PHE D 219 -13.17 48.44 -4.28
N TRP D 220 -12.15 49.08 -4.83
CA TRP D 220 -10.97 48.39 -5.34
C TRP D 220 -9.84 48.50 -4.35
N GLN D 221 -9.22 47.37 -4.04
CA GLN D 221 -8.31 47.24 -2.91
C GLN D 221 -7.00 46.62 -3.36
N GLU D 222 -7.11 45.51 -4.08
CA GLU D 222 -5.93 44.78 -4.56
C GLU D 222 -4.93 45.76 -5.15
N PRO D 223 -3.64 45.58 -4.87
CA PRO D 223 -2.66 46.58 -5.30
C PRO D 223 -2.54 46.53 -6.82
N LEU D 224 -1.98 47.59 -7.35
CA LEU D 224 -1.89 47.82 -8.79
C LEU D 224 -0.45 48.02 -9.17
N TYR D 225 -0.18 47.83 -10.45
CA TYR D 225 1.18 47.75 -10.98
C TYR D 225 1.17 48.46 -12.32
N ASP D 226 2.08 48.04 -13.22
CA ASP D 226 2.38 48.79 -14.43
C ASP D 226 1.11 49.39 -15.04
N GLU D 227 0.03 48.62 -15.12
CA GLU D 227 -1.18 49.16 -15.74
C GLU D 227 -2.44 48.39 -15.31
N LEU D 228 -3.56 49.06 -15.55
CA LEU D 228 -4.92 48.68 -15.22
C LEU D 228 -5.28 47.28 -15.69
N PRO D 229 -6.13 46.56 -14.96
CA PRO D 229 -6.80 45.41 -15.57
C PRO D 229 -7.63 45.86 -16.77
N GLY D 230 -7.70 44.99 -17.78
CA GLY D 230 -8.66 45.20 -18.85
C GLY D 230 -10.06 45.43 -18.32
N ASN D 231 -10.35 44.89 -17.13
CA ASN D 231 -11.68 44.98 -16.56
C ASN D 231 -11.98 46.27 -15.76
N MSE D 232 -10.99 47.15 -15.44
CA MSE D 232 -11.62 48.34 -14.95
C MSE D 232 -11.67 49.29 -16.09
O MSE D 232 -12.43 50.24 -16.10
CB MSE D 232 -10.99 48.90 -13.73
CG MSE D 232 -9.58 49.23 -13.93
SE MSE D 232 -8.93 49.38 -12.13
CE MSE D 232 -10.07 50.75 -11.52
N GLN D 233 -10.95 48.92 -17.13
CA GLN D 233 -11.02 49.61 -18.41
C GLN D 233 -12.34 49.33 -19.15
N LEU D 234 -13.01 48.21 -18.89
CA LEU D 234 -14.33 48.00 -19.50
C LEU D 234 -15.30 49.07 -19.04
N ILE D 235 -15.21 49.44 -17.76
CA ILE D 235 -16.19 50.33 -17.19
C ILE D 235 -15.78 51.79 -17.19
N LEU D 236 -14.50 52.10 -17.40
CA LEU D 236 -14.19 53.51 -17.57
C LEU D 236 -14.60 53.98 -18.97
N ASP D 237 -14.53 53.07 -19.94
CA ASP D 237 -14.90 53.41 -21.30
C ASP D 237 -16.41 53.46 -21.48
N ASN D 238 -17.12 52.46 -20.95
CA ASN D 238 -18.57 52.38 -21.08
C ASN D 238 -19.24 53.29 -20.06
N SER D 239 -20.21 54.07 -20.54
CA SER D 239 -21.02 54.97 -19.72
C SER D 239 -22.22 54.30 -19.05
N GLN D 240 -22.97 53.46 -19.77
CA GLN D 240 -24.27 52.99 -19.30
C GLN D 240 -24.26 51.61 -18.66
N LEU D 241 -23.11 51.00 -18.44
CA LEU D 241 -23.07 49.82 -17.60
C LEU D 241 -23.35 50.21 -16.15
N ARG D 242 -23.94 49.28 -15.41
CA ARG D 242 -24.59 49.60 -14.15
C ARG D 242 -23.59 50.10 -13.09
N THR D 243 -22.39 49.54 -13.06
CA THR D 243 -21.29 50.14 -12.30
C THR D 243 -20.68 51.22 -13.17
N GLN D 244 -20.73 52.49 -12.76
CA GLN D 244 -19.78 53.47 -13.28
C GLN D 244 -18.90 54.11 -12.20
N THR D 245 -18.97 53.67 -10.95
CA THR D 245 -18.36 54.44 -9.88
C THR D 245 -17.43 53.55 -9.08
N ILE D 246 -16.14 53.85 -9.13
CA ILE D 246 -15.09 53.00 -8.59
C ILE D 246 -14.42 53.78 -7.47
N VAL D 247 -14.39 53.25 -6.28
CA VAL D 247 -13.56 53.91 -5.29
C VAL D 247 -12.37 53.01 -5.04
N ILE D 248 -11.26 53.63 -4.66
CA ILE D 248 -10.06 52.93 -4.24
C ILE D 248 -9.68 53.44 -2.84
N PRO D 249 -9.71 52.58 -1.82
CA PRO D 249 -9.33 53.01 -0.46
C PRO D 249 -7.85 53.26 -0.13
N ASP D 250 -6.88 52.60 -0.76
CA ASP D 250 -5.48 52.74 -0.32
C ASP D 250 -4.78 53.76 -1.21
N LEU D 251 -4.38 54.88 -0.60
CA LEU D 251 -3.87 56.01 -1.40
C LEU D 251 -2.62 55.64 -2.19
N ALA D 252 -1.86 54.63 -1.75
CA ALA D 252 -0.76 54.16 -2.56
C ALA D 252 -1.23 53.35 -3.77
N THR D 253 -2.52 53.03 -3.86
CA THR D 253 -3.08 52.33 -5.01
C THR D 253 -3.82 53.25 -5.97
N TYR D 254 -3.84 54.54 -5.71
CA TYR D 254 -4.71 55.39 -6.46
C TYR D 254 -3.95 56.40 -7.30
N GLU D 255 -3.03 57.15 -6.68
CA GLU D 255 -2.21 58.17 -7.30
C GLU D 255 -1.80 57.67 -8.67
N LYS D 256 -1.57 56.37 -8.70
CA LYS D 256 -1.31 55.65 -9.92
C LYS D 256 -2.57 55.23 -10.68
N ALA D 257 -3.69 54.91 -10.01
CA ALA D 257 -4.91 54.57 -10.75
C ALA D 257 -5.32 55.66 -11.74
N MSE D 258 -4.90 56.92 -11.51
CA MSE D 258 -5.00 57.99 -12.52
C MSE D 258 -3.83 58.03 -13.50
O MSE D 258 -4.04 58.20 -14.70
CB MSE D 258 -5.13 59.40 -11.90
CG MSE D 258 -6.32 59.53 -10.94
SE MSE D 258 -7.47 61.17 -10.84
CE MSE D 258 -9.03 60.49 -9.76
N SER D 259 -2.60 57.85 -12.98
CA SER D 259 -1.39 58.13 -13.75
C SER D 259 -1.46 57.44 -15.08
N LEU D 260 -2.10 56.27 -15.08
CA LEU D 260 -2.24 55.45 -16.26
C LEU D 260 -3.41 55.89 -17.14
N ALA D 261 -4.49 56.40 -16.56
CA ALA D 261 -5.72 56.70 -17.27
C ALA D 261 -5.86 58.21 -17.49
N ALA D 262 -6.54 58.57 -18.59
CA ALA D 262 -6.66 59.98 -18.94
C ALA D 262 -7.60 60.70 -17.97
N ALA D 263 -7.76 62.01 -18.17
CA ALA D 263 -8.66 62.81 -17.36
C ALA D 263 -10.13 62.62 -17.74
N ASP D 264 -10.40 62.00 -18.89
CA ASP D 264 -11.76 61.63 -19.24
C ASP D 264 -12.22 60.41 -18.44
N GLN D 265 -11.31 59.46 -18.18
CA GLN D 265 -11.61 58.27 -17.40
C GLN D 265 -12.01 58.64 -15.97
N GLN D 266 -11.95 59.94 -15.68
CA GLN D 266 -11.62 60.47 -14.37
C GLN D 266 -12.77 60.95 -13.50
N GLN D 267 -13.95 61.18 -14.05
CA GLN D 267 -15.07 61.53 -13.19
C GLN D 267 -15.48 60.33 -12.37
N LYS D 268 -15.03 59.15 -12.79
CA LYS D 268 -15.63 57.90 -12.38
C LYS D 268 -15.18 57.46 -11.01
N PHE D 269 -13.90 57.54 -10.69
CA PHE D 269 -13.49 56.82 -9.49
C PHE D 269 -13.09 57.74 -8.33
N LEU D 270 -13.83 57.58 -7.22
CA LEU D 270 -13.69 58.34 -5.98
C LEU D 270 -12.51 57.84 -5.17
N HIS D 271 -12.46 58.27 -3.90
CA HIS D 271 -11.41 57.88 -2.97
C HIS D 271 -11.94 57.82 -1.57
N LEU D 272 -11.31 56.94 -0.80
CA LEU D 272 -11.74 56.70 0.55
C LEU D 272 -10.57 56.11 1.33
N GLY D 273 -10.89 55.52 2.45
CA GLY D 273 -9.99 54.77 3.27
C GLY D 273 -10.88 53.88 4.10
N TYR D 274 -10.31 53.30 5.14
CA TYR D 274 -11.11 52.52 6.06
C TYR D 274 -11.21 53.24 7.39
N HIS D 275 -12.33 53.05 8.09
CA HIS D 275 -12.48 53.54 9.45
C HIS D 275 -12.37 52.36 10.40
N TYR D 276 -11.24 52.26 11.07
CA TYR D 276 -10.93 51.17 11.98
C TYR D 276 -11.47 51.50 13.36
N ASP D 277 -11.89 50.47 14.09
CA ASP D 277 -12.34 50.66 15.47
C ASP D 277 -11.18 50.29 16.38
N PHE D 278 -10.52 51.30 16.92
CA PHE D 278 -9.40 51.10 17.83
C PHE D 278 -9.92 50.84 19.23
N LYS D 279 -9.20 49.98 19.97
CA LYS D 279 -9.69 49.53 21.26
C LYS D 279 -9.13 50.28 22.47
N ARG D 280 -8.17 51.18 22.27
CA ARG D 280 -7.57 51.93 23.37
C ARG D 280 -6.51 52.88 22.79
N ASP D 281 -6.12 53.86 23.61
CA ASP D 281 -5.12 54.83 23.24
C ASP D 281 -3.74 54.33 23.62
N ASN D 282 -2.71 55.12 23.33
CA ASN D 282 -1.33 54.64 23.51
C ASN D 282 -0.96 54.56 24.99
N TYR D 283 -0.84 55.72 25.65
CA TYR D 283 -0.44 55.90 27.05
C TYR D 283 1.07 55.90 27.19
N LEU D 284 1.83 55.68 26.11
CA LEU D 284 3.29 55.75 26.13
C LEU D 284 3.86 55.00 27.32
N ARG D 285 3.23 53.91 27.72
CA ARG D 285 3.99 53.05 28.60
C ARG D 285 5.20 52.58 27.84
N LYS D 286 6.31 52.54 28.54
CA LYS D 286 7.58 52.18 27.96
C LYS D 286 7.63 50.67 28.12
N ASP D 287 7.16 49.96 27.09
CA ASP D 287 7.13 48.51 27.03
C ASP D 287 7.07 48.13 25.55
N ALA D 288 7.73 47.04 25.18
CA ALA D 288 7.70 46.54 23.80
C ALA D 288 7.21 45.11 23.77
N LEU D 289 6.55 44.75 22.67
CA LEU D 289 6.02 43.41 22.47
C LEU D 289 6.58 42.80 21.20
N ILE D 290 6.98 41.53 21.29
CA ILE D 290 7.46 40.75 20.16
C ILE D 290 6.82 39.38 20.23
N LEU D 291 6.11 39.00 19.19
CA LEU D 291 5.47 37.69 19.12
C LEU D 291 6.13 36.90 18.00
N THR D 292 6.85 35.84 18.38
CA THR D 292 7.67 35.13 17.43
C THR D 292 7.32 33.65 17.40
N HIS D 293 7.39 33.08 16.19
CA HIS D 293 7.25 31.65 16.04
C HIS D 293 8.57 30.93 16.33
N SER D 294 9.70 31.49 15.88
CA SER D 294 10.99 31.05 16.38
C SER D 294 12.04 32.12 16.13
N ASP D 295 13.13 32.01 16.89
CA ASP D 295 14.21 32.98 16.93
C ASP D 295 15.03 32.93 15.63
N GLN D 296 16.00 33.83 15.43
CA GLN D 296 16.30 34.95 16.32
C GLN D 296 15.69 36.23 15.80
N ILE D 297 15.27 37.07 16.74
CA ILE D 297 14.62 38.33 16.43
C ILE D 297 15.71 39.33 16.04
N GLU D 298 15.62 39.85 14.81
CA GLU D 298 16.78 40.42 14.14
C GLU D 298 17.41 41.56 14.93
N GLY D 299 18.68 41.39 15.27
CA GLY D 299 19.42 42.40 16.00
C GLY D 299 18.88 42.77 17.36
N LEU D 300 17.96 41.99 17.93
CA LEU D 300 17.42 42.35 19.24
C LEU D 300 18.54 42.43 20.27
N ASP D 301 19.57 41.61 20.08
CA ASP D 301 20.80 41.78 20.85
C ASP D 301 21.22 43.23 20.87
N THR D 302 21.12 43.91 19.72
CA THR D 302 21.54 45.30 19.61
C THR D 302 20.60 46.24 20.37
N LEU D 303 19.29 46.04 20.26
CA LEU D 303 18.35 47.01 20.84
C LEU D 303 18.47 47.06 22.36
N VAL D 304 18.63 45.90 22.99
CA VAL D 304 18.37 45.78 24.43
C VAL D 304 19.50 46.42 25.25
N GLN D 305 20.76 46.23 24.84
CA GLN D 305 21.84 46.98 25.48
C GLN D 305 21.65 48.47 25.27
N SER D 306 21.17 48.85 24.10
CA SER D 306 21.01 50.26 23.77
C SER D 306 19.79 50.84 24.46
N LEU D 307 18.82 50.03 24.83
CA LEU D 307 17.62 50.51 25.52
C LEU D 307 17.40 49.82 26.86
N PRO D 308 18.30 50.06 27.84
CA PRO D 308 17.95 49.74 29.23
C PRO D 308 16.66 50.39 29.68
N GLN D 309 16.30 51.55 29.10
CA GLN D 309 14.98 52.14 29.31
C GLN D 309 13.84 51.17 28.95
N LEU D 310 14.06 50.34 27.92
CA LEU D 310 13.00 49.55 27.27
C LEU D 310 12.91 48.17 27.90
N VAL D 311 11.72 47.77 28.24
CA VAL D 311 11.44 46.37 28.53
C VAL D 311 11.06 45.71 27.22
N PHE D 312 11.60 44.53 26.98
CA PHE D 312 11.30 43.75 25.78
C PHE D 312 10.55 42.50 26.20
N ARG D 313 9.30 42.41 25.77
CA ARG D 313 8.46 41.24 26.04
C ARG D 313 8.43 40.36 24.80
N ILE D 314 9.01 39.16 24.90
CA ILE D 314 9.07 38.21 23.80
C ILE D 314 8.18 37.03 24.18
N ALA D 315 7.17 36.76 23.35
CA ALA D 315 6.26 35.66 23.62
C ALA D 315 6.13 34.77 22.39
N ALA D 316 6.07 33.47 22.64
CA ALA D 316 5.90 32.45 21.62
C ALA D 316 4.87 31.45 22.10
N LEU D 317 4.07 30.93 21.18
CA LEU D 317 3.05 29.97 21.57
C LEU D 317 3.63 28.59 21.80
N THR D 318 4.73 28.25 21.14
CA THR D 318 5.49 27.04 21.43
C THR D 318 6.60 27.39 22.42
N GLU D 319 7.53 26.45 22.62
CA GLU D 319 8.76 26.70 23.35
C GLU D 319 9.78 27.38 22.46
N MSE D 320 10.75 28.06 23.09
CA MSE D 320 11.87 28.60 22.32
C MSE D 320 13.21 27.95 22.69
O MSE D 320 13.33 27.31 23.74
CB MSE D 320 11.98 30.15 22.42
CG MSE D 320 11.74 30.97 23.73
SE MSE D 320 11.39 32.83 23.12
CE MSE D 320 10.75 33.79 24.69
N SER D 321 14.18 28.06 21.79
CA SER D 321 15.56 27.64 21.87
C SER D 321 16.31 28.42 22.96
N PRO D 322 17.21 27.75 23.70
CA PRO D 322 18.09 28.50 24.61
C PRO D 322 18.88 29.58 23.90
N LYS D 323 18.97 29.46 22.58
CA LYS D 323 19.47 30.53 21.73
C LYS D 323 18.84 31.88 22.12
N LEU D 324 17.51 31.94 22.22
CA LEU D 324 16.88 33.14 22.76
C LEU D 324 16.89 33.13 24.29
N LEU D 325 16.49 32.03 24.93
CA LEU D 325 16.32 32.08 26.38
C LEU D 325 17.62 32.49 27.08
N SER D 326 18.75 32.43 26.35
CA SER D 326 19.98 33.06 26.81
C SER D 326 19.79 34.55 27.10
N MSE D 327 18.87 35.22 26.39
CA MSE D 327 18.72 36.67 26.55
C MSE D 327 17.99 37.06 27.82
O MSE D 327 18.04 38.22 28.21
CB MSE D 327 18.00 37.30 25.35
CG MSE D 327 18.29 36.69 23.99
SE MSE D 327 20.00 37.16 23.21
CE MSE D 327 19.66 39.00 22.75
N LEU D 328 17.31 36.11 28.48
CA LEU D 328 16.54 36.45 29.68
C LEU D 328 17.40 37.15 30.71
N SER D 329 18.64 36.70 30.88
CA SER D 329 19.50 37.31 31.88
C SER D 329 19.87 38.75 31.55
N TYR D 330 19.59 39.23 30.33
CA TYR D 330 19.45 40.66 30.17
C TYR D 330 18.24 41.09 30.98
N LYS D 331 18.44 41.97 31.95
CA LYS D 331 17.44 42.11 33.00
C LYS D 331 16.23 42.93 32.58
N ASN D 332 16.30 43.62 31.45
CA ASN D 332 15.15 44.34 30.92
C ASN D 332 14.31 43.52 29.96
N VAL D 333 14.56 42.20 29.87
CA VAL D 333 13.81 41.30 29.00
C VAL D 333 12.99 40.34 29.87
N VAL D 334 11.72 40.13 29.49
CA VAL D 334 10.84 39.13 30.09
C VAL D 334 10.35 38.21 28.98
N LEU D 335 10.18 36.93 29.33
CA LEU D 335 9.90 35.87 28.36
C LEU D 335 8.60 35.16 28.71
N TYR D 336 7.78 34.91 27.70
CA TYR D 336 6.53 34.16 27.86
C TYR D 336 6.44 33.09 26.77
N GLN D 337 6.48 31.81 27.16
CA GLN D 337 6.26 30.74 26.20
C GLN D 337 5.23 29.76 26.70
N ASN D 338 4.87 28.86 25.80
CA ASN D 338 3.60 28.17 25.89
C ASN D 338 2.52 29.21 26.15
N ALA D 339 2.64 30.34 25.43
CA ALA D 339 1.84 31.51 25.70
C ALA D 339 0.36 31.17 25.61
N SER D 340 -0.37 31.42 26.69
CA SER D 340 -1.81 31.27 26.66
C SER D 340 -2.43 32.35 25.77
N LEU D 341 -3.59 32.02 25.19
CA LEU D 341 -4.33 33.01 24.42
C LEU D 341 -4.72 34.20 25.28
N LYS D 342 -5.08 33.95 26.53
CA LYS D 342 -5.42 35.04 27.42
C LYS D 342 -4.18 35.83 27.83
N GLN D 343 -3.13 35.11 28.22
CA GLN D 343 -1.88 35.76 28.62
C GLN D 343 -1.41 36.74 27.56
N ILE D 344 -1.49 36.35 26.30
CA ILE D 344 -1.00 37.17 25.20
C ILE D 344 -1.92 38.35 24.91
N GLU D 345 -3.20 38.27 25.30
CA GLU D 345 -4.03 39.47 25.29
C GLU D 345 -3.55 40.48 26.31
N GLN D 346 -3.15 40.01 27.49
CA GLN D 346 -2.63 40.90 28.52
C GLN D 346 -1.41 41.66 28.01
N LEU D 347 -0.47 40.96 27.37
CA LEU D 347 0.74 41.62 26.86
C LEU D 347 0.39 42.69 25.84
N TYR D 348 -0.61 42.45 25.00
CA TYR D 348 -1.03 43.47 24.05
C TYR D 348 -1.58 44.70 24.77
N LEU D 349 -2.12 44.50 25.96
CA LEU D 349 -2.65 45.60 26.76
C LEU D 349 -1.58 46.25 27.63
N GLU D 350 -0.45 45.60 27.88
CA GLU D 350 0.60 46.15 28.72
C GLU D 350 1.77 46.78 27.98
N SER D 351 1.92 46.58 26.68
CA SER D 351 3.02 47.16 25.92
C SER D 351 2.46 48.20 24.95
N ASP D 352 3.23 49.25 24.68
CA ASP D 352 2.80 50.26 23.73
C ASP D 352 3.56 50.38 22.41
N ILE D 353 4.64 49.61 22.19
CA ILE D 353 5.31 49.63 20.90
C ILE D 353 5.53 48.18 20.46
N TYR D 354 5.03 47.84 19.28
CA TYR D 354 5.19 46.49 18.74
C TYR D 354 6.38 46.51 17.79
N LEU D 355 7.45 45.85 18.18
CA LEU D 355 8.55 45.61 17.28
C LEU D 355 8.15 44.46 16.38
N ASP D 356 8.24 44.62 15.06
CA ASP D 356 8.08 43.47 14.18
C ASP D 356 9.49 43.12 13.71
N ILE D 357 10.18 42.39 14.57
CA ILE D 357 11.60 42.08 14.36
C ILE D 357 11.86 40.59 14.18
N ASN D 358 10.87 39.73 14.45
CA ASN D 358 11.10 38.29 14.41
C ASN D 358 11.19 37.81 12.97
N HIS D 359 11.76 36.62 12.79
CA HIS D 359 11.97 36.02 11.49
C HIS D 359 10.97 34.91 11.24
N GLY D 360 10.53 34.79 9.99
CA GLY D 360 9.67 33.69 9.59
C GLY D 360 8.19 33.91 9.86
N GLY D 361 7.46 32.86 10.23
CA GLY D 361 6.01 32.95 10.32
C GLY D 361 5.50 33.94 11.34
N GLN D 362 4.52 34.76 10.96
CA GLN D 362 3.92 35.59 12.00
C GLN D 362 2.77 34.88 12.69
N VAL D 363 2.30 35.54 13.74
CA VAL D 363 1.55 34.91 14.80
C VAL D 363 0.18 35.55 14.83
N LEU D 364 -0.84 34.80 14.45
CA LEU D 364 -2.23 35.15 14.74
C LEU D 364 -2.55 36.59 14.34
N GLN D 365 -2.09 37.02 13.18
CA GLN D 365 -2.31 38.39 12.70
C GLN D 365 -1.78 39.41 13.71
N ALA D 366 -0.52 39.22 14.13
CA ALA D 366 0.02 39.96 15.27
C ALA D 366 0.20 41.43 14.96
N VAL D 367 0.69 41.77 13.77
CA VAL D 367 0.87 43.17 13.41
C VAL D 367 -0.46 43.91 13.45
N ARG D 368 -1.48 43.34 12.79
CA ARG D 368 -2.82 43.93 12.82
C ARG D 368 -3.30 44.12 14.25
N LYS D 369 -3.14 43.09 15.09
CA LYS D 369 -3.59 43.20 16.47
C LYS D 369 -2.90 44.34 17.20
N ALA D 370 -1.61 44.56 16.91
CA ALA D 370 -0.92 45.72 17.46
C ALA D 370 -1.55 47.01 16.96
N PHE D 371 -1.76 47.09 15.65
CA PHE D 371 -2.36 48.29 15.07
C PHE D 371 -3.74 48.56 15.65
N GLU D 372 -4.50 47.51 15.97
CA GLU D 372 -5.85 47.69 16.48
C GLU D 372 -5.86 48.37 17.85
N ASN D 373 -4.83 48.15 18.65
CA ASN D 373 -4.74 48.71 20.00
C ASN D 373 -3.87 49.97 20.10
N ASN D 374 -3.49 50.56 18.97
CA ASN D 374 -2.65 51.76 18.92
C ASN D 374 -1.25 51.49 19.46
N LEU D 375 -0.81 50.24 19.39
CA LEU D 375 0.60 49.93 19.51
C LEU D 375 1.35 50.63 18.38
N LEU D 376 2.49 51.23 18.70
CA LEU D 376 3.34 51.78 17.66
C LEU D 376 4.19 50.65 17.06
N ILE D 377 4.15 50.50 15.75
CA ILE D 377 4.79 49.37 15.07
C ILE D 377 6.01 49.90 14.31
N LEU D 378 7.18 49.38 14.66
CA LEU D 378 8.38 49.53 13.85
C LEU D 378 9.01 48.16 13.65
N GLY D 379 9.46 47.91 12.43
CA GLY D 379 10.11 46.66 12.08
C GLY D 379 11.18 46.91 11.04
N PHE D 380 11.91 45.85 10.71
CA PHE D 380 13.00 45.99 9.77
C PHE D 380 12.50 45.70 8.36
N GLU D 381 13.44 45.69 7.38
CA GLU D 381 13.00 45.48 6.01
C GLU D 381 12.54 44.05 5.73
N GLN D 382 12.78 43.11 6.62
CA GLN D 382 11.77 42.06 6.60
C GLN D 382 10.72 42.72 7.45
N THR D 383 9.70 43.24 6.76
CA THR D 383 8.57 43.83 7.45
C THR D 383 7.54 42.75 7.29
N LEU D 384 7.31 42.03 8.37
CA LEU D 384 6.52 40.86 8.21
C LEU D 384 5.10 41.33 7.95
N HIS D 385 4.54 40.89 6.84
CA HIS D 385 3.20 41.22 6.42
C HIS D 385 2.22 40.94 7.55
N ASP D 386 1.42 41.94 7.92
CA ASP D 386 1.13 43.09 7.07
C ASP D 386 2.18 44.20 7.04
N ARG D 387 2.55 44.57 5.82
CA ARG D 387 3.04 45.89 5.53
C ARG D 387 1.89 46.88 5.36
N HIS D 388 0.66 46.39 5.35
CA HIS D 388 -0.53 47.24 5.28
C HIS D 388 -0.47 48.35 6.31
N TYR D 389 -0.11 48.00 7.55
CA TYR D 389 -0.29 48.85 8.71
C TYR D 389 0.98 49.60 9.11
N ILE D 390 2.03 49.54 8.31
CA ILE D 390 3.30 50.18 8.65
C ILE D 390 3.48 51.44 7.80
N ALA D 391 3.44 52.60 8.44
CA ALA D 391 3.96 53.80 7.82
C ALA D 391 5.45 53.63 7.55
N GLN D 392 5.94 54.20 6.46
CA GLN D 392 7.33 53.93 6.08
C GLN D 392 8.33 54.82 6.81
N GLN D 393 7.88 55.86 7.51
CA GLN D 393 8.77 56.62 8.39
C GLN D 393 9.22 55.72 9.52
N HIS D 394 8.68 54.51 9.51
CA HIS D 394 8.66 53.58 10.62
C HIS D 394 9.32 52.26 10.28
N ILE D 395 8.99 51.66 9.12
CA ILE D 395 9.81 50.56 8.63
C ILE D 395 11.23 51.04 8.73
N PHE D 396 12.10 50.13 9.04
CA PHE D 396 13.46 50.51 8.89
C PHE D 396 14.18 49.44 8.14
N ASP D 397 15.46 49.66 8.18
CA ASP D 397 16.47 49.00 7.43
C ASP D 397 16.53 47.54 7.87
N SER D 398 17.04 46.65 7.02
CA SER D 398 17.02 45.25 7.46
C SER D 398 18.33 44.99 8.21
N SER D 399 18.30 45.42 9.47
CA SER D 399 19.40 45.40 10.43
C SER D 399 20.79 45.81 9.90
N GLN D 400 20.93 46.69 8.88
CA GLN D 400 22.32 47.05 8.56
C GLN D 400 22.89 47.90 9.70
N PRO D 401 22.43 49.13 9.97
CA PRO D 401 22.37 49.56 11.37
C PRO D 401 20.98 49.47 11.98
N ALA D 402 20.92 49.02 13.24
CA ALA D 402 19.72 49.10 14.06
C ALA D 402 19.72 50.33 14.95
N GLN D 403 20.73 51.22 14.79
CA GLN D 403 20.88 52.35 15.69
C GLN D 403 19.77 53.36 15.48
N LEU D 404 19.45 53.67 14.23
CA LEU D 404 18.37 54.60 13.91
C LEU D 404 17.00 54.01 14.20
N ALA D 405 16.89 52.67 14.22
CA ALA D 405 15.61 52.02 14.47
C ALA D 405 15.00 52.52 15.77
N SER D 406 15.79 52.61 16.84
CA SER D 406 15.28 53.10 18.12
C SER D 406 15.30 54.62 18.28
N ILE D 407 16.37 55.31 17.87
CA ILE D 407 16.39 56.73 18.18
C ILE D 407 15.29 57.47 17.39
N LEU D 408 14.74 56.84 16.35
CA LEU D 408 13.43 57.24 15.84
C LEU D 408 12.43 57.38 16.98
N GLU D 409 12.09 56.24 17.61
CA GLU D 409 11.03 56.26 18.62
C GLU D 409 11.52 56.28 20.07
N GLU D 410 12.84 56.21 20.30
CA GLU D 410 13.36 56.80 21.53
C GLU D 410 13.03 58.28 21.56
N ALA D 411 12.93 58.90 20.38
CA ALA D 411 12.64 60.32 20.26
C ALA D 411 11.27 60.70 20.80
N LEU D 412 10.37 59.74 20.99
CA LEU D 412 9.06 60.05 21.55
C LEU D 412 9.10 59.86 23.07
N CYS D 413 9.07 60.97 23.81
CA CYS D 413 9.07 61.00 25.27
C CYS D 413 7.79 61.60 25.82
N GLY D 414 7.44 62.82 25.40
CA GLY D 414 6.16 63.43 25.75
C GLY D 414 5.01 63.00 24.88
N VAL D 415 3.97 63.85 24.80
CA VAL D 415 2.68 63.47 24.24
C VAL D 415 2.44 63.84 22.76
N GLU D 416 3.16 64.81 22.21
CA GLU D 416 2.86 65.30 20.86
C GLU D 416 3.46 64.43 19.78
N GLN D 417 4.70 64.04 20.04
CA GLN D 417 5.51 63.32 19.07
C GLN D 417 4.97 61.91 18.84
N MSE D 418 4.53 61.26 19.93
CA MSE D 418 3.89 59.96 19.88
C MSE D 418 2.71 60.03 18.98
O MSE D 418 2.61 59.26 18.03
CB MSE D 418 3.44 59.49 21.27
CG MSE D 418 2.91 58.05 21.29
SE MSE D 418 4.30 56.72 21.01
CE MSE D 418 4.24 56.53 19.10
N ARG D 419 1.82 60.98 19.28
CA ARG D 419 0.69 61.24 18.42
C ARG D 419 1.15 61.24 16.97
N SER D 420 2.02 62.18 16.60
CA SER D 420 2.44 62.33 15.20
C SER D 420 2.88 61.02 14.57
N ALA D 421 3.47 60.11 15.35
CA ALA D 421 3.88 58.83 14.77
C ALA D 421 2.68 57.94 14.51
N LEU D 422 1.67 57.98 15.39
CA LEU D 422 0.57 57.02 15.29
C LEU D 422 -0.45 57.38 14.21
N GLN D 423 -0.66 58.67 13.87
CA GLN D 423 -1.44 58.91 12.64
C GLN D 423 -0.63 58.54 11.42
N ALA D 424 0.67 58.84 11.42
CA ALA D 424 1.53 58.32 10.36
C ALA D 424 1.27 56.83 10.19
N GLN D 425 1.26 56.10 11.31
CA GLN D 425 0.79 54.73 11.32
C GLN D 425 -0.64 54.64 10.78
N GLY D 426 -1.54 55.43 11.35
CA GLY D 426 -2.94 55.38 10.94
C GLY D 426 -3.20 55.88 9.53
N ARG D 427 -2.39 56.81 9.04
CA ARG D 427 -2.63 57.35 7.71
C ARG D 427 -2.26 56.35 6.63
N HIS D 428 -1.09 55.70 6.77
CA HIS D 428 -0.72 54.69 5.79
C HIS D 428 -1.75 53.57 5.74
N ALA D 429 -2.34 53.22 6.89
CA ALA D 429 -3.44 52.28 6.94
C ALA D 429 -4.73 52.83 6.35
N ASN D 430 -4.72 54.09 5.91
CA ASN D 430 -5.87 54.73 5.28
C ASN D 430 -7.04 54.90 6.26
N ASP D 431 -6.73 55.36 7.46
CA ASP D 431 -7.77 55.63 8.44
C ASP D 431 -8.52 56.90 8.04
N VAL D 432 -9.84 56.79 7.90
CA VAL D 432 -10.69 57.95 7.67
C VAL D 432 -11.80 57.92 8.71
N PRO D 433 -12.34 59.06 9.12
CA PRO D 433 -13.49 59.03 10.02
C PRO D 433 -14.75 58.60 9.29
N VAL D 434 -15.70 58.05 10.06
CA VAL D 434 -16.97 57.59 9.50
C VAL D 434 -17.65 58.71 8.71
N SER D 435 -17.32 59.96 9.03
CA SER D 435 -17.91 61.10 8.33
C SER D 435 -17.65 61.05 6.83
N LEU D 436 -16.38 60.86 6.44
CA LEU D 436 -16.02 60.86 5.03
C LEU D 436 -16.79 59.79 4.25
N TYR D 437 -17.05 58.64 4.90
CA TYR D 437 -17.88 57.61 4.26
C TYR D 437 -19.23 58.18 3.84
N GLN D 438 -19.95 58.79 4.78
CA GLN D 438 -21.25 59.33 4.47
C GLN D 438 -21.17 60.48 3.46
N GLU D 439 -20.06 61.22 3.46
CA GLU D 439 -19.90 62.31 2.49
C GLU D 439 -19.75 61.75 1.07
N THR D 440 -18.80 60.83 0.88
CA THR D 440 -18.50 60.38 -0.47
C THR D 440 -19.61 59.50 -1.05
N LEU D 441 -20.41 58.88 -0.20
CA LEU D 441 -21.52 58.07 -0.66
C LEU D 441 -22.89 58.73 -0.59
N GLN D 442 -23.05 59.86 0.11
CA GLN D 442 -24.35 60.52 0.19
C GLN D 442 -24.84 60.88 -1.20
N SER D 443 -23.90 61.13 -2.11
CA SER D 443 -24.23 61.44 -3.49
C SER D 443 -25.05 60.32 -4.14
N LEU D 444 -24.79 59.07 -3.78
CA LEU D 444 -25.33 57.92 -4.49
C LEU D 444 -26.31 57.16 -3.61
N LEU D 445 -27.60 57.24 -3.96
CA LEU D 445 -28.65 56.35 -3.43
C LEU D 445 -29.87 56.39 -4.33
MG MG E . -6.63 -1.35 8.83
MG MG F . -3.36 -9.68 4.08
#